data_4ODF
# 
_entry.id   4ODF 
# 
_audit_conform.dict_name       mmcif_pdbx.dic 
_audit_conform.dict_version    5.379 
_audit_conform.dict_location   http://mmcif.pdb.org/dictionaries/ascii/mmcif_pdbx.dic 
# 
loop_
_database_2.database_id 
_database_2.database_code 
_database_2.pdbx_database_accession 
_database_2.pdbx_DOI 
PDB   4ODF         pdb_00004odf 10.2210/pdb4odf/pdb 
RCSB  RCSB084352   ?            ?                   
WWPDB D_1000084352 ?            ?                   
# 
_pdbx_database_status.entry_id                        4ODF 
_pdbx_database_status.status_code                     REL 
_pdbx_database_status.deposit_site                    RCSB 
_pdbx_database_status.process_site                    RCSB 
_pdbx_database_status.recvd_initial_deposition_date   2014-01-10 
_pdbx_database_status.status_code_sf                  REL 
_pdbx_database_status.status_code_mr                  ? 
_pdbx_database_status.SG_entry                        ? 
_pdbx_database_status.status_code_cs                  ? 
_pdbx_database_status.pdb_format_compatible           Y 
_pdbx_database_status.methods_development_category    ? 
_pdbx_database_status.status_code_nmr_data            ? 
# 
loop_
_audit_author.name 
_audit_author.pdbx_ordinal 
'Shaffer, P.L.' 1 
'Huang, X.'     2 
'Yakowec, P.'   3 
'Long, A.M.'    4 
# 
_citation.id                        primary 
_citation.title                     
'Novel Inhibitors of the MDM2-p53 Interaction Featuring Hydrogen Bond Acceptors as Carboxylic Acid Isosteres.' 
_citation.journal_abbrev            J.Med.Chem. 
_citation.journal_volume            57 
_citation.page_first                2963 
_citation.page_last                 2988 
_citation.year                      2014 
_citation.journal_id_ASTM           JMCMAR 
_citation.country                   US 
_citation.journal_id_ISSN           0022-2623 
_citation.journal_id_CSD            0151 
_citation.book_publisher            ? 
_citation.pdbx_database_id_PubMed   24601644 
_citation.pdbx_database_id_DOI      10.1021/jm401911v 
# 
loop_
_citation_author.citation_id 
_citation_author.name 
_citation_author.ordinal 
_citation_author.identifier_ORCID 
primary 'Gonzalez, A.Z.'  1  ? 
primary 'Li, Z.'          2  ? 
primary 'Beck, H.P.'      3  ? 
primary 'Canon, J.'       4  ? 
primary 'Chen, A.'        5  ? 
primary 'Chow, D.'        6  ? 
primary 'Duquette, J.'    7  ? 
primary 'Eksterowicz, J.' 8  ? 
primary 'Fox, B.M.'       9  ? 
primary 'Fu, J.'          10 ? 
primary 'Huang, X.'       11 ? 
primary 'Houze, J.'       12 ? 
primary 'Jin, L.'         13 ? 
primary 'Li, Y.'          14 ? 
primary 'Ling, Y.'        15 ? 
primary 'Lo, M.C.'        16 ? 
primary 'Long, A.M.'      17 ? 
primary 'McGee, L.R.'     18 ? 
primary 'McIntosh, J.'    19 ? 
primary 'Oliner, J.D.'    20 ? 
primary 'Osgood, T.'      21 ? 
primary 'Rew, Y.'         22 ? 
primary 'Saiki, A.Y.'     23 ? 
primary 'Shaffer, P.'     24 ? 
primary 'Wortman, S.'     25 ? 
primary 'Yakowec, P.'     26 ? 
primary 'Yan, X.'         27 ? 
primary 'Ye, Q.'          28 ? 
primary 'Yu, D.'          29 ? 
primary 'Zhao, X.'        30 ? 
primary 'Zhou, J.'        31 ? 
primary 'Olson, S.H.'     32 ? 
primary 'Sun, D.'         33 ? 
primary 'Medina, J.C.'    34 ? 
# 
_cell.entry_id           4ODF 
_cell.length_a           44.211 
_cell.length_b           44.211 
_cell.length_c           208.882 
_cell.angle_alpha        90.00 
_cell.angle_beta         90.00 
_cell.angle_gamma        120.00 
_cell.Z_PDB              12 
_cell.pdbx_unique_axis   ? 
# 
_symmetry.entry_id                         4ODF 
_symmetry.space_group_name_H-M             'P 61 2 2' 
_symmetry.pdbx_full_space_group_name_H-M   ? 
_symmetry.cell_setting                     ? 
_symmetry.Int_Tables_number                178 
# 
loop_
_entity.id 
_entity.type 
_entity.src_method 
_entity.pdbx_description 
_entity.formula_weight 
_entity.pdbx_number_of_molecules 
_entity.pdbx_ec 
_entity.pdbx_mutation 
_entity.pdbx_fragment 
_entity.details 
1 polymer     man 'E3 ubiquitin-protein ligase Mdm2' 12045.075 1 6.3.2.- ? 'UNP Residues 6-110' ? 
2 non-polymer syn 
;6-{[(2S,5R,6R)-4-[(1S)-2-(tert-butylsulfonyl)-1-cyclopropylethyl]-6-(3-chlorophenyl)-5-(4-chlorophenyl)-2-methyl-3-oxomorpholin-2-yl]methyl}pyridine-3-carboxylic acid
;
659.620   1 ?       ? ?                    ? 
3 water       nat water 18.015    4 ?       ? ?                    ? 
# 
_entity_name_com.entity_id   1 
_entity_name_com.name        'Double minute 2 protein, Hdm2, Oncoprotein Mdm2, p53-binding protein Mdm2' 
# 
_entity_poly.entity_id                      1 
_entity_poly.type                           'polypeptide(L)' 
_entity_poly.nstd_linkage                   no 
_entity_poly.nstd_monomer                   no 
_entity_poly.pdbx_seq_one_letter_code       
;MSVPTDGAVTTSQIPASEQETLVRPKPLLLKLLKSVGAQKDTYTMKEVLFYLGQYIMTKRLYDEKQQHIVYCSNDLLGDL
FGVPSFSVKEHRKIYTMIYRNLVVV
;
_entity_poly.pdbx_seq_one_letter_code_can   
;MSVPTDGAVTTSQIPASEQETLVRPKPLLLKLLKSVGAQKDTYTMKEVLFYLGQYIMTKRLYDEKQQHIVYCSNDLLGDL
FGVPSFSVKEHRKIYTMIYRNLVVV
;
_entity_poly.pdbx_strand_id                 A 
_entity_poly.pdbx_target_identifier         ? 
# 
loop_
_entity_poly_seq.entity_id 
_entity_poly_seq.num 
_entity_poly_seq.mon_id 
_entity_poly_seq.hetero 
1 1   MET n 
1 2   SER n 
1 3   VAL n 
1 4   PRO n 
1 5   THR n 
1 6   ASP n 
1 7   GLY n 
1 8   ALA n 
1 9   VAL n 
1 10  THR n 
1 11  THR n 
1 12  SER n 
1 13  GLN n 
1 14  ILE n 
1 15  PRO n 
1 16  ALA n 
1 17  SER n 
1 18  GLU n 
1 19  GLN n 
1 20  GLU n 
1 21  THR n 
1 22  LEU n 
1 23  VAL n 
1 24  ARG n 
1 25  PRO n 
1 26  LYS n 
1 27  PRO n 
1 28  LEU n 
1 29  LEU n 
1 30  LEU n 
1 31  LYS n 
1 32  LEU n 
1 33  LEU n 
1 34  LYS n 
1 35  SER n 
1 36  VAL n 
1 37  GLY n 
1 38  ALA n 
1 39  GLN n 
1 40  LYS n 
1 41  ASP n 
1 42  THR n 
1 43  TYR n 
1 44  THR n 
1 45  MET n 
1 46  LYS n 
1 47  GLU n 
1 48  VAL n 
1 49  LEU n 
1 50  PHE n 
1 51  TYR n 
1 52  LEU n 
1 53  GLY n 
1 54  GLN n 
1 55  TYR n 
1 56  ILE n 
1 57  MET n 
1 58  THR n 
1 59  LYS n 
1 60  ARG n 
1 61  LEU n 
1 62  TYR n 
1 63  ASP n 
1 64  GLU n 
1 65  LYS n 
1 66  GLN n 
1 67  GLN n 
1 68  HIS n 
1 69  ILE n 
1 70  VAL n 
1 71  TYR n 
1 72  CYS n 
1 73  SER n 
1 74  ASN n 
1 75  ASP n 
1 76  LEU n 
1 77  LEU n 
1 78  GLY n 
1 79  ASP n 
1 80  LEU n 
1 81  PHE n 
1 82  GLY n 
1 83  VAL n 
1 84  PRO n 
1 85  SER n 
1 86  PHE n 
1 87  SER n 
1 88  VAL n 
1 89  LYS n 
1 90  GLU n 
1 91  HIS n 
1 92  ARG n 
1 93  LYS n 
1 94  ILE n 
1 95  TYR n 
1 96  THR n 
1 97  MET n 
1 98  ILE n 
1 99  TYR n 
1 100 ARG n 
1 101 ASN n 
1 102 LEU n 
1 103 VAL n 
1 104 VAL n 
1 105 VAL n 
# 
_entity_src_gen.entity_id                          1 
_entity_src_gen.pdbx_src_id                        1 
_entity_src_gen.pdbx_alt_source_flag               sample 
_entity_src_gen.pdbx_seq_type                      ? 
_entity_src_gen.pdbx_beg_seq_num                   ? 
_entity_src_gen.pdbx_end_seq_num                   ? 
_entity_src_gen.gene_src_common_name               human 
_entity_src_gen.gene_src_genus                     ? 
_entity_src_gen.pdbx_gene_src_gene                 MDM2 
_entity_src_gen.gene_src_species                   ? 
_entity_src_gen.gene_src_strain                    ? 
_entity_src_gen.gene_src_tissue                    ? 
_entity_src_gen.gene_src_tissue_fraction           ? 
_entity_src_gen.gene_src_details                   ? 
_entity_src_gen.pdbx_gene_src_fragment             ? 
_entity_src_gen.pdbx_gene_src_scientific_name      'Homo sapiens' 
_entity_src_gen.pdbx_gene_src_ncbi_taxonomy_id     9606 
_entity_src_gen.pdbx_gene_src_variant              ? 
_entity_src_gen.pdbx_gene_src_cell_line            ? 
_entity_src_gen.pdbx_gene_src_atcc                 ? 
_entity_src_gen.pdbx_gene_src_organ                ? 
_entity_src_gen.pdbx_gene_src_organelle            ? 
_entity_src_gen.pdbx_gene_src_cell                 ? 
_entity_src_gen.pdbx_gene_src_cellular_location    ? 
_entity_src_gen.host_org_common_name               ? 
_entity_src_gen.pdbx_host_org_scientific_name      'Escherichia coli' 
_entity_src_gen.pdbx_host_org_ncbi_taxonomy_id     562 
_entity_src_gen.host_org_genus                     ? 
_entity_src_gen.pdbx_host_org_gene                 ? 
_entity_src_gen.pdbx_host_org_organ                ? 
_entity_src_gen.host_org_species                   ? 
_entity_src_gen.pdbx_host_org_tissue               ? 
_entity_src_gen.pdbx_host_org_tissue_fraction      ? 
_entity_src_gen.pdbx_host_org_strain               ? 
_entity_src_gen.pdbx_host_org_variant              ? 
_entity_src_gen.pdbx_host_org_cell_line            ? 
_entity_src_gen.pdbx_host_org_atcc                 ? 
_entity_src_gen.pdbx_host_org_culture_collection   ? 
_entity_src_gen.pdbx_host_org_cell                 ? 
_entity_src_gen.pdbx_host_org_organelle            ? 
_entity_src_gen.pdbx_host_org_cellular_location    ? 
_entity_src_gen.pdbx_host_org_vector_type          ? 
_entity_src_gen.pdbx_host_org_vector               ? 
_entity_src_gen.host_org_details                   ? 
_entity_src_gen.expression_system_id               ? 
_entity_src_gen.plasmid_name                       ? 
_entity_src_gen.plasmid_details                    ? 
_entity_src_gen.pdbx_description                   ? 
# 
_struct_ref.id                         1 
_struct_ref.db_name                    UNP 
_struct_ref.db_code                    MDM2_HUMAN 
_struct_ref.pdbx_db_accession          Q00987 
_struct_ref.entity_id                  1 
_struct_ref.pdbx_seq_one_letter_code   
;MSVPTDGAVTTSQIPASEQETLVRPKPLLLKLLKSVGAQKDTYTMKEVLFYLGQYIMTKRLYDEKQQHIVYCSNDLLGDL
FGVPSFSVKEHRKIYTMIYRNLVVV
;
_struct_ref.pdbx_align_begin           6 
_struct_ref.pdbx_db_isoform            ? 
# 
_struct_ref_seq.align_id                      1 
_struct_ref_seq.ref_id                        1 
_struct_ref_seq.pdbx_PDB_id_code              4ODF 
_struct_ref_seq.pdbx_strand_id                A 
_struct_ref_seq.seq_align_beg                 1 
_struct_ref_seq.pdbx_seq_align_beg_ins_code   ? 
_struct_ref_seq.seq_align_end                 105 
_struct_ref_seq.pdbx_seq_align_end_ins_code   ? 
_struct_ref_seq.pdbx_db_accession             Q00987 
_struct_ref_seq.db_align_beg                  6 
_struct_ref_seq.pdbx_db_align_beg_ins_code    ? 
_struct_ref_seq.db_align_end                  110 
_struct_ref_seq.pdbx_db_align_end_ins_code    ? 
_struct_ref_seq.pdbx_auth_seq_align_beg       6 
_struct_ref_seq.pdbx_auth_seq_align_end       110 
# 
loop_
_chem_comp.id 
_chem_comp.type 
_chem_comp.mon_nstd_flag 
_chem_comp.name 
_chem_comp.pdbx_synonyms 
_chem_comp.formula 
_chem_comp.formula_weight 
2U1 non-polymer         . 
;6-{[(2S,5R,6R)-4-[(1S)-2-(tert-butylsulfonyl)-1-cyclopropylethyl]-6-(3-chlorophenyl)-5-(4-chlorophenyl)-2-methyl-3-oxomorpholin-2-yl]methyl}pyridine-3-carboxylic acid
;
? 'C33 H36 Cl2 N2 O6 S' 659.620 
ALA 'L-peptide linking' y ALANINE ? 'C3 H7 N O2'          89.093  
ARG 'L-peptide linking' y ARGININE ? 'C6 H15 N4 O2 1'      175.209 
ASN 'L-peptide linking' y ASPARAGINE ? 'C4 H8 N2 O3'         132.118 
ASP 'L-peptide linking' y 'ASPARTIC ACID' ? 'C4 H7 N O4'          133.103 
CYS 'L-peptide linking' y CYSTEINE ? 'C3 H7 N O2 S'        121.158 
GLN 'L-peptide linking' y GLUTAMINE ? 'C5 H10 N2 O3'        146.144 
GLU 'L-peptide linking' y 'GLUTAMIC ACID' ? 'C5 H9 N O4'          147.129 
GLY 'peptide linking'   y GLYCINE ? 'C2 H5 N O2'          75.067  
HIS 'L-peptide linking' y HISTIDINE ? 'C6 H10 N3 O2 1'      156.162 
HOH non-polymer         . WATER ? 'H2 O'                18.015  
ILE 'L-peptide linking' y ISOLEUCINE ? 'C6 H13 N O2'         131.173 
LEU 'L-peptide linking' y LEUCINE ? 'C6 H13 N O2'         131.173 
LYS 'L-peptide linking' y LYSINE ? 'C6 H15 N2 O2 1'      147.195 
MET 'L-peptide linking' y METHIONINE ? 'C5 H11 N O2 S'       149.211 
PHE 'L-peptide linking' y PHENYLALANINE ? 'C9 H11 N O2'         165.189 
PRO 'L-peptide linking' y PROLINE ? 'C5 H9 N O2'          115.130 
SER 'L-peptide linking' y SERINE ? 'C3 H7 N O3'          105.093 
THR 'L-peptide linking' y THREONINE ? 'C4 H9 N O3'          119.119 
TYR 'L-peptide linking' y TYROSINE ? 'C9 H11 N O3'         181.189 
VAL 'L-peptide linking' y VALINE ? 'C5 H11 N O2'         117.146 
# 
_exptl.crystals_number   1 
_exptl.entry_id          4ODF 
_exptl.method            'X-RAY DIFFRACTION' 
# 
_exptl_crystal.id                    1 
_exptl_crystal.density_Matthews      2.45 
_exptl_crystal.density_meas          ? 
_exptl_crystal.density_percent_sol   49.72 
_exptl_crystal.description           ? 
_exptl_crystal.F_000                 ? 
_exptl_crystal.preparation           ? 
# 
_exptl_crystal_grow.crystal_id      1 
_exptl_crystal_grow.method          'VAPOR DIFFUSION, HANGING DROP' 
_exptl_crystal_grow.pH              5.0 
_exptl_crystal_grow.temp            277 
_exptl_crystal_grow.pdbx_details    
'0.8-1.8M Ammonium Sulfate, 0.1M sodium Citrate, pH 5.0, VAPOR DIFFUSION, HANGING DROP, temperature 277K' 
_exptl_crystal_grow.temp_details    ? 
_exptl_crystal_grow.pdbx_pH_range   ? 
# 
_diffrn.id                     1 
_diffrn.ambient_temp           100 
_diffrn.ambient_temp_details   ? 
_diffrn.crystal_id             1 
# 
_diffrn_detector.diffrn_id              1 
_diffrn_detector.detector               CCD 
_diffrn_detector.type                   'MARMOSAIC 300 mm CCD' 
_diffrn_detector.pdbx_collection_date   2012-10-20 
_diffrn_detector.details                ? 
# 
_diffrn_radiation.diffrn_id                        1 
_diffrn_radiation.pdbx_diffrn_protocol             'SINGLE WAVELENGTH' 
_diffrn_radiation.monochromator                    ? 
_diffrn_radiation.wavelength_id                    1 
_diffrn_radiation.pdbx_monochromatic_or_laue_m_l   M 
_diffrn_radiation.pdbx_scattering_type             x-ray 
# 
_diffrn_radiation_wavelength.id           1 
_diffrn_radiation_wavelength.wavelength   1 
_diffrn_radiation_wavelength.wt           1.0 
# 
_diffrn_source.diffrn_id                   1 
_diffrn_source.source                      SYNCHROTRON 
_diffrn_source.type                        'APS BEAMLINE 22-ID' 
_diffrn_source.pdbx_wavelength_list        1 
_diffrn_source.pdbx_wavelength             ? 
_diffrn_source.pdbx_synchrotron_site       APS 
_diffrn_source.pdbx_synchrotron_beamline   22-ID 
# 
_reflns.entry_id                     4ODF 
_reflns.d_resolution_high            2.200 
_reflns.d_resolution_low             50.000 
_reflns.number_obs                   6540 
_reflns.pdbx_Rmerge_I_obs            0.180 
_reflns.pdbx_netI_over_sigmaI        4.800 
_reflns.pdbx_chi_squared             1.852 
_reflns.pdbx_redundancy              7.000 
_reflns.percent_possible_obs         93.200 
_reflns.observed_criterion_sigma_F   ? 
_reflns.observed_criterion_sigma_I   ? 
_reflns.number_all                   ? 
_reflns.pdbx_Rsym_value              ? 
_reflns.B_iso_Wilson_estimate        ? 
_reflns.R_free_details               ? 
_reflns.limit_h_max                  ? 
_reflns.limit_h_min                  ? 
_reflns.limit_k_max                  ? 
_reflns.limit_k_min                  ? 
_reflns.limit_l_max                  ? 
_reflns.limit_l_min                  ? 
_reflns.observed_criterion_F_max     ? 
_reflns.observed_criterion_F_min     ? 
_reflns.pdbx_scaling_rejects         ? 
_reflns.pdbx_ordinal                 1 
_reflns.pdbx_diffrn_id               1 
# 
loop_
_reflns_shell.d_res_high 
_reflns_shell.d_res_low 
_reflns_shell.number_measured_obs 
_reflns_shell.number_measured_all 
_reflns_shell.number_unique_obs 
_reflns_shell.Rmerge_I_obs 
_reflns_shell.meanI_over_sigI_obs 
_reflns_shell.pdbx_Rsym_value 
_reflns_shell.pdbx_chi_squared 
_reflns_shell.pdbx_redundancy 
_reflns_shell.percent_possible_obs 
_reflns_shell.number_unique_all 
_reflns_shell.percent_possible_all 
_reflns_shell.pdbx_ordinal 
_reflns_shell.pdbx_diffrn_id 
2.200 2.280  ? ? ? 0.879 ? ? 0.942 6.100 ? 559 84.800 1  1 
2.280 2.370  ? ? ? 0.815 ? ? 0.954 6.700 ? 606 91.000 2  1 
2.370 2.480  ? ? ? 0.789 ? ? 1.010 7.100 ? 636 92.200 3  1 
2.480 2.610  ? ? ? 0.705 ? ? 1.096 7.800 ? 619 92.400 4  1 
2.610 2.770  ? ? ? 0.553 ? ? 1.204 7.500 ? 647 94.900 5  1 
2.770 2.990  ? ? ? 0.375 ? ? 1.492 7.600 ? 646 95.100 6  1 
2.990 3.290  ? ? ? 0.276 ? ? 1.982 7.400 ? 668 96.500 7  1 
3.290 3.760  ? ? ? 0.164 ? ? 2.818 7.200 ? 680 95.600 8  1 
3.760 4.740  ? ? ? 0.115 ? ? 3.475 6.700 ? 695 95.700 9  1 
4.740 50.000 ? ? ? 0.082 ? ? 3.194 6.100 ? 784 93.000 10 1 
# 
_refine.entry_id                                 4ODF 
_refine.ls_d_res_high                            2.2006 
_refine.ls_d_res_low                             34.8140 
_refine.pdbx_ls_sigma_F                          1.350 
_refine.pdbx_data_cutoff_high_absF               ? 
_refine.pdbx_data_cutoff_low_absF                ? 
_refine.ls_percent_reflns_obs                    93.0100 
_refine.ls_number_reflns_obs                     6345 
_refine.ls_number_reflns_all                     ? 
_refine.pdbx_ls_cross_valid_method               THROUGHOUT 
_refine.pdbx_R_Free_selection_details            Random 
_refine.details                                  ? 
_refine.ls_R_factor_all                          ? 
_refine.ls_R_factor_obs                          0.2635 
_refine.ls_R_factor_R_work                       0.2616 
_refine.ls_wR_factor_R_work                      ? 
_refine.ls_R_factor_R_free                       0.3048 
_refine.ls_wR_factor_R_free                      ? 
_refine.ls_percent_reflns_R_free                 4.4000 
_refine.ls_number_reflns_R_free                  279 
_refine.ls_R_factor_R_free_error                 ? 
_refine.B_iso_mean                               36.9346 
_refine.solvent_model_param_bsol                 ? 
_refine.solvent_model_param_ksol                 ? 
_refine.pdbx_isotropic_thermal_model             ? 
_refine.aniso_B[1][1]                            ? 
_refine.aniso_B[2][2]                            ? 
_refine.aniso_B[3][3]                            ? 
_refine.aniso_B[1][2]                            ? 
_refine.aniso_B[1][3]                            ? 
_refine.aniso_B[2][3]                            ? 
_refine.correlation_coeff_Fo_to_Fc               ? 
_refine.correlation_coeff_Fo_to_Fc_free          ? 
_refine.overall_SU_R_Cruickshank_DPI             ? 
_refine.overall_SU_R_free                        ? 
_refine.pdbx_overall_ESU_R                       ? 
_refine.pdbx_overall_ESU_R_Free                  ? 
_refine.overall_SU_ML                            0.2800 
_refine.overall_SU_B                             ? 
_refine.solvent_model_details                    'FLAT BULK SOLVENT MODEL' 
_refine.pdbx_solvent_vdw_probe_radii             1.1100 
_refine.pdbx_solvent_ion_probe_radii             ? 
_refine.pdbx_solvent_shrinkage_radii             0.9000 
_refine.ls_number_parameters                     ? 
_refine.ls_number_restraints                     ? 
_refine.pdbx_starting_model                      'PDB Entry 4ERF' 
_refine.pdbx_method_to_determine_struct          'MOLECULAR REPLACEMENT' 
_refine.pdbx_stereochemistry_target_values       ML 
_refine.pdbx_stereochem_target_val_spec_case     ? 
_refine.overall_FOM_work_R_set                   0.6773 
_refine.B_iso_max                                89.460 
_refine.B_iso_min                                15.950 
_refine.pdbx_overall_phase_error                 34.9700 
_refine.occupancy_max                            1.000 
_refine.occupancy_min                            0.000 
_refine.pdbx_ls_sigma_I                          ? 
_refine.ls_redundancy_reflns_obs                 ? 
_refine.ls_R_factor_R_free_error_details         ? 
_refine.pdbx_data_cutoff_high_rms_absF           ? 
_refine.overall_FOM_free_R_set                   ? 
_refine.pdbx_diffrn_id                           1 
_refine.pdbx_refine_id                           'X-RAY DIFFRACTION' 
_refine.pdbx_TLS_residual_ADP_flag               ? 
_refine.pdbx_overall_SU_R_free_Cruickshank_DPI   ? 
_refine.pdbx_overall_SU_R_Blow_DPI               ? 
_refine.pdbx_overall_SU_R_free_Blow_DPI          ? 
# 
_refine_hist.pdbx_refine_id                   'X-RAY DIFFRACTION' 
_refine_hist.cycle_id                         LAST 
_refine_hist.pdbx_number_atoms_protein        789 
_refine_hist.pdbx_number_atoms_nucleic_acid   0 
_refine_hist.pdbx_number_atoms_ligand         44 
_refine_hist.number_atoms_solvent             4 
_refine_hist.number_atoms_total               837 
_refine_hist.d_res_high                       2.2006 
_refine_hist.d_res_low                        34.8140 
# 
loop_
_refine_ls_restr.type 
_refine_ls_restr.number 
_refine_ls_restr.dev_ideal 
_refine_ls_restr.dev_ideal_target 
_refine_ls_restr.weight 
_refine_ls_restr.pdbx_restraint_function 
_refine_ls_restr.pdbx_refine_id 
f_bond_d           876  0.006  ? ? ? 'X-RAY DIFFRACTION' 
f_angle_d          1200 1.193  ? ? ? 'X-RAY DIFFRACTION' 
f_chiral_restr     142  0.075  ? ? ? 'X-RAY DIFFRACTION' 
f_plane_restr      144  0.005  ? ? ? 'X-RAY DIFFRACTION' 
f_dihedral_angle_d 338  15.216 ? ? ? 'X-RAY DIFFRACTION' 
# 
loop_
_refine_ls_shell.d_res_high 
_refine_ls_shell.d_res_low 
_refine_ls_shell.pdbx_total_number_of_bins_used 
_refine_ls_shell.percent_reflns_obs 
_refine_ls_shell.number_reflns_R_work 
_refine_ls_shell.R_factor_all 
_refine_ls_shell.R_factor_R_work 
_refine_ls_shell.R_factor_R_free 
_refine_ls_shell.percent_reflns_R_free 
_refine_ls_shell.number_reflns_R_free 
_refine_ls_shell.R_factor_R_free_error 
_refine_ls_shell.number_reflns_all 
_refine_ls_shell.number_reflns_obs 
_refine_ls_shell.redundancy_reflns_obs 
_refine_ls_shell.pdbx_refine_id 
2.2006 2.7723  2 91.0000 2866 . 0.3312 0.3996 . 128 . 2994 . . 'X-RAY DIFFRACTION' 
2.7723 34.8180 2 95.0000 3200 . 0.2441 0.2816 . 151 . 3351 . . 'X-RAY DIFFRACTION' 
# 
_struct.entry_id                  4ODF 
_struct.title                     'Co-Crystal Structure of MDM2 with Inhibitor Compound 47' 
_struct.pdbx_model_details        ? 
_struct.pdbx_CASP_flag            ? 
_struct.pdbx_model_type_details   ? 
# 
_struct_keywords.entry_id        4ODF 
_struct_keywords.text            'P53, PROTEIN-PROTEIN INTERACTION, LIGASE-LIGASE INHIBITOR COMPLEX' 
_struct_keywords.pdbx_keywords   'LIGASE/LIGASE INHIBITOR' 
# 
loop_
_struct_asym.id 
_struct_asym.pdbx_blank_PDB_chainid_flag 
_struct_asym.pdbx_modified 
_struct_asym.entity_id 
_struct_asym.details 
A N N 1 ? 
B N N 2 ? 
C N N 3 ? 
# 
_struct_biol.id        1 
_struct_biol.details   ? 
# 
loop_
_struct_conf.conf_type_id 
_struct_conf.id 
_struct_conf.pdbx_PDB_helix_id 
_struct_conf.beg_label_comp_id 
_struct_conf.beg_label_asym_id 
_struct_conf.beg_label_seq_id 
_struct_conf.pdbx_beg_PDB_ins_code 
_struct_conf.end_label_comp_id 
_struct_conf.end_label_asym_id 
_struct_conf.end_label_seq_id 
_struct_conf.pdbx_end_PDB_ins_code 
_struct_conf.beg_auth_comp_id 
_struct_conf.beg_auth_asym_id 
_struct_conf.beg_auth_seq_id 
_struct_conf.end_auth_comp_id 
_struct_conf.end_auth_asym_id 
_struct_conf.end_auth_seq_id 
_struct_conf.pdbx_PDB_helix_class 
_struct_conf.details 
_struct_conf.pdbx_PDB_helix_length 
HELX_P HELX_P1 1 SER A 17 ? GLU A 20  ? SER A 22 GLU A 25  5 ? 4  
HELX_P HELX_P2 2 LYS A 26 ? VAL A 36  ? LYS A 31 VAL A 41  1 ? 11 
HELX_P HELX_P3 3 MET A 45 ? LYS A 59  ? MET A 50 LYS A 64  1 ? 15 
HELX_P HELX_P4 4 GLU A 64 ? GLN A 67  ? GLU A 69 GLN A 72  5 ? 4  
HELX_P HELX_P5 5 ASP A 75 ? GLY A 82  ? ASP A 80 GLY A 87  1 ? 8  
HELX_P HELX_P6 6 GLU A 90 ? ASN A 101 ? GLU A 95 ASN A 106 1 ? 12 
# 
_struct_conf_type.id          HELX_P 
_struct_conf_type.criteria    ? 
_struct_conf_type.reference   ? 
# 
loop_
_struct_sheet.id 
_struct_sheet.type 
_struct_sheet.number_strands 
_struct_sheet.details 
A ? 3 ? 
B ? 2 ? 
# 
loop_
_struct_sheet_order.sheet_id 
_struct_sheet_order.range_id_1 
_struct_sheet_order.range_id_2 
_struct_sheet_order.offset 
_struct_sheet_order.sense 
A 1 2 ? anti-parallel 
A 2 3 ? anti-parallel 
B 1 2 ? anti-parallel 
# 
loop_
_struct_sheet_range.sheet_id 
_struct_sheet_range.id 
_struct_sheet_range.beg_label_comp_id 
_struct_sheet_range.beg_label_asym_id 
_struct_sheet_range.beg_label_seq_id 
_struct_sheet_range.pdbx_beg_PDB_ins_code 
_struct_sheet_range.end_label_comp_id 
_struct_sheet_range.end_label_asym_id 
_struct_sheet_range.end_label_seq_id 
_struct_sheet_range.pdbx_end_PDB_ins_code 
_struct_sheet_range.beg_auth_comp_id 
_struct_sheet_range.beg_auth_asym_id 
_struct_sheet_range.beg_auth_seq_id 
_struct_sheet_range.end_auth_comp_id 
_struct_sheet_range.end_auth_asym_id 
_struct_sheet_range.end_auth_seq_id 
A 1 TYR A 43  ? THR A 44  ? TYR A 48  THR A 49  
A 2 LEU A 22  ? PRO A 25  ? LEU A 27  PRO A 30  
A 3 LEU A 102 ? VAL A 104 ? LEU A 107 VAL A 109 
B 1 ILE A 69  ? TYR A 71  ? ILE A 74  TYR A 76  
B 2 SER A 85  ? SER A 87  ? SER A 90  SER A 92  
# 
loop_
_pdbx_struct_sheet_hbond.sheet_id 
_pdbx_struct_sheet_hbond.range_id_1 
_pdbx_struct_sheet_hbond.range_id_2 
_pdbx_struct_sheet_hbond.range_1_label_atom_id 
_pdbx_struct_sheet_hbond.range_1_label_comp_id 
_pdbx_struct_sheet_hbond.range_1_label_asym_id 
_pdbx_struct_sheet_hbond.range_1_label_seq_id 
_pdbx_struct_sheet_hbond.range_1_PDB_ins_code 
_pdbx_struct_sheet_hbond.range_1_auth_atom_id 
_pdbx_struct_sheet_hbond.range_1_auth_comp_id 
_pdbx_struct_sheet_hbond.range_1_auth_asym_id 
_pdbx_struct_sheet_hbond.range_1_auth_seq_id 
_pdbx_struct_sheet_hbond.range_2_label_atom_id 
_pdbx_struct_sheet_hbond.range_2_label_comp_id 
_pdbx_struct_sheet_hbond.range_2_label_asym_id 
_pdbx_struct_sheet_hbond.range_2_label_seq_id 
_pdbx_struct_sheet_hbond.range_2_PDB_ins_code 
_pdbx_struct_sheet_hbond.range_2_auth_atom_id 
_pdbx_struct_sheet_hbond.range_2_auth_comp_id 
_pdbx_struct_sheet_hbond.range_2_auth_asym_id 
_pdbx_struct_sheet_hbond.range_2_auth_seq_id 
A 1 2 O TYR A 43 ? O TYR A 48 N VAL A 23  ? N VAL A 28  
A 2 3 N ARG A 24 ? N ARG A 29 O VAL A 103 ? O VAL A 108 
B 1 2 N VAL A 70 ? N VAL A 75 O PHE A 86  ? O PHE A 91  
# 
_struct_site.id                   AC1 
_struct_site.pdbx_evidence_code   Software 
_struct_site.pdbx_auth_asym_id    A 
_struct_site.pdbx_auth_comp_id    2U1 
_struct_site.pdbx_auth_seq_id     201 
_struct_site.pdbx_auth_ins_code   ? 
_struct_site.pdbx_num_residues    16 
_struct_site.details              'BINDING SITE FOR RESIDUE 2U1 A 201' 
# 
loop_
_struct_site_gen.id 
_struct_site_gen.site_id 
_struct_site_gen.pdbx_num_res 
_struct_site_gen.label_comp_id 
_struct_site_gen.label_asym_id 
_struct_site_gen.label_seq_id 
_struct_site_gen.pdbx_auth_ins_code 
_struct_site_gen.auth_comp_id 
_struct_site_gen.auth_asym_id 
_struct_site_gen.auth_seq_id 
_struct_site_gen.label_atom_id 
_struct_site_gen.label_alt_id 
_struct_site_gen.symmetry 
_struct_site_gen.details 
1  AC1 16 VAL A 9  ? VAL A 14  . ? 1_555 ? 
2  AC1 16 THR A 11 ? THR A 16  . ? 1_555 ? 
3  AC1 16 SER A 12 ? SER A 17  . ? 1_555 ? 
4  AC1 16 GLU A 18 ? GLU A 23  . ? 8_445 ? 
5  AC1 16 LEU A 49 ? LEU A 54  . ? 1_555 ? 
6  AC1 16 LEU A 52 ? LEU A 57  . ? 1_555 ? 
7  AC1 16 GLY A 53 ? GLY A 58  . ? 1_555 ? 
8  AC1 16 ILE A 56 ? ILE A 61  . ? 1_555 ? 
9  AC1 16 MET A 57 ? MET A 62  . ? 1_555 ? 
10 AC1 16 TYR A 62 ? TYR A 67  . ? 1_555 ? 
11 AC1 16 VAL A 88 ? VAL A 93  . ? 1_555 ? 
12 AC1 16 HIS A 91 ? HIS A 96  . ? 1_555 ? 
13 AC1 16 ILE A 94 ? ILE A 99  . ? 1_555 ? 
14 AC1 16 TYR A 95 ? TYR A 100 . ? 1_555 ? 
15 AC1 16 TYR A 99 ? TYR A 104 . ? 8_445 ? 
16 AC1 16 HOH C .  ? HOH A 304 . ? 1_555 ? 
# 
_atom_sites.entry_id                    4ODF 
_atom_sites.fract_transf_matrix[1][1]   -0.01795560 
_atom_sites.fract_transf_matrix[1][2]   0.00110387 
_atom_sites.fract_transf_matrix[1][3]   -0.01893501 
_atom_sites.fract_transf_matrix[2][1]   0.00477786 
_atom_sites.fract_transf_matrix[2][2]   0.01365116 
_atom_sites.fract_transf_matrix[2][3]   -0.02174782 
_atom_sites.fract_transf_matrix[3][1]   0.00189999 
_atom_sites.fract_transf_matrix[3][2]   -0.00389729 
_atom_sites.fract_transf_matrix[3][3]   -0.00202892 
_atom_sites.fract_transf_vector[1]      0.081721 
_atom_sites.fract_transf_vector[2]      -0.436192 
_atom_sites.fract_transf_vector[3]      -0.030364 
# 
loop_
_atom_type.symbol 
C  
CL 
N  
O  
S  
# 
loop_
_atom_site.group_PDB 
_atom_site.id 
_atom_site.type_symbol 
_atom_site.label_atom_id 
_atom_site.label_alt_id 
_atom_site.label_comp_id 
_atom_site.label_asym_id 
_atom_site.label_entity_id 
_atom_site.label_seq_id 
_atom_site.pdbx_PDB_ins_code 
_atom_site.Cartn_x 
_atom_site.Cartn_y 
_atom_site.Cartn_z 
_atom_site.occupancy 
_atom_site.B_iso_or_equiv 
_atom_site.pdbx_formal_charge 
_atom_site.auth_seq_id 
_atom_site.auth_comp_id 
_atom_site.auth_asym_id 
_atom_site.auth_atom_id 
_atom_site.pdbx_PDB_model_num 
ATOM   1   N  N   . GLY A 1 7   ? 12.051  -3.330  -5.030  1.00 39.62 ? 12  GLY A N   1 
ATOM   2   C  CA  . GLY A 1 7   ? 10.887  -2.724  -5.646  1.00 35.51 ? 12  GLY A CA  1 
ATOM   3   C  C   . GLY A 1 7   ? 9.633   -3.551  -5.395  1.00 33.00 ? 12  GLY A C   1 
ATOM   4   O  O   . GLY A 1 7   ? 8.611   -3.356  -6.041  1.00 32.66 ? 12  GLY A O   1 
ATOM   5   N  N   . ALA A 1 8   ? 9.695   -4.479  -4.448  1.00 31.48 ? 13  ALA A N   1 
ATOM   6   C  CA  . ALA A 1 8   ? 8.565   -5.374  -4.209  1.00 29.92 ? 13  ALA A CA  1 
ATOM   7   C  C   . ALA A 1 8   ? 8.617   -6.006  -2.827  1.00 28.76 ? 13  ALA A C   1 
ATOM   8   O  O   . ALA A 1 8   ? 9.693   -6.235  -2.287  1.00 30.71 ? 13  ALA A O   1 
ATOM   9   C  CB  . ALA A 1 8   ? 8.523   -6.455  -5.268  1.00 31.69 ? 13  ALA A CB  1 
ATOM   10  N  N   . VAL A 1 9   ? 7.450   -6.252  -2.243  1.00 26.24 ? 14  VAL A N   1 
ATOM   11  C  CA  . VAL A 1 9   ? 7.374   -7.048  -1.025  1.00 25.54 ? 14  VAL A CA  1 
ATOM   12  C  C   . VAL A 1 9   ? 6.190   -8.004  -1.096  1.00 26.05 ? 14  VAL A C   1 
ATOM   13  O  O   . VAL A 1 9   ? 5.083   -7.632  -1.500  1.00 27.18 ? 14  VAL A O   1 
ATOM   14  C  CB  . VAL A 1 9   ? 7.337   -6.188  0.268   1.00 24.97 ? 14  VAL A CB  1 
ATOM   15  C  CG1 . VAL A 1 9   ? 6.126   -5.282  0.294   1.00 21.86 ? 14  VAL A CG1 1 
ATOM   16  C  CG2 . VAL A 1 9   ? 7.366   -7.082  1.505   1.00 26.44 ? 14  VAL A CG2 1 
ATOM   17  N  N   . THR A 1 10  ? 6.450   -9.256  -0.741  1.00 27.88 ? 15  THR A N   1 
ATOM   18  C  CA  . THR A 1 10  ? 5.440   -10.298 -0.765  1.00 25.60 ? 15  THR A CA  1 
ATOM   19  C  C   . THR A 1 10  ? 5.090   -10.728 0.653   1.00 23.39 ? 15  THR A C   1 
ATOM   20  O  O   . THR A 1 10  ? 5.811   -10.428 1.604   1.00 23.38 ? 15  THR A O   1 
ATOM   21  C  CB  . THR A 1 10  ? 5.921   -11.540 -1.551  1.00 28.26 ? 15  THR A CB  1 
ATOM   22  O  OG1 . THR A 1 10  ? 7.184   -11.970 -1.030  1.00 30.91 ? 15  THR A OG1 1 
ATOM   23  C  CG2 . THR A 1 10  ? 6.073   -11.227 -3.042  1.00 27.72 ? 15  THR A CG2 1 
ATOM   24  N  N   . THR A 1 11  ? 3.985   -11.445 0.796   1.00 22.54 ? 16  THR A N   1 
ATOM   25  C  CA  . THR A 1 11  ? 3.580   -11.929 2.102   1.00 23.70 ? 16  THR A CA  1 
ATOM   26  C  C   . THR A 1 11  ? 3.005   -13.335 2.022   1.00 25.71 ? 16  THR A C   1 
ATOM   27  O  O   . THR A 1 11  ? 2.408   -13.715 1.016   1.00 26.41 ? 16  THR A O   1 
ATOM   28  C  CB  . THR A 1 11  ? 2.534   -11.004 2.732   1.00 24.86 ? 16  THR A CB  1 
ATOM   29  O  OG1 . THR A 1 11  ? 1.901   -11.676 3.828   1.00 27.95 ? 16  THR A OG1 1 
ATOM   30  C  CG2 . THR A 1 11  ? 1.474   -10.634 1.717   1.00 22.78 ? 16  THR A CG2 1 
ATOM   31  N  N   . SER A 1 12  ? 3.176   -14.090 3.099   1.00 27.29 ? 17  SER A N   1 
ATOM   32  C  CA  . SER A 1 12  ? 2.699   -15.463 3.182   1.00 30.73 ? 17  SER A CA  1 
ATOM   33  C  C   . SER A 1 12  ? 1.179   -15.571 3.298   1.00 31.11 ? 17  SER A C   1 
ATOM   34  O  O   . SER A 1 12  ? 0.620   -16.661 3.190   1.00 31.83 ? 17  SER A O   1 
ATOM   35  C  CB  . SER A 1 12  ? 3.345   -16.152 4.383   1.00 34.40 ? 17  SER A CB  1 
ATOM   36  O  OG  . SER A 1 12  ? 3.091   -15.412 5.568   1.00 36.75 ? 17  SER A OG  1 
ATOM   37  N  N   . GLN A 1 13  ? 0.510   -14.445 3.521   1.00 30.38 ? 18  GLN A N   1 
ATOM   38  C  CA  . GLN A 1 13  ? -0.927  -14.453 3.786   1.00 29.19 ? 18  GLN A CA  1 
ATOM   39  C  C   . GLN A 1 13  ? -1.772  -14.364 2.515   1.00 27.26 ? 18  GLN A C   1 
ATOM   40  O  O   . GLN A 1 13  ? -2.961  -14.674 2.527   1.00 27.29 ? 18  GLN A O   1 
ATOM   41  C  CB  . GLN A 1 13  ? -1.293  -13.306 4.723   1.00 31.10 ? 18  GLN A CB  1 
ATOM   42  C  CG  . GLN A 1 13  ? -0.527  -13.288 6.033   1.00 31.83 ? 18  GLN A CG  1 
ATOM   43  C  CD  . GLN A 1 13  ? -1.019  -12.186 6.947   1.00 32.93 ? 18  GLN A CD  1 
ATOM   44  O  OE1 . GLN A 1 13  ? -2.110  -11.654 6.754   1.00 30.51 ? 18  GLN A OE1 1 
ATOM   45  N  NE2 . GLN A 1 13  ? -0.216  -11.834 7.943   1.00 35.33 ? 18  GLN A NE2 1 
ATOM   46  N  N   . ILE A 1 14  ? -1.150  -13.928 1.428   1.00 27.28 ? 19  ILE A N   1 
ATOM   47  C  CA  . ILE A 1 14  ? -1.822  -13.802 0.143   1.00 26.84 ? 19  ILE A CA  1 
ATOM   48  C  C   . ILE A 1 14  ? -1.180  -14.801 -0.806  1.00 26.30 ? 19  ILE A C   1 
ATOM   49  O  O   . ILE A 1 14  ? 0.035   -14.978 -0.764  1.00 26.80 ? 19  ILE A O   1 
ATOM   50  C  CB  . ILE A 1 14  ? -1.604  -12.394 -0.442  1.00 25.30 ? 19  ILE A CB  1 
ATOM   51  C  CG1 . ILE A 1 14  ? -1.847  -11.321 0.618   1.00 25.73 ? 19  ILE A CG1 1 
ATOM   52  C  CG2 . ILE A 1 14  ? -2.487  -12.165 -1.660  1.00 25.43 ? 19  ILE A CG2 1 
ATOM   53  C  CD1 . ILE A 1 14  ? -3.300  -11.129 0.973   1.00 26.81 ? 19  ILE A CD1 1 
ATOM   54  N  N   . PRO A 1 15  ? -1.986  -15.464 -1.655  1.00 26.57 ? 20  PRO A N   1 
ATOM   55  C  CA  . PRO A 1 15  ? -1.435  -16.339 -2.695  1.00 28.25 ? 20  PRO A CA  1 
ATOM   56  C  C   . PRO A 1 15  ? -0.380  -15.608 -3.509  1.00 29.31 ? 20  PRO A C   1 
ATOM   57  O  O   . PRO A 1 15  ? -0.549  -14.421 -3.803  1.00 28.83 ? 20  PRO A O   1 
ATOM   58  C  CB  . PRO A 1 15  ? -2.647  -16.637 -3.568  1.00 28.43 ? 20  PRO A CB  1 
ATOM   59  C  CG  . PRO A 1 15  ? -3.774  -16.611 -2.619  1.00 28.55 ? 20  PRO A CG  1 
ATOM   60  C  CD  . PRO A 1 15  ? -3.453  -15.544 -1.604  1.00 26.63 ? 20  PRO A CD  1 
ATOM   61  N  N   . ALA A 1 16  ? 0.693   -16.312 -3.850  1.00 30.82 ? 21  ALA A N   1 
ATOM   62  C  CA  . ALA A 1 16  ? 1.841   -15.717 -4.519  1.00 32.27 ? 21  ALA A CA  1 
ATOM   63  C  C   . ALA A 1 16  ? 1.465   -15.100 -5.858  1.00 35.00 ? 21  ALA A C   1 
ATOM   64  O  O   . ALA A 1 16  ? 2.049   -14.099 -6.277  1.00 35.97 ? 21  ALA A O   1 
ATOM   65  C  CB  . ALA A 1 16  ? 2.938   -16.751 -4.703  1.00 33.89 ? 21  ALA A CB  1 
ATOM   66  N  N   . SER A 1 17  ? 0.485   -15.695 -6.528  1.00 35.57 ? 22  SER A N   1 
ATOM   67  C  CA  . SER A 1 17  ? 0.090   -15.206 -7.837  1.00 35.25 ? 22  SER A CA  1 
ATOM   68  C  C   . SER A 1 17  ? -0.680  -13.892 -7.744  1.00 33.12 ? 22  SER A C   1 
ATOM   69  O  O   . SER A 1 17  ? -0.577  -13.047 -8.633  1.00 33.86 ? 22  SER A O   1 
ATOM   70  C  CB  . SER A 1 17  ? -0.734  -16.252 -8.584  1.00 35.67 ? 22  SER A CB  1 
ATOM   71  O  OG  . SER A 1 17  ? -0.918  -15.861 -9.929  1.00 37.38 ? 22  SER A OG  1 
ATOM   72  N  N   . GLU A 1 18  ? -1.443  -13.716 -6.668  1.00 31.53 ? 23  GLU A N   1 
ATOM   73  C  CA  . GLU A 1 18  ? -2.233  -12.500 -6.504  1.00 30.38 ? 23  GLU A CA  1 
ATOM   74  C  C   . GLU A 1 18  ? -1.330  -11.286 -6.374  1.00 27.94 ? 23  GLU A C   1 
ATOM   75  O  O   . GLU A 1 18  ? -1.681  -10.182 -6.789  1.00 29.46 ? 23  GLU A O   1 
ATOM   76  C  CB  . GLU A 1 18  ? -3.163  -12.590 -5.291  1.00 31.65 ? 23  GLU A CB  1 
ATOM   77  C  CG  . GLU A 1 18  ? -4.040  -11.351 -5.132  1.00 33.78 ? 23  GLU A CG  1 
ATOM   78  C  CD  . GLU A 1 18  ? -5.152  -11.510 -4.113  1.00 35.99 ? 23  GLU A CD  1 
ATOM   79  O  OE1 . GLU A 1 18  ? -5.289  -12.609 -3.538  1.00 36.54 ? 23  GLU A OE1 1 
ATOM   80  O  OE2 . GLU A 1 18  ? -5.892  -10.525 -3.888  1.00 36.77 ? 23  GLU A OE2 1 
ATOM   81  N  N   . GLN A 1 19  ? -0.147  -11.500 -5.819  1.00 25.14 ? 24  GLN A N   1 
ATOM   82  C  CA  . GLN A 1 19  ? 0.770   -10.402 -5.576  1.00 23.68 ? 24  GLN A CA  1 
ATOM   83  C  C   . GLN A 1 19  ? 1.549   -10.048 -6.837  1.00 26.44 ? 24  GLN A C   1 
ATOM   84  O  O   . GLN A 1 19  ? 2.494   -9.265  -6.796  1.00 26.05 ? 24  GLN A O   1 
ATOM   85  C  CB  . GLN A 1 19  ? 1.695   -10.758 -4.419  1.00 21.07 ? 24  GLN A CB  1 
ATOM   86  C  CG  . GLN A 1 19  ? 0.935   -11.385 -3.258  1.00 20.04 ? 24  GLN A CG  1 
ATOM   87  C  CD  . GLN A 1 19  ? 1.834   -11.747 -2.113  1.00 21.32 ? 24  GLN A CD  1 
ATOM   88  O  OE1 . GLN A 1 19  ? 2.642   -10.937 -1.676  1.00 21.36 ? 24  GLN A OE1 1 
ATOM   89  N  NE2 . GLN A 1 19  ? 1.711   -12.975 -1.621  1.00 23.11 ? 24  GLN A NE2 1 
ATOM   90  N  N   . GLU A 1 20  ? 1.133   -10.620 -7.959  1.00 29.27 ? 25  GLU A N   1 
ATOM   91  C  CA  . GLU A 1 20  ? 1.740   -10.319 -9.244  1.00 34.70 ? 25  GLU A CA  1 
ATOM   92  C  C   . GLU A 1 20  ? 0.701   -9.664  -10.139 1.00 34.55 ? 25  GLU A C   1 
ATOM   93  O  O   . GLU A 1 20  ? 1.017   -9.228  -11.246 1.00 37.15 ? 25  GLU A O   1 
ATOM   94  C  CB  . GLU A 1 20  ? 2.257   -11.600 -9.901  1.00 44.59 ? 25  GLU A CB  1 
ATOM   95  C  CG  . GLU A 1 20  ? 3.103   -12.477 -8.993  1.00 49.38 ? 25  GLU A CG  1 
ATOM   96  C  CD  . GLU A 1 20  ? 4.509   -11.947 -8.815  1.00 55.43 ? 25  GLU A CD  1 
ATOM   97  O  OE1 . GLU A 1 20  ? 4.980   -11.207 -9.707  1.00 59.60 ? 25  GLU A OE1 1 
ATOM   98  O  OE2 . GLU A 1 20  ? 5.143   -12.269 -7.787  1.00 56.29 ? 25  GLU A OE2 1 
ATOM   99  N  N   . THR A 1 21  ? -0.540  -9.620  -9.656  1.00 33.57 ? 26  THR A N   1 
ATOM   100 C  CA  . THR A 1 21  ? -1.640  -8.979  -10.375 1.00 34.88 ? 26  THR A CA  1 
ATOM   101 C  C   . THR A 1 21  ? -1.208  -7.613  -10.873 1.00 33.21 ? 26  THR A C   1 
ATOM   102 O  O   . THR A 1 21  ? -0.622  -6.839  -10.116 1.00 25.99 ? 26  THR A O   1 
ATOM   103 C  CB  . THR A 1 21  ? -2.871  -8.758  -9.481  1.00 33.78 ? 26  THR A CB  1 
ATOM   104 O  OG1 . THR A 1 21  ? -3.254  -9.986  -8.855  1.00 34.92 ? 26  THR A OG1 1 
ATOM   105 C  CG2 . THR A 1 21  ? -4.031  -8.231  -10.307 1.00 35.61 ? 26  THR A CG2 1 
ATOM   106 N  N   . LEU A 1 22  ? -1.475  -7.337  -12.134 1.00 36.42 ? 27  LEU A N   1 
ATOM   107 C  CA  . LEU A 1 22  ? -1.096  -6.061  -12.714 1.00 37.72 ? 27  LEU A CA  1 
ATOM   108 C  C   . LEU A 1 22  ? -2.158  -5.008  -12.482 1.00 37.81 ? 27  LEU A C   1 
ATOM   109 O  O   . LEU A 1 22  ? -3.338  -5.227  -12.754 1.00 40.27 ? 27  LEU A O   1 
ATOM   110 C  CB  . LEU A 1 22  ? -0.805  -6.180  -14.200 1.00 41.99 ? 27  LEU A CB  1 
ATOM   111 C  CG  . LEU A 1 22  ? 0.570   -5.585  -14.456 1.00 43.73 ? 27  LEU A CG  1 
ATOM   112 C  CD1 . LEU A 1 22  ? 1.614   -6.500  -13.854 1.00 42.41 ? 27  LEU A CD1 1 
ATOM   113 C  CD2 . LEU A 1 22  ? 0.832   -5.317  -15.930 1.00 49.36 ? 27  LEU A CD2 1 
ATOM   114 N  N   . VAL A 1 23  ? -1.736  -3.863  -11.972 1.00 35.59 ? 28  VAL A N   1 
ATOM   115 C  CA  . VAL A 1 23  ? -2.691  -2.815  -11.657 1.00 34.85 ? 28  VAL A CA  1 
ATOM   116 C  C   . VAL A 1 23  ? -2.236  -1.427  -12.079 1.00 36.57 ? 28  VAL A C   1 
ATOM   117 O  O   . VAL A 1 23  ? -1.046  -1.102  -12.072 1.00 34.90 ? 28  VAL A O   1 
ATOM   118 C  CB  . VAL A 1 23  ? -3.029  -2.793  -10.156 1.00 29.00 ? 28  VAL A CB  1 
ATOM   119 C  CG1 . VAL A 1 23  ? -3.787  -4.054  -9.755  1.00 26.78 ? 28  VAL A CG1 1 
ATOM   120 C  CG2 . VAL A 1 23  ? -1.769  -2.635  -9.338  1.00 23.58 ? 28  VAL A CG2 1 
ATOM   121 N  N   . ARG A 1 24  ? -3.207  -0.608  -12.455 1.00 39.98 ? 29  ARG A N   1 
ATOM   122 C  CA  . ARG A 1 24  ? -2.966  0.808   -12.650 1.00 40.76 ? 29  ARG A CA  1 
ATOM   123 C  C   . ARG A 1 24  ? -3.578  1.562   -11.490 1.00 36.76 ? 29  ARG A C   1 
ATOM   124 O  O   . ARG A 1 24  ? -4.796  1.643   -11.365 1.00 36.64 ? 29  ARG A O   1 
ATOM   125 C  CB  . ARG A 1 24  ? -3.562  1.294   -13.964 1.00 47.01 ? 29  ARG A CB  1 
ATOM   126 C  CG  . ARG A 1 24  ? -2.839  0.788   -15.195 1.00 52.33 ? 29  ARG A CG  1 
ATOM   127 C  CD  . ARG A 1 24  ? -3.380  1.455   -16.439 1.00 58.36 ? 29  ARG A CD  1 
ATOM   128 N  NE  . ARG A 1 24  ? -2.873  0.804   -17.634 1.00 64.01 ? 29  ARG A NE  1 
ATOM   129 C  CZ  . ARG A 1 24  ? -3.541  -0.123  -18.307 1.00 68.07 ? 29  ARG A CZ  1 
ATOM   130 N  NH1 . ARG A 1 24  ? -4.751  -0.486  -17.905 1.00 68.04 ? 29  ARG A NH1 1 
ATOM   131 N  NH2 . ARG A 1 24  ? -3.010  -0.675  -19.386 1.00 71.80 ? 29  ARG A NH2 1 
ATOM   132 N  N   . PRO A 1 25  ? -2.723  2.092   -10.613 1.00 34.75 ? 30  PRO A N   1 
ATOM   133 C  CA  . PRO A 1 25  ? -3.179  2.920   -9.496  1.00 33.03 ? 30  PRO A CA  1 
ATOM   134 C  C   . PRO A 1 25  ? -3.985  4.115   -9.976  1.00 35.22 ? 30  PRO A C   1 
ATOM   135 O  O   . PRO A 1 25  ? -3.637  4.741   -10.979 1.00 37.87 ? 30  PRO A O   1 
ATOM   136 C  CB  . PRO A 1 25  ? -1.871  3.386   -8.842  1.00 32.19 ? 30  PRO A CB  1 
ATOM   137 C  CG  . PRO A 1 25  ? -0.766  3.004   -9.795  1.00 33.63 ? 30  PRO A CG  1 
ATOM   138 C  CD  . PRO A 1 25  ? -1.277  1.832   -10.555 1.00 33.28 ? 30  PRO A CD  1 
ATOM   139 N  N   . LYS A 1 26  ? -5.069  4.411   -9.265  1.00 33.92 ? 31  LYS A N   1 
ATOM   140 C  CA  . LYS A 1 26  ? -5.857  5.609   -9.505  1.00 34.33 ? 31  LYS A CA  1 
ATOM   141 C  C   . LYS A 1 26  ? -5.002  6.819   -9.109  1.00 32.64 ? 31  LYS A C   1 
ATOM   142 O  O   . LYS A 1 26  ? -3.980  6.647   -8.443  1.00 30.40 ? 31  LYS A O   1 
ATOM   143 C  CB  . LYS A 1 26  ? -7.174  5.527   -8.721  1.00 34.86 ? 31  LYS A CB  1 
ATOM   144 C  CG  . LYS A 1 26  ? -8.357  5.043   -9.566  1.00 37.89 ? 31  LYS A CG  1 
ATOM   145 C  CD  . LYS A 1 26  ? -9.358  4.231   -8.755  1.00 38.03 ? 31  LYS A CD  1 
ATOM   146 C  CE  . LYS A 1 26  ? -10.755 4.307   -9.357  1.00 42.51 ? 31  LYS A CE  1 
ATOM   147 N  NZ  . LYS A 1 26  ? -10.759 4.144   -10.840 1.00 45.99 ? 31  LYS A NZ  1 
ATOM   148 N  N   . PRO A 1 27  ? -5.397  8.036   -9.531  1.00 33.35 ? 32  PRO A N   1 
ATOM   149 C  CA  . PRO A 1 27  ? -4.500  9.191   -9.382  1.00 32.99 ? 32  PRO A CA  1 
ATOM   150 C  C   . PRO A 1 27  ? -3.910  9.432   -7.988  1.00 30.48 ? 32  PRO A C   1 
ATOM   151 O  O   . PRO A 1 27  ? -2.768  9.882   -7.901  1.00 29.57 ? 32  PRO A O   1 
ATOM   152 C  CB  . PRO A 1 27  ? -5.378  10.378  -9.804  1.00 35.57 ? 32  PRO A CB  1 
ATOM   153 C  CG  . PRO A 1 27  ? -6.777  9.852   -9.845  1.00 36.43 ? 32  PRO A CG  1 
ATOM   154 C  CD  . PRO A 1 27  ? -6.643  8.423   -10.211 1.00 34.86 ? 32  PRO A CD  1 
ATOM   155 N  N   . LEU A 1 28  ? -4.647  9.145   -6.921  1.00 26.70 ? 33  LEU A N   1 
ATOM   156 C  CA  . LEU A 1 28  ? -4.092  9.393   -5.596  1.00 29.75 ? 33  LEU A CA  1 
ATOM   157 C  C   . LEU A 1 28  ? -3.021  8.376   -5.249  1.00 28.23 ? 33  LEU A C   1 
ATOM   158 O  O   . LEU A 1 28  ? -1.900  8.748   -4.902  1.00 30.63 ? 33  LEU A O   1 
ATOM   159 C  CB  . LEU A 1 28  ? -5.175  9.436   -4.516  1.00 29.36 ? 33  LEU A CB  1 
ATOM   160 C  CG  . LEU A 1 28  ? -4.693  9.581   -3.069  1.00 28.74 ? 33  LEU A CG  1 
ATOM   161 C  CD1 . LEU A 1 28  ? -3.677  10.699  -2.923  1.00 29.44 ? 33  LEU A CD1 1 
ATOM   162 C  CD2 . LEU A 1 28  ? -5.879  9.815   -2.144  1.00 31.63 ? 33  LEU A CD2 1 
ATOM   163 N  N   . LEU A 1 29  ? -3.371  7.099   -5.342  1.00 25.87 ? 34  LEU A N   1 
ATOM   164 C  CA  . LEU A 1 29  ? -2.411  6.029   -5.110  1.00 24.75 ? 34  LEU A CA  1 
ATOM   165 C  C   . LEU A 1 29  ? -1.160  6.257   -5.950  1.00 25.48 ? 34  LEU A C   1 
ATOM   166 O  O   . LEU A 1 29  ? -0.040  6.051   -5.485  1.00 25.61 ? 34  LEU A O   1 
ATOM   167 C  CB  . LEU A 1 29  ? -3.038  4.665   -5.422  1.00 24.10 ? 34  LEU A CB  1 
ATOM   168 C  CG  . LEU A 1 29  ? -2.174  3.409   -5.231  1.00 22.67 ? 34  LEU A CG  1 
ATOM   169 C  CD1 . LEU A 1 29  ? -1.639  3.313   -3.817  1.00 21.02 ? 34  LEU A CD1 1 
ATOM   170 C  CD2 . LEU A 1 29  ? -2.957  2.147   -5.589  1.00 20.45 ? 34  LEU A CD2 1 
ATOM   171 N  N   . LEU A 1 30  ? -1.352  6.716   -7.182  1.00 26.69 ? 35  LEU A N   1 
ATOM   172 C  CA  . LEU A 1 30  ? -0.229  6.932   -8.075  1.00 29.30 ? 35  LEU A CA  1 
ATOM   173 C  C   . LEU A 1 30  ? 0.712   8.005   -7.544  1.00 33.15 ? 35  LEU A C   1 
ATOM   174 O  O   . LEU A 1 30  ? 1.931   7.834   -7.573  1.00 37.07 ? 35  LEU A O   1 
ATOM   175 C  CB  . LEU A 1 30  ? -0.708  7.290   -9.481  1.00 30.93 ? 35  LEU A CB  1 
ATOM   176 C  CG  . LEU A 1 30  ? 0.424   7.396   -10.502 1.00 32.31 ? 35  LEU A CG  1 
ATOM   177 C  CD1 . LEU A 1 30  ? 1.283   6.152   -10.450 1.00 32.21 ? 35  LEU A CD1 1 
ATOM   178 C  CD2 . LEU A 1 30  ? -0.118  7.606   -11.902 1.00 34.74 ? 35  LEU A CD2 1 
ATOM   179 N  N   . LYS A 1 31  ? 0.153   9.102   -7.048  1.00 33.68 ? 36  LYS A N   1 
ATOM   180 C  CA  . LYS A 1 31  ? 0.976   10.187  -6.520  1.00 33.67 ? 36  LYS A CA  1 
ATOM   181 C  C   . LYS A 1 31  ? 1.767   9.747   -5.291  1.00 31.83 ? 36  LYS A C   1 
ATOM   182 O  O   . LYS A 1 31  ? 2.909   10.161  -5.100  1.00 32.73 ? 36  LYS A O   1 
ATOM   183 C  CB  . LYS A 1 31  ? 0.142   11.434  -6.209  1.00 34.96 ? 36  LYS A CB  1 
ATOM   184 C  CG  . LYS A 1 31  ? 0.955   12.558  -5.571  1.00 35.60 ? 36  LYS A CG  1 
ATOM   185 C  CD  . LYS A 1 31  ? 0.281   13.905  -5.699  1.00 38.40 ? 36  LYS A CD  1 
ATOM   186 N  N   . LEU A 1 32  ? 1.165   8.903   -4.463  1.00 30.97 ? 37  LEU A N   1 
ATOM   187 C  CA  . LEU A 1 32  ? 1.868   8.372   -3.303  1.00 30.59 ? 37  LEU A CA  1 
ATOM   188 C  C   . LEU A 1 32  ? 3.054   7.528   -3.760  1.00 31.47 ? 37  LEU A C   1 
ATOM   189 O  O   . LEU A 1 32  ? 4.165   7.664   -3.246  1.00 32.06 ? 37  LEU A O   1 
ATOM   190 C  CB  . LEU A 1 32  ? 0.935   7.526   -2.440  1.00 29.21 ? 37  LEU A CB  1 
ATOM   191 C  CG  . LEU A 1 32  ? -0.396  8.142   -2.019  1.00 28.97 ? 37  LEU A CG  1 
ATOM   192 C  CD1 . LEU A 1 32  ? -1.004  7.318   -0.908  1.00 28.42 ? 37  LEU A CD1 1 
ATOM   193 C  CD2 . LEU A 1 32  ? -0.213  9.575   -1.581  1.00 31.79 ? 37  LEU A CD2 1 
ATOM   194 N  N   . LEU A 1 33  ? 2.811   6.661   -4.736  1.00 30.58 ? 38  LEU A N   1 
ATOM   195 C  CA  . LEU A 1 33  ? 3.870   5.825   -5.281  1.00 31.55 ? 38  LEU A CA  1 
ATOM   196 C  C   . LEU A 1 33  ? 4.980   6.700   -5.837  1.00 36.33 ? 38  LEU A C   1 
ATOM   197 O  O   . LEU A 1 33  ? 6.159   6.483   -5.558  1.00 37.63 ? 38  LEU A O   1 
ATOM   198 C  CB  . LEU A 1 33  ? 3.335   4.919   -6.389  1.00 28.22 ? 38  LEU A CB  1 
ATOM   199 C  CG  . LEU A 1 33  ? 2.228   3.928   -6.040  1.00 26.28 ? 38  LEU A CG  1 
ATOM   200 C  CD1 . LEU A 1 33  ? 2.201   2.804   -7.057  1.00 27.70 ? 38  LEU A CD1 1 
ATOM   201 C  CD2 . LEU A 1 33  ? 2.393   3.386   -4.631  1.00 24.45 ? 38  LEU A CD2 1 
ATOM   202 N  N   . LYS A 1 34  ? 4.591   7.702   -6.613  1.00 38.48 ? 39  LYS A N   1 
ATOM   203 C  CA  . LYS A 1 34  ? 5.559   8.534   -7.309  1.00 40.78 ? 39  LYS A CA  1 
ATOM   204 C  C   . LYS A 1 34  ? 6.312   9.471   -6.373  1.00 39.45 ? 39  LYS A C   1 
ATOM   205 O  O   . LYS A 1 34  ? 7.380   9.978   -6.715  1.00 41.06 ? 39  LYS A O   1 
ATOM   206 C  CB  . LYS A 1 34  ? 4.876   9.321   -8.426  1.00 43.13 ? 39  LYS A CB  1 
ATOM   207 C  CG  . LYS A 1 34  ? 4.459   8.457   -9.601  1.00 44.84 ? 39  LYS A CG  1 
ATOM   208 C  CD  . LYS A 1 34  ? 4.601   9.231   -10.901 1.00 48.77 ? 39  LYS A CD  1 
ATOM   209 C  CE  . LYS A 1 34  ? 4.238   8.383   -12.106 1.00 50.69 ? 39  LYS A CE  1 
ATOM   210 N  NZ  . LYS A 1 34  ? 4.339   9.177   -13.361 1.00 54.55 ? 39  LYS A NZ  1 
ATOM   211 N  N   . SER A 1 35  ? 5.758   9.687   -5.187  1.00 36.83 ? 40  SER A N   1 
ATOM   212 C  CA  . SER A 1 35  ? 6.385   10.560  -4.204  1.00 36.68 ? 40  SER A CA  1 
ATOM   213 C  C   . SER A 1 35  ? 7.613   9.903   -3.592  1.00 37.99 ? 40  SER A C   1 
ATOM   214 O  O   . SER A 1 35  ? 8.476   10.582  -3.035  1.00 41.06 ? 40  SER A O   1 
ATOM   215 C  CB  . SER A 1 35  ? 5.390   10.920  -3.106  1.00 34.38 ? 40  SER A CB  1 
ATOM   216 O  OG  . SER A 1 35  ? 4.857   9.749   -2.519  1.00 31.75 ? 40  SER A OG  1 
ATOM   217 N  N   . VAL A 1 36  ? 7.688   8.580   -3.695  1.00 36.48 ? 41  VAL A N   1 
ATOM   218 C  CA  . VAL A 1 36  ? 8.825   7.848   -3.152  1.00 36.28 ? 41  VAL A CA  1 
ATOM   219 C  C   . VAL A 1 36  ? 9.618   7.096   -4.222  1.00 37.88 ? 41  VAL A C   1 
ATOM   220 O  O   . VAL A 1 36  ? 10.303  6.121   -3.918  1.00 37.78 ? 41  VAL A O   1 
ATOM   221 C  CB  . VAL A 1 36  ? 8.405   6.868   -2.030  1.00 34.10 ? 41  VAL A CB  1 
ATOM   222 C  CG1 . VAL A 1 36  ? 7.940   7.626   -0.803  1.00 31.95 ? 41  VAL A CG1 1 
ATOM   223 C  CG2 . VAL A 1 36  ? 7.328   5.919   -2.523  1.00 33.42 ? 41  VAL A CG2 1 
ATOM   224 N  N   . GLY A 1 37  ? 9.521   7.541   -5.471  1.00 38.55 ? 42  GLY A N   1 
ATOM   225 C  CA  . GLY A 1 37  ? 10.415  7.050   -6.504  1.00 39.91 ? 42  GLY A CA  1 
ATOM   226 C  C   . GLY A 1 37  ? 9.816   6.325   -7.695  1.00 39.49 ? 42  GLY A C   1 
ATOM   227 O  O   . GLY A 1 37  ? 10.460  6.223   -8.744  1.00 42.03 ? 42  GLY A O   1 
ATOM   228 N  N   . ALA A 1 38  ? 8.602   5.808   -7.538  1.00 36.11 ? 43  ALA A N   1 
ATOM   229 C  CA  . ALA A 1 38  ? 7.935   5.081   -8.612  1.00 35.37 ? 43  ALA A CA  1 
ATOM   230 C  C   . ALA A 1 38  ? 7.886   5.921   -9.881  1.00 39.55 ? 43  ALA A C   1 
ATOM   231 O  O   . ALA A 1 38  ? 7.518   7.092   -9.843  1.00 41.99 ? 43  ALA A O   1 
ATOM   232 C  CB  . ALA A 1 38  ? 6.545   4.684   -8.181  1.00 32.21 ? 43  ALA A CB  1 
ATOM   233 N  N   . GLN A 1 39  ? 8.271   5.328   -11.003 1.00 43.08 ? 44  GLN A N   1 
ATOM   234 C  CA  . GLN A 1 39  ? 8.424   6.091   -12.235 1.00 48.73 ? 44  GLN A CA  1 
ATOM   235 C  C   . GLN A 1 39  ? 7.533   5.602   -13.373 1.00 52.75 ? 44  GLN A C   1 
ATOM   236 O  O   . GLN A 1 39  ? 7.773   5.941   -14.531 1.00 58.00 ? 44  GLN A O   1 
ATOM   237 C  CB  . GLN A 1 39  ? 9.888   6.085   -12.683 1.00 51.23 ? 44  GLN A CB  1 
ATOM   238 N  N   . LYS A 1 40  ? 6.514   4.815   -13.051 1.00 50.96 ? 45  LYS A N   1 
ATOM   239 C  CA  . LYS A 1 40  ? 5.614   4.303   -14.079 1.00 53.24 ? 45  LYS A CA  1 
ATOM   240 C  C   . LYS A 1 40  ? 4.175   4.257   -13.598 1.00 51.05 ? 45  LYS A C   1 
ATOM   241 O  O   . LYS A 1 40  ? 3.902   4.536   -12.438 1.00 49.57 ? 45  LYS A O   1 
ATOM   242 C  CB  . LYS A 1 40  ? 6.057   2.923   -14.550 1.00 55.33 ? 45  LYS A CB  1 
ATOM   243 C  CG  . LYS A 1 40  ? 5.994   1.843   -13.488 1.00 53.23 ? 45  LYS A CG  1 
ATOM   244 C  CD  . LYS A 1 40  ? 7.377   1.491   -12.955 1.00 53.89 ? 45  LYS A CD  1 
ATOM   245 C  CE  . LYS A 1 40  ? 7.574   1.962   -11.523 1.00 51.48 ? 45  LYS A CE  1 
ATOM   246 N  NZ  . LYS A 1 40  ? 9.010   2.078   -11.147 1.00 52.55 ? 45  LYS A NZ  1 
ATOM   247 N  N   . ASP A 1 41  ? 3.261   3.908   -14.495 1.00 51.81 ? 46  ASP A N   1 
ATOM   248 C  CA  . ASP A 1 41  ? 1.841   3.918   -14.171 1.00 50.89 ? 46  ASP A CA  1 
ATOM   249 C  C   . ASP A 1 41  ? 1.301   2.518   -13.917 1.00 47.21 ? 46  ASP A C   1 
ATOM   250 O  O   . ASP A 1 41  ? 0.265   2.356   -13.278 1.00 45.93 ? 46  ASP A O   1 
ATOM   251 C  CB  . ASP A 1 41  ? 1.049   4.592   -15.292 1.00 57.95 ? 46  ASP A CB  1 
ATOM   252 C  CG  . ASP A 1 41  ? 1.689   5.886   -15.758 1.00 63.04 ? 46  ASP A CG  1 
ATOM   253 O  OD1 . ASP A 1 41  ? 2.528   6.434   -15.012 1.00 63.38 ? 46  ASP A OD1 1 
ATOM   254 O  OD2 . ASP A 1 41  ? 1.354   6.356   -16.868 1.00 66.78 ? 46  ASP A OD2 1 
ATOM   255 N  N   . THR A 1 42  ? 2.006   1.506   -14.414 1.00 46.27 ? 47  THR A N   1 
ATOM   256 C  CA  . THR A 1 42  ? 1.552   0.125   -14.288 1.00 41.60 ? 47  THR A CA  1 
ATOM   257 C  C   . THR A 1 42  ? 2.464   -0.679  -13.363 1.00 37.68 ? 47  THR A C   1 
ATOM   258 O  O   . THR A 1 42  ? 3.684   -0.664  -13.517 1.00 38.06 ? 47  THR A O   1 
ATOM   259 C  CB  . THR A 1 42  ? 1.476   -0.553  -15.660 1.00 44.00 ? 47  THR A CB  1 
ATOM   260 O  OG1 . THR A 1 42  ? 1.376   0.450   -16.680 1.00 47.76 ? 47  THR A OG1 1 
ATOM   261 C  CG2 . THR A 1 42  ? 0.265   -1.463  -15.734 1.00 43.29 ? 47  THR A CG2 1 
ATOM   262 N  N   . TYR A 1 43  ? 1.865   -1.370  -12.395 1.00 34.76 ? 48  TYR A N   1 
ATOM   263 C  CA  . TYR A 1 43  ? 2.618   -2.098  -11.377 1.00 32.92 ? 48  TYR A CA  1 
ATOM   264 C  C   . TYR A 1 43  ? 2.012   -3.457  -11.103 1.00 33.60 ? 48  TYR A C   1 
ATOM   265 O  O   . TYR A 1 43  ? 0.858   -3.720  -11.444 1.00 35.94 ? 48  TYR A O   1 
ATOM   266 C  CB  . TYR A 1 43  ? 2.613   -1.349  -10.044 1.00 31.81 ? 48  TYR A CB  1 
ATOM   267 C  CG  . TYR A 1 43  ? 3.115   0.066   -10.099 1.00 34.22 ? 48  TYR A CG  1 
ATOM   268 C  CD1 . TYR A 1 43  ? 4.376   0.393   -9.627  1.00 34.62 ? 48  TYR A CD1 1 
ATOM   269 C  CD2 . TYR A 1 43  ? 2.319   1.078   -10.607 1.00 36.23 ? 48  TYR A CD2 1 
ATOM   270 C  CE1 . TYR A 1 43  ? 4.830   1.687   -9.669  1.00 36.96 ? 48  TYR A CE1 1 
ATOM   271 C  CE2 . TYR A 1 43  ? 2.764   2.367   -10.658 1.00 39.10 ? 48  TYR A CE2 1 
ATOM   272 C  CZ  . TYR A 1 43  ? 4.019   2.670   -10.190 1.00 39.96 ? 48  TYR A CZ  1 
ATOM   273 O  OH  . TYR A 1 43  ? 4.448   3.975   -10.249 1.00 42.44 ? 48  TYR A OH  1 
ATOM   274 N  N   . THR A 1 44  ? 2.804   -4.309  -10.461 1.00 30.71 ? 49  THR A N   1 
ATOM   275 C  CA  . THR A 1 44  ? 2.296   -5.518  -9.833  1.00 29.52 ? 49  THR A CA  1 
ATOM   276 C  C   . THR A 1 44  ? 1.890   -5.163  -8.405  1.00 27.47 ? 49  THR A C   1 
ATOM   277 O  O   . THR A 1 44  ? 2.398   -4.203  -7.837  1.00 27.81 ? 49  THR A O   1 
ATOM   278 C  CB  . THR A 1 44  ? 3.374   -6.618  -9.785  1.00 27.65 ? 49  THR A CB  1 
ATOM   279 O  OG1 . THR A 1 44  ? 4.526   -6.125  -9.091  1.00 26.13 ? 49  THR A OG1 1 
ATOM   280 C  CG2 . THR A 1 44  ? 3.791   -7.018  -11.183 1.00 30.76 ? 49  THR A CG2 1 
ATOM   281 N  N   . MET A 1 45  ? 0.976   -5.930  -7.824  1.00 26.21 ? 50  MET A N   1 
ATOM   282 C  CA  . MET A 1 45  ? 0.545   -5.666  -6.454  1.00 22.36 ? 50  MET A CA  1 
ATOM   283 C  C   . MET A 1 45  ? 1.697   -5.669  -5.459  1.00 23.93 ? 50  MET A C   1 
ATOM   284 O  O   . MET A 1 45  ? 1.707   -4.868  -4.533  1.00 23.37 ? 50  MET A O   1 
ATOM   285 C  CB  . MET A 1 45  ? -0.540  -6.650  -6.017  1.00 20.56 ? 50  MET A CB  1 
ATOM   286 C  CG  . MET A 1 45  ? -1.903  -6.321  -6.580  1.00 20.53 ? 50  MET A CG  1 
ATOM   287 S  SD  . MET A 1 45  ? -2.408  -4.654  -6.101  1.00 33.40 ? 50  MET A SD  1 
ATOM   288 C  CE  . MET A 1 45  ? -2.808  -4.905  -4.374  1.00 25.78 ? 50  MET A CE  1 
ATOM   289 N  N   . LYS A 1 46  ? 2.672   -6.557  -5.646  1.00 25.97 ? 51  LYS A N   1 
ATOM   290 C  CA  A LYS A 1 46  ? 3.815   -6.620  -4.741  0.33 25.97 ? 51  LYS A CA  1 
ATOM   291 C  CA  B LYS A 1 46  ? 3.812   -6.617  -4.739  0.67 25.90 ? 51  LYS A CA  1 
ATOM   292 C  C   . LYS A 1 46  ? 4.646   -5.343  -4.833  1.00 26.79 ? 51  LYS A C   1 
ATOM   293 O  O   . LYS A 1 46  ? 5.272   -4.929  -3.862  1.00 27.26 ? 51  LYS A O   1 
ATOM   294 C  CB  A LYS A 1 46  ? 4.678   -7.858  -5.017  0.33 27.16 ? 51  LYS A CB  1 
ATOM   295 C  CB  B LYS A 1 46  ? 4.675   -7.858  -5.004  0.67 27.09 ? 51  LYS A CB  1 
ATOM   296 C  CG  A LYS A 1 46  ? 5.408   -7.859  -6.355  0.33 29.67 ? 51  LYS A CG  1 
ATOM   297 C  CG  B LYS A 1 46  ? 5.354   -7.891  -6.366  0.67 29.63 ? 51  LYS A CG  1 
ATOM   298 C  CD  A LYS A 1 46  ? 6.217   -9.140  -6.540  0.33 31.40 ? 51  LYS A CD  1 
ATOM   299 C  CD  B LYS A 1 46  ? 6.173   -9.169  -6.549  0.67 31.40 ? 51  LYS A CD  1 
ATOM   300 C  CE  A LYS A 1 46  ? 7.231   -9.010  -7.672  0.33 34.21 ? 51  LYS A CE  1 
ATOM   301 C  CE  B LYS A 1 46  ? 6.951   -9.145  -7.859  0.67 34.63 ? 51  LYS A CE  1 
ATOM   302 N  NZ  A LYS A 1 46  ? 6.602   -8.579  -8.953  0.33 35.79 ? 51  LYS A NZ  1 
ATOM   303 N  NZ  B LYS A 1 46  ? 7.612   -10.442 -8.160  0.67 37.77 ? 51  LYS A NZ  1 
ATOM   304 N  N   . GLU A 1 47  ? 4.637   -4.719  -6.007  1.00 28.10 ? 52  GLU A N   1 
ATOM   305 C  CA  . GLU A 1 47  ? 5.353   -3.469  -6.232  1.00 30.44 ? 52  GLU A CA  1 
ATOM   306 C  C   . GLU A 1 47  ? 4.671   -2.342  -5.473  1.00 28.10 ? 52  GLU A C   1 
ATOM   307 O  O   . GLU A 1 47  ? 5.314   -1.565  -4.766  1.00 27.31 ? 52  GLU A O   1 
ATOM   308 C  CB  . GLU A 1 47  ? 5.344   -3.131  -7.720  1.00 36.25 ? 52  GLU A CB  1 
ATOM   309 C  CG  . GLU A 1 47  ? 6.702   -3.091  -8.376  1.00 41.29 ? 52  GLU A CG  1 
ATOM   310 C  CD  . GLU A 1 47  ? 6.622   -3.239  -9.881  1.00 45.87 ? 52  GLU A CD  1 
ATOM   311 O  OE1 . GLU A 1 47  ? 5.904   -4.150  -10.352 1.00 45.20 ? 52  GLU A OE1 1 
ATOM   312 O  OE2 . GLU A 1 47  ? 7.271   -2.441  -10.589 1.00 49.58 ? 52  GLU A OE2 1 
ATOM   313 N  N   . VAL A 1 48  ? 3.357   -2.260  -5.647  1.00 26.62 ? 53  VAL A N   1 
ATOM   314 C  CA  . VAL A 1 48  ? 2.540   -1.266  -4.973  1.00 27.01 ? 53  VAL A CA  1 
ATOM   315 C  C   . VAL A 1 48  ? 2.760   -1.331  -3.474  1.00 27.17 ? 53  VAL A C   1 
ATOM   316 O  O   . VAL A 1 48  ? 2.944   -0.303  -2.817  1.00 28.24 ? 53  VAL A O   1 
ATOM   317 C  CB  . VAL A 1 48  ? 1.051   -1.495  -5.268  1.00 24.88 ? 53  VAL A CB  1 
ATOM   318 C  CG1 . VAL A 1 48  ? 0.188   -0.681  -4.320  1.00 23.70 ? 53  VAL A CG1 1 
ATOM   319 C  CG2 . VAL A 1 48  ? 0.751   -1.151  -6.713  1.00 26.08 ? 53  VAL A CG2 1 
ATOM   320 N  N   . LEU A 1 49  ? 2.756   -2.548  -2.942  1.00 24.44 ? 54  LEU A N   1 
ATOM   321 C  CA  . LEU A 1 49  ? 2.927   -2.757  -1.511  1.00 23.65 ? 54  LEU A CA  1 
ATOM   322 C  C   . LEU A 1 49  ? 4.296   -2.290  -1.047  1.00 24.34 ? 54  LEU A C   1 
ATOM   323 O  O   . LEU A 1 49  ? 4.445   -1.776  0.060   1.00 24.11 ? 54  LEU A O   1 
ATOM   324 C  CB  . LEU A 1 49  ? 2.721   -4.228  -1.152  1.00 24.29 ? 54  LEU A CB  1 
ATOM   325 C  CG  . LEU A 1 49  ? 1.305   -4.616  -0.735  1.00 25.49 ? 54  LEU A CG  1 
ATOM   326 C  CD1 . LEU A 1 49  ? 0.905   -3.847  0.505   1.00 27.20 ? 54  LEU A CD1 1 
ATOM   327 C  CD2 . LEU A 1 49  ? 0.316   -4.356  -1.847  1.00 26.40 ? 54  LEU A CD2 1 
ATOM   328 N  N   . PHE A 1 50  ? 5.301   -2.473  -1.895  1.00 25.63 ? 55  PHE A N   1 
ATOM   329 C  CA  . PHE A 1 50  ? 6.647   -2.031  -1.559  1.00 24.23 ? 55  PHE A CA  1 
ATOM   330 C  C   . PHE A 1 50  ? 6.700   -0.521  -1.414  1.00 23.12 ? 55  PHE A C   1 
ATOM   331 O  O   . PHE A 1 50  ? 7.297   -0.002  -0.478  1.00 25.12 ? 55  PHE A O   1 
ATOM   332 C  CB  . PHE A 1 50  ? 7.644   -2.454  -2.631  1.00 22.93 ? 55  PHE A CB  1 
ATOM   333 C  CG  . PHE A 1 50  ? 8.957   -1.729  -2.550  1.00 22.64 ? 55  PHE A CG  1 
ATOM   334 C  CD1 . PHE A 1 50  ? 9.896   -2.080  -1.598  1.00 22.39 ? 55  PHE A CD1 1 
ATOM   335 C  CD2 . PHE A 1 50  ? 9.243   -0.683  -3.417  1.00 22.26 ? 55  PHE A CD2 1 
ATOM   336 C  CE1 . PHE A 1 50  ? 11.094  -1.405  -1.512  1.00 25.22 ? 55  PHE A CE1 1 
ATOM   337 C  CE2 . PHE A 1 50  ? 10.443  -0.011  -3.341  1.00 23.62 ? 55  PHE A CE2 1 
ATOM   338 C  CZ  . PHE A 1 50  ? 11.368  -0.367  -2.386  1.00 25.24 ? 55  PHE A CZ  1 
ATOM   339 N  N   . TYR A 1 51  ? 6.090   0.171   -2.367  1.00 21.76 ? 56  TYR A N   1 
ATOM   340 C  CA  . TYR A 1 51  ? 6.137   1.620   -2.404  1.00 22.30 ? 56  TYR A CA  1 
ATOM   341 C  C   . TYR A 1 51  ? 5.273   2.209   -1.306  1.00 24.01 ? 56  TYR A C   1 
ATOM   342 O  O   . TYR A 1 51  ? 5.651   3.183   -0.661  1.00 28.69 ? 56  TYR A O   1 
ATOM   343 C  CB  . TYR A 1 51  ? 5.697   2.129   -3.771  1.00 21.92 ? 56  TYR A CB  1 
ATOM   344 C  CG  . TYR A 1 51  ? 6.778   2.018   -4.812  1.00 22.41 ? 56  TYR A CG  1 
ATOM   345 C  CD1 . TYR A 1 51  ? 7.994   2.667   -4.646  1.00 24.21 ? 56  TYR A CD1 1 
ATOM   346 C  CD2 . TYR A 1 51  ? 6.587   1.271   -5.966  1.00 24.77 ? 56  TYR A CD2 1 
ATOM   347 C  CE1 . TYR A 1 51  ? 8.996   2.573   -5.597  1.00 28.00 ? 56  TYR A CE1 1 
ATOM   348 C  CE2 . TYR A 1 51  ? 7.581   1.167   -6.924  1.00 28.11 ? 56  TYR A CE2 1 
ATOM   349 C  CZ  . TYR A 1 51  ? 8.782   1.819   -6.734  1.00 30.48 ? 56  TYR A CZ  1 
ATOM   350 O  OH  . TYR A 1 51  ? 9.771   1.717   -7.690  1.00 34.94 ? 56  TYR A OH  1 
ATOM   351 N  N   . LEU A 1 52  ? 4.109   1.615   -1.093  1.00 21.12 ? 57  LEU A N   1 
ATOM   352 C  CA  A LEU A 1 52  ? 3.237   2.065   -0.017  0.73 21.08 ? 57  LEU A CA  1 
ATOM   353 C  CA  B LEU A 1 52  ? 3.226   2.050   -0.025  0.27 20.95 ? 57  LEU A CA  1 
ATOM   354 C  C   . LEU A 1 52  ? 3.937   1.886   1.314   1.00 22.77 ? 57  LEU A C   1 
ATOM   355 O  O   . LEU A 1 52  ? 3.776   2.698   2.220   1.00 26.71 ? 57  LEU A O   1 
ATOM   356 C  CB  A LEU A 1 52  ? 1.913   1.306   -0.019  0.73 19.02 ? 57  LEU A CB  1 
ATOM   357 C  CB  B LEU A 1 52  ? 1.935   1.234   -0.056  0.27 15.95 ? 57  LEU A CB  1 
ATOM   358 C  CG  A LEU A 1 52  ? 0.888   1.773   -1.046  0.73 17.36 ? 57  LEU A CG  1 
ATOM   359 C  CG  B LEU A 1 52  ? 0.646   1.934   0.363   0.27 17.98 ? 57  LEU A CG  1 
ATOM   360 C  CD1 A LEU A 1 52  ? -0.403  0.989   -0.893  0.73 16.56 ? 57  LEU A CD1 1 
ATOM   361 C  CD1 B LEU A 1 52  ? 0.559   3.323   -0.248  0.27 19.30 ? 57  LEU A CD1 1 
ATOM   362 C  CD2 A LEU A 1 52  ? 0.637   3.266   -0.895  0.73 19.49 ? 57  LEU A CD2 1 
ATOM   363 C  CD2 B LEU A 1 52  ? -0.548  1.091   -0.056  0.27 17.74 ? 57  LEU A CD2 1 
ATOM   364 N  N   . GLY A 1 53  ? 4.727   0.826   1.422   1.00 21.10 ? 58  GLY A N   1 
ATOM   365 C  CA  . GLY A 1 53  ? 5.492   0.572   2.625   1.00 22.94 ? 58  GLY A CA  1 
ATOM   366 C  C   . GLY A 1 53  ? 6.559   1.629   2.814   1.00 25.56 ? 58  GLY A C   1 
ATOM   367 O  O   . GLY A 1 53  ? 6.774   2.110   3.925   1.00 27.30 ? 58  GLY A O   1 
ATOM   368 N  N   . GLN A 1 54  ? 7.224   1.991   1.721   1.00 25.83 ? 59  GLN A N   1 
ATOM   369 C  CA  . GLN A 1 54  ? 8.265   3.013   1.749   1.00 28.87 ? 59  GLN A CA  1 
ATOM   370 C  C   . GLN A 1 54  ? 7.702   4.339   2.217   1.00 30.31 ? 59  GLN A C   1 
ATOM   371 O  O   . GLN A 1 54  ? 8.195   4.961   3.142   1.00 33.59 ? 59  GLN A O   1 
ATOM   372 C  CB  . GLN A 1 54  ? 8.873   3.176   0.354   1.00 27.70 ? 59  GLN A CB  1 
ATOM   373 C  CG  . GLN A 1 54  ? 9.759   2.029   -0.035  1.00 26.38 ? 59  GLN A CG  1 
ATOM   374 C  CD  . GLN A 1 54  ? 10.925  1.893   0.901   1.00 27.67 ? 59  GLN A CD  1 
ATOM   375 O  OE1 . GLN A 1 54  ? 11.705  2.824   1.056   1.00 29.30 ? 59  GLN A OE1 1 
ATOM   376 N  NE2 . GLN A 1 54  ? 11.054  0.732   1.537   1.00 28.37 ? 59  GLN A NE2 1 
ATOM   377 N  N   . TYR A 1 55  ? 6.659   4.760   1.528   1.00 29.09 ? 60  TYR A N   1 
ATOM   378 C  CA  . TYR A 1 55  ? 5.874   5.927   1.855   1.00 31.83 ? 60  TYR A CA  1 
ATOM   379 C  C   . TYR A 1 55  ? 5.497   5.990   3.333   1.00 30.71 ? 60  TYR A C   1 
ATOM   380 O  O   . TYR A 1 55  ? 5.778   6.966   4.023   1.00 34.64 ? 60  TYR A O   1 
ATOM   381 C  CB  . TYR A 1 55  ? 4.616   5.791   1.025   1.00 33.96 ? 60  TYR A CB  1 
ATOM   382 C  CG  . TYR A 1 55  ? 3.586   6.883   1.171   1.00 38.51 ? 60  TYR A CG  1 
ATOM   383 C  CD1 . TYR A 1 55  ? 3.739   8.074   0.496   1.00 41.99 ? 60  TYR A CD1 1 
ATOM   384 C  CD2 . TYR A 1 55  ? 2.453   6.714   1.946   1.00 39.29 ? 60  TYR A CD2 1 
ATOM   385 C  CE1 . TYR A 1 55  ? 2.810   9.082   0.602   1.00 43.31 ? 60  TYR A CE1 1 
ATOM   386 C  CE2 . TYR A 1 55  ? 1.515   7.727   2.062   1.00 41.29 ? 60  TYR A CE2 1 
ATOM   387 C  CZ  . TYR A 1 55  ? 1.682   8.910   1.391   1.00 43.84 ? 60  TYR A CZ  1 
ATOM   388 O  OH  . TYR A 1 55  ? 0.768   9.923   1.510   1.00 45.53 ? 60  TYR A OH  1 
ATOM   389 N  N   . ILE A 1 56  ? 4.841   4.942   3.795   1.00 27.71 ? 61  ILE A N   1 
ATOM   390 C  CA  . ILE A 1 56  ? 4.413   4.837   5.184   1.00 29.00 ? 61  ILE A CA  1 
ATOM   391 C  C   . ILE A 1 56  ? 5.569   5.113   6.136   1.00 33.43 ? 61  ILE A C   1 
ATOM   392 O  O   . ILE A 1 56  ? 5.386   5.742   7.182   1.00 35.82 ? 61  ILE A O   1 
ATOM   393 C  CB  . ILE A 1 56  ? 3.797   3.453   5.464   1.00 27.80 ? 61  ILE A CB  1 
ATOM   394 C  CG1 . ILE A 1 56  ? 2.366   3.397   4.928   1.00 24.43 ? 61  ILE A CG1 1 
ATOM   395 C  CG2 . ILE A 1 56  ? 3.793   3.143   6.952   1.00 30.64 ? 61  ILE A CG2 1 
ATOM   396 C  CD1 . ILE A 1 56  ? 1.736   2.034   5.027   1.00 22.64 ? 61  ILE A CD1 1 
ATOM   397 N  N   . MET A 1 57  ? 6.768   4.679   5.757   1.00 32.34 ? 62  MET A N   1 
ATOM   398 C  CA  . MET A 1 57  ? 7.933   4.880   6.612   1.00 35.17 ? 62  MET A CA  1 
ATOM   399 C  C   . MET A 1 57  ? 8.702   6.181   6.368   1.00 37.17 ? 62  MET A C   1 
ATOM   400 O  O   . MET A 1 57  ? 9.364   6.676   7.279   1.00 40.35 ? 62  MET A O   1 
ATOM   401 C  CB  . MET A 1 57  ? 8.859   3.663   6.576   1.00 36.03 ? 62  MET A CB  1 
ATOM   402 C  CG  . MET A 1 57  ? 8.321   2.490   7.382   1.00 35.29 ? 62  MET A CG  1 
ATOM   403 S  SD  . MET A 1 57  ? 9.330   1.020   7.212   1.00 69.40 ? 62  MET A SD  1 
ATOM   404 C  CE  . MET A 1 57  ? 9.460   0.938   5.429   1.00 44.03 ? 62  MET A CE  1 
ATOM   405 N  N   . THR A 1 58  ? 8.621   6.749   5.169   1.00 36.08 ? 63  THR A N   1 
ATOM   406 C  CA  . THR A 1 58  ? 9.223   8.064   4.973   1.00 39.15 ? 63  THR A CA  1 
ATOM   407 C  C   . THR A 1 58  ? 8.457   9.087   5.805   1.00 40.82 ? 63  THR A C   1 
ATOM   408 O  O   . THR A 1 58  ? 9.048   9.845   6.563   1.00 44.60 ? 63  THR A O   1 
ATOM   409 C  CB  . THR A 1 58  ? 9.243   8.529   3.507   1.00 40.85 ? 63  THR A CB  1 
ATOM   410 O  OG1 . THR A 1 58  ? 7.906   8.771   3.063   1.00 43.57 ? 63  THR A OG1 1 
ATOM   411 C  CG2 . THR A 1 58  ? 9.902   7.509   2.610   1.00 39.85 ? 63  THR A CG2 1 
ATOM   412 N  N   . LYS A 1 59  ? 7.138   9.115   5.691   1.00 39.24 ? 64  LYS A N   1 
ATOM   413 C  CA  . LYS A 1 59  ? 6.395   10.055  6.521   1.00 43.11 ? 64  LYS A CA  1 
ATOM   414 C  C   . LYS A 1 59  ? 5.922   9.412   7.789   1.00 42.19 ? 64  LYS A C   1 
ATOM   415 O  O   . LYS A 1 59  ? 4.794   9.632   8.213   1.00 44.37 ? 64  LYS A O   1 
ATOM   416 C  CB  . LYS A 1 59  ? 5.198   10.572  5.782   1.00 45.02 ? 64  LYS A CB  1 
ATOM   417 C  CG  . LYS A 1 59  ? 4.658   9.502   4.932   1.00 47.81 ? 64  LYS A CG  1 
ATOM   418 C  CD  . LYS A 1 59  ? 3.933   10.072  3.734   1.00 51.62 ? 64  LYS A CD  1 
ATOM   419 C  CE  . LYS A 1 59  ? 2.682   10.693  4.258   1.00 56.91 ? 64  LYS A CE  1 
ATOM   420 N  NZ  . LYS A 1 59  ? 1.871   11.462  3.300   1.00 59.42 ? 64  LYS A NZ  1 
ATOM   421 N  N   . ARG A 1 60  ? 6.786   8.583   8.358   1.00 40.86 ? 65  ARG A N   1 
ATOM   422 C  CA  . ARG A 1 60  ? 6.718   8.225   9.761   1.00 43.40 ? 65  ARG A CA  1 
ATOM   423 C  C   . ARG A 1 60  ? 5.320   7.868   10.253  1.00 41.16 ? 65  ARG A C   1 
ATOM   424 O  O   . ARG A 1 60  ? 4.959   8.179   11.385  1.00 44.05 ? 65  ARG A O   1 
ATOM   425 C  CB  . ARG A 1 60  ? 7.283   9.383   10.588  1.00 49.87 ? 65  ARG A CB  1 
ATOM   426 C  CG  . ARG A 1 60  ? 8.716   9.796   10.221  1.00 53.15 ? 65  ARG A CG  1 
ATOM   427 C  CD  . ARG A 1 60  ? 9.737   9.022   11.039  1.00 57.64 ? 65  ARG A CD  1 
ATOM   428 N  NE  . ARG A 1 60  ? 11.097  9.544   10.959  1.00 62.32 ? 65  ARG A NE  1 
ATOM   429 C  CZ  . ARG A 1 60  ? 12.144  8.974   11.551  1.00 66.63 ? 65  ARG A CZ  1 
ATOM   430 N  NH1 . ARG A 1 60  ? 11.985  7.864   12.263  1.00 66.69 ? 65  ARG A NH1 1 
ATOM   431 N  NH2 . ARG A 1 60  ? 13.351  9.508   11.431  1.00 70.27 ? 65  ARG A NH2 1 
ATOM   432 N  N   . LEU A 1 61  ? 4.529   7.225   9.396   1.00 36.60 ? 66  LEU A N   1 
ATOM   433 C  CA  . LEU A 1 61  ? 3.188   6.801   9.773   1.00 35.25 ? 66  LEU A CA  1 
ATOM   434 C  C   . LEU A 1 61  ? 3.241   5.504   10.567  1.00 37.72 ? 66  LEU A C   1 
ATOM   435 O  O   . LEU A 1 61  ? 2.213   4.982   10.993  1.00 38.12 ? 66  LEU A O   1 
ATOM   436 C  CB  . LEU A 1 61  ? 2.316   6.608   8.536   1.00 30.75 ? 66  LEU A CB  1 
ATOM   437 C  CG  . LEU A 1 61  ? 2.074   7.850   7.682   1.00 31.85 ? 66  LEU A CG  1 
ATOM   438 C  CD1 . LEU A 1 61  ? 1.018   7.570   6.628   1.00 30.55 ? 66  LEU A CD1 1 
ATOM   439 C  CD2 . LEU A 1 61  ? 1.671   9.027   8.553   1.00 35.58 ? 66  LEU A CD2 1 
ATOM   440 N  N   . TYR A 1 62  ? 4.450   4.989   10.759  1.00 40.32 ? 67  TYR A N   1 
ATOM   441 C  CA  . TYR A 1 62  ? 4.647   3.715   11.437  1.00 41.80 ? 67  TYR A CA  1 
ATOM   442 C  C   . TYR A 1 62  ? 5.970   3.741   12.187  1.00 46.59 ? 67  TYR A C   1 
ATOM   443 O  O   . TYR A 1 62  ? 6.852   2.929   11.939  1.00 46.51 ? 67  TYR A O   1 
ATOM   444 C  CB  . TYR A 1 62  ? 4.622   2.581   10.413  1.00 37.72 ? 67  TYR A CB  1 
ATOM   445 C  CG  . TYR A 1 62  ? 4.674   1.180   10.989  1.00 37.93 ? 67  TYR A CG  1 
ATOM   446 C  CD1 . TYR A 1 62  ? 3.736   0.749   11.918  1.00 39.15 ? 67  TYR A CD1 1 
ATOM   447 C  CD2 . TYR A 1 62  ? 5.651   0.281   10.577  1.00 36.75 ? 67  TYR A CD2 1 
ATOM   448 C  CE1 . TYR A 1 62  ? 3.779   -0.532  12.438  1.00 39.88 ? 67  TYR A CE1 1 
ATOM   449 C  CE2 . TYR A 1 62  ? 5.699   -1.001  11.087  1.00 38.01 ? 67  TYR A CE2 1 
ATOM   450 C  CZ  . TYR A 1 62  ? 4.763   -1.404  12.015  1.00 39.45 ? 67  TYR A CZ  1 
ATOM   451 O  OH  . TYR A 1 62  ? 4.817   -2.681  12.521  1.00 39.62 ? 67  TYR A OH  1 
ATOM   452 N  N   . ASP A 1 63  ? 6.107   4.695   13.099  1.00 52.22 ? 68  ASP A N   1 
ATOM   453 C  CA  . ASP A 1 63  ? 7.336   4.827   13.869  1.00 58.30 ? 68  ASP A CA  1 
ATOM   454 C  C   . ASP A 1 63  ? 7.373   3.851   15.011  1.00 61.40 ? 68  ASP A C   1 
ATOM   455 O  O   . ASP A 1 63  ? 8.445   3.436   15.458  1.00 63.86 ? 68  ASP A O   1 
ATOM   456 C  CB  . ASP A 1 63  ? 7.503   6.244   14.397  1.00 63.90 ? 68  ASP A CB  1 
ATOM   457 C  CG  . ASP A 1 63  ? 8.258   7.107   13.443  1.00 64.33 ? 68  ASP A CG  1 
ATOM   458 O  OD1 . ASP A 1 63  ? 8.123   6.846   12.231  1.00 60.49 ? 68  ASP A OD1 1 
ATOM   459 O  OD2 . ASP A 1 63  ? 8.994   8.009   13.894  1.00 68.56 ? 68  ASP A OD2 1 
ATOM   460 N  N   . GLU A 1 64  ? 6.199   3.489   15.501  1.00 62.00 ? 69  GLU A N   1 
ATOM   461 C  CA  . GLU A 1 64  ? 6.161   2.468   16.518  1.00 65.83 ? 69  GLU A CA  1 
ATOM   462 C  C   . GLU A 1 64  ? 5.920   1.101   15.923  1.00 60.92 ? 69  GLU A C   1 
ATOM   463 O  O   . GLU A 1 64  ? 4.802   0.746   15.553  1.00 57.13 ? 69  GLU A O   1 
ATOM   464 C  CB  . GLU A 1 64  ? 5.160   2.756   17.625  1.00 71.61 ? 69  GLU A CB  1 
ATOM   465 C  CG  . GLU A 1 64  ? 5.174   1.660   18.681  1.00 76.96 ? 69  GLU A CG  1 
ATOM   466 C  CD  . GLU A 1 64  ? 6.527   1.506   19.388  1.00 82.72 ? 69  GLU A CD  1 
ATOM   467 O  OE1 . GLU A 1 64  ? 7.581   1.325   18.732  1.00 80.53 ? 69  GLU A OE1 1 
ATOM   468 O  OE2 . GLU A 1 64  ? 6.534   1.539   20.635  1.00 89.38 ? 69  GLU A OE2 1 
ATOM   469 N  N   . LYS A 1 65  ? 6.996   0.337   15.853  1.00 61.65 ? 70  LYS A N   1 
ATOM   470 C  CA  . LYS A 1 65  ? 6.980   -0.950  15.200  1.00 59.95 ? 70  LYS A CA  1 
ATOM   471 C  C   . LYS A 1 65  ? 6.409   -2.042  16.096  1.00 62.04 ? 70  LYS A C   1 
ATOM   472 O  O   . LYS A 1 65  ? 5.852   -3.011  15.599  1.00 60.07 ? 70  LYS A O   1 
ATOM   473 C  CB  . LYS A 1 65  ? 8.398   -1.319  14.766  1.00 60.21 ? 70  LYS A CB  1 
ATOM   474 C  CG  . LYS A 1 65  ? 9.147   -0.195  14.063  1.00 59.30 ? 70  LYS A CG  1 
ATOM   475 C  CD  . LYS A 1 65  ? 8.628   0.014   12.652  1.00 54.26 ? 70  LYS A CD  1 
ATOM   476 C  CE  . LYS A 1 65  ? 9.411   1.097   11.931  1.00 53.70 ? 70  LYS A CE  1 
ATOM   477 N  NZ  . LYS A 1 65  ? 10.838  1.083   12.343  1.00 57.17 ? 70  LYS A NZ  1 
ATOM   478 N  N   . GLN A 1 66  ? 6.512   -1.881  17.418  1.00 66.37 ? 71  GLN A N   1 
ATOM   479 C  CA  . GLN A 1 66  ? 6.109   -2.965  18.308  1.00 69.03 ? 71  GLN A CA  1 
ATOM   480 C  C   . GLN A 1 66  ? 4.608   -3.148  18.511  1.00 67.24 ? 71  GLN A C   1 
ATOM   481 O  O   . GLN A 1 66  ? 4.198   -4.018  19.281  1.00 69.84 ? 71  GLN A O   1 
ATOM   482 C  CB  . GLN A 1 66  ? 6.826   -2.897  19.665  1.00 76.70 ? 71  GLN A CB  1 
ATOM   483 C  CG  . GLN A 1 66  ? 7.261   -1.517  20.091  1.00 80.96 ? 71  GLN A CG  1 
ATOM   484 C  CD  . GLN A 1 66  ? 8.735   -1.449  20.433  1.00 84.88 ? 71  GLN A CD  1 
ATOM   485 O  OE1 . GLN A 1 66  ? 9.549   -2.205  19.898  1.00 83.72 ? 71  GLN A OE1 1 
ATOM   486 N  NE2 . GLN A 1 66  ? 9.092   -0.540  21.329  1.00 89.46 ? 71  GLN A NE2 1 
ATOM   487 N  N   . GLN A 1 67  ? 3.790   -2.373  17.826  1.00 63.70 ? 72  GLN A N   1 
ATOM   488 C  CA  . GLN A 1 67  ? 2.350   -2.557  17.975  1.00 63.73 ? 72  GLN A CA  1 
ATOM   489 C  C   . GLN A 1 67  ? 1.629   -2.806  16.655  1.00 57.11 ? 72  GLN A C   1 
ATOM   490 O  O   . GLN A 1 67  ? 0.442   -3.138  16.638  1.00 55.81 ? 72  GLN A O   1 
ATOM   491 C  CB  . GLN A 1 67  ? 1.717   -1.396  18.737  1.00 69.00 ? 72  GLN A CB  1 
ATOM   492 C  CG  . GLN A 1 67  ? 0.390   -1.774  19.365  1.00 73.11 ? 72  GLN A CG  1 
ATOM   493 C  CD  . GLN A 1 67  ? -0.108  -0.741  20.337  1.00 79.95 ? 72  GLN A CD  1 
ATOM   494 O  OE1 . GLN A 1 67  ? 0.571   -0.409  21.307  1.00 85.43 ? 72  GLN A OE1 1 
ATOM   495 N  NE2 . GLN A 1 67  ? -1.301  -0.218  20.083  1.00 79.94 ? 72  GLN A NE2 1 
ATOM   496 N  N   . HIS A 1 68  ? 2.357   -2.642  15.555  1.00 53.50 ? 73  HIS A N   1 
ATOM   497 C  CA  . HIS A 1 68  ? 1.866   -3.031  14.240  1.00 49.79 ? 73  HIS A CA  1 
ATOM   498 C  C   . HIS A 1 68  ? 0.630   -2.268  13.811  1.00 47.17 ? 73  HIS A C   1 
ATOM   499 O  O   . HIS A 1 68  ? -0.276  -2.841  13.201  1.00 45.16 ? 73  HIS A O   1 
ATOM   500 C  CB  . HIS A 1 68  ? 1.575   -4.531  14.201  1.00 52.00 ? 73  HIS A CB  1 
ATOM   501 C  CG  . HIS A 1 68  ? 2.782   -5.382  14.418  1.00 56.28 ? 73  HIS A CG  1 
ATOM   502 N  ND1 . HIS A 1 68  ? 3.351   -5.570  15.661  1.00 61.67 ? 73  HIS A ND1 1 
ATOM   503 C  CD2 . HIS A 1 68  ? 3.540   -6.089  13.548  1.00 55.77 ? 73  HIS A CD2 1 
ATOM   504 C  CE1 . HIS A 1 68  ? 4.398   -6.358  15.547  1.00 62.79 ? 73  HIS A CE1 1 
ATOM   505 N  NE2 . HIS A 1 68  ? 4.540   -6.690  14.276  1.00 59.38 ? 73  HIS A NE2 1 
ATOM   506 N  N   . ILE A 1 69  ? 0.593   -0.981  14.136  1.00 46.41 ? 74  ILE A N   1 
ATOM   507 C  CA  . ILE A 1 69  ? -0.502  -0.121  13.715  1.00 42.83 ? 74  ILE A CA  1 
ATOM   508 C  C   . ILE A 1 69  ? 0.042   1.055   12.929  1.00 38.89 ? 74  ILE A C   1 
ATOM   509 O  O   . ILE A 1 69  ? 0.984   1.713   13.361  1.00 39.62 ? 74  ILE A O   1 
ATOM   510 C  CB  . ILE A 1 69  ? -1.282  0.431   14.914  1.00 47.69 ? 74  ILE A CB  1 
ATOM   511 C  CG1 . ILE A 1 69  ? -1.828  -0.709  15.774  1.00 51.05 ? 74  ILE A CG1 1 
ATOM   512 C  CG2 . ILE A 1 69  ? -2.415  1.334   14.436  1.00 46.29 ? 74  ILE A CG2 1 
ATOM   513 C  CD1 . ILE A 1 69  ? -3.162  -1.256  15.303  1.00 49.71 ? 74  ILE A CD1 1 
ATOM   514 N  N   . VAL A 1 70  ? -0.537  1.310   11.763  1.00 36.72 ? 75  VAL A N   1 
ATOM   515 C  CA  . VAL A 1 70  ? -0.225  2.530   11.040  1.00 38.34 ? 75  VAL A CA  1 
ATOM   516 C  C   . VAL A 1 70  ? -1.322  3.547   11.292  1.00 41.98 ? 75  VAL A C   1 
ATOM   517 O  O   . VAL A 1 70  ? -2.475  3.330   10.926  1.00 42.41 ? 75  VAL A O   1 
ATOM   518 C  CB  . VAL A 1 70  ? -0.066  2.293   9.528   1.00 35.44 ? 75  VAL A CB  1 
ATOM   519 C  CG1 . VAL A 1 70  ? -0.097  3.622   8.781   1.00 36.91 ? 75  VAL A CG1 1 
ATOM   520 C  CG2 . VAL A 1 70  ? 1.228   1.560   9.249   1.00 31.47 ? 75  VAL A CG2 1 
ATOM   521 N  N   . TYR A 1 71  ? -0.965  4.646   11.948  1.00 45.97 ? 76  TYR A N   1 
ATOM   522 C  CA  . TYR A 1 71  ? -1.896  5.743   12.181  1.00 48.79 ? 76  TYR A CA  1 
ATOM   523 C  C   . TYR A 1 71  ? -1.862  6.662   10.963  1.00 48.07 ? 76  TYR A C   1 
ATOM   524 O  O   . TYR A 1 71  ? -0.783  7.054   10.531  1.00 47.68 ? 76  TYR A O   1 
ATOM   525 C  CB  . TYR A 1 71  ? -1.480  6.512   13.437  1.00 52.55 ? 76  TYR A CB  1 
ATOM   526 N  N   . CYS A 1 72  ? -3.018  7.000   10.406  1.00 48.95 ? 77  CYS A N   1 
ATOM   527 C  CA  . CYS A 1 72  ? -3.046  7.766   9.167   1.00 48.44 ? 77  CYS A CA  1 
ATOM   528 C  C   . CYS A 1 72  ? -4.281  8.652   9.012   1.00 52.02 ? 77  CYS A C   1 
ATOM   529 O  O   . CYS A 1 72  ? -4.548  9.152   7.923   1.00 51.96 ? 77  CYS A O   1 
ATOM   530 C  CB  . CYS A 1 72  ? -2.950  6.812   7.981   1.00 43.99 ? 77  CYS A CB  1 
ATOM   531 S  SG  . CYS A 1 72  ? -4.087  5.434   8.078   1.00 55.22 ? 77  CYS A SG  1 
ATOM   532 N  N   . SER A 1 73  ? -5.015  8.844   10.105  1.00 55.82 ? 78  SER A N   1 
ATOM   533 C  CA  . SER A 1 73  ? -6.277  9.590   10.109  1.00 57.20 ? 78  SER A CA  1 
ATOM   534 C  C   . SER A 1 73  ? -6.239  10.908  9.343   1.00 55.51 ? 78  SER A C   1 
ATOM   535 O  O   . SER A 1 73  ? -7.218  11.281  8.694   1.00 55.98 ? 78  SER A O   1 
ATOM   536 C  CB  . SER A 1 73  ? -6.708  9.889   11.547  1.00 63.60 ? 78  SER A CB  1 
ATOM   537 O  OG  . SER A 1 73  ? -6.526  8.768   12.392  1.00 65.67 ? 78  SER A OG  1 
ATOM   538 N  N   . ASN A 1 74  ? -5.118  11.612  9.436   1.00 54.29 ? 79  ASN A N   1 
ATOM   539 C  CA  . ASN A 1 74  ? -4.977  12.933  8.856   1.00 55.00 ? 79  ASN A CA  1 
ATOM   540 C  C   . ASN A 1 74  ? -3.786  12.956  7.924   1.00 50.18 ? 79  ASN A C   1 
ATOM   541 O  O   . ASN A 1 74  ? -3.089  13.961  7.791   1.00 51.42 ? 79  ASN A O   1 
ATOM   542 C  CB  . ASN A 1 74  ? -4.828  13.990  9.955   1.00 61.88 ? 79  ASN A CB  1 
ATOM   543 C  CG  . ASN A 1 74  ? -3.528  13.862  10.716  1.00 65.10 ? 79  ASN A CG  1 
ATOM   544 O  OD1 . ASN A 1 74  ? -2.919  12.793  10.761  1.00 65.31 ? 79  ASN A OD1 1 
ATOM   545 N  ND2 . ASN A 1 74  ? -3.098  14.955  11.325  1.00 68.31 ? 79  ASN A ND2 1 
ATOM   546 N  N   . ASP A 1 75  ? -3.552  11.820  7.295   1.00 45.75 ? 80  ASP A N   1 
ATOM   547 C  CA  . ASP A 1 75  ? -2.550  11.702  6.268   1.00 42.96 ? 80  ASP A CA  1 
ATOM   548 C  C   . ASP A 1 75  ? -3.276  11.265  5.015   1.00 38.13 ? 80  ASP A C   1 
ATOM   549 O  O   . ASP A 1 75  ? -4.381  10.741  5.106   1.00 39.07 ? 80  ASP A O   1 
ATOM   550 C  CB  . ASP A 1 75  ? -1.546  10.644  6.655   1.00 43.92 ? 80  ASP A CB  1 
ATOM   551 C  CG  . ASP A 1 75  ? -0.399  10.621  5.735   1.00 44.41 ? 80  ASP A CG  1 
ATOM   552 O  OD1 . ASP A 1 75  ? 0.530   11.389  6.033   1.00 47.23 ? 80  ASP A OD1 1 
ATOM   553 O  OD2 . ASP A 1 75  ? -0.452  9.895   4.714   1.00 43.04 ? 80  ASP A OD2 1 
ATOM   554 N  N   . LEU A 1 76  ? -2.671  11.479  3.853   1.00 34.59 ? 81  LEU A N   1 
ATOM   555 C  CA  . LEU A 1 76  ? -3.285  11.092  2.586   1.00 33.59 ? 81  LEU A CA  1 
ATOM   556 C  C   . LEU A 1 76  ? -3.677  9.619   2.545   1.00 34.68 ? 81  LEU A C   1 
ATOM   557 O  O   . LEU A 1 76  ? -4.712  9.260   1.981   1.00 35.38 ? 81  LEU A O   1 
ATOM   558 C  CB  . LEU A 1 76  ? -2.337  11.395  1.431   1.00 33.64 ? 81  LEU A CB  1 
ATOM   559 C  CG  . LEU A 1 76  ? -2.219  12.857  1.022   1.00 37.50 ? 81  LEU A CG  1 
ATOM   560 C  CD1 . LEU A 1 76  ? -1.014  13.048  0.127   1.00 36.48 ? 81  LEU A CD1 1 
ATOM   561 C  CD2 . LEU A 1 76  ? -3.486  13.284  0.312   1.00 40.04 ? 81  LEU A CD2 1 
ATOM   562 N  N   . LEU A 1 77  ? -2.837  8.774   3.139   1.00 35.22 ? 82  LEU A N   1 
ATOM   563 C  CA  . LEU A 1 77  ? -3.085  7.340   3.197   1.00 33.87 ? 82  LEU A CA  1 
ATOM   564 C  C   . LEU A 1 77  ? -4.438  7.056   3.835   1.00 35.37 ? 82  LEU A C   1 
ATOM   565 O  O   . LEU A 1 77  ? -5.164  6.160   3.406   1.00 36.65 ? 82  LEU A O   1 
ATOM   566 C  CB  . LEU A 1 77  ? -1.977  6.646   3.988   1.00 33.76 ? 82  LEU A CB  1 
ATOM   567 C  CG  . LEU A 1 77  ? -2.049  5.123   4.069   1.00 31.68 ? 82  LEU A CG  1 
ATOM   568 C  CD1 . LEU A 1 77  ? -1.862  4.510   2.696   1.00 31.13 ? 82  LEU A CD1 1 
ATOM   569 C  CD2 . LEU A 1 77  ? -1.011  4.606   5.044   1.00 31.14 ? 82  LEU A CD2 1 
ATOM   570 N  N   . GLY A 1 78  ? -4.773  7.838   4.858   1.00 36.09 ? 83  GLY A N   1 
ATOM   571 C  CA  . GLY A 1 78  ? -6.057  7.729   5.517   1.00 36.47 ? 83  GLY A CA  1 
ATOM   572 C  C   . GLY A 1 78  ? -7.202  8.019   4.572   1.00 36.21 ? 83  GLY A C   1 
ATOM   573 O  O   . GLY A 1 78  ? -8.261  7.406   4.663   1.00 36.83 ? 83  GLY A O   1 
ATOM   574 N  N   . ASP A 1 79  ? -6.994  8.956   3.657   1.00 37.17 ? 84  ASP A N   1 
ATOM   575 C  CA  . ASP A 1 79  ? -8.032  9.289   2.693   1.00 42.37 ? 84  ASP A CA  1 
ATOM   576 C  C   . ASP A 1 79  ? -8.088  8.219   1.617   1.00 43.51 ? 84  ASP A C   1 
ATOM   577 O  O   . ASP A 1 79  ? -9.161  7.864   1.138   1.00 46.41 ? 84  ASP A O   1 
ATOM   578 C  CB  . ASP A 1 79  ? -7.789  10.665  2.069   1.00 46.79 ? 84  ASP A CB  1 
ATOM   579 C  CG  . ASP A 1 79  ? -9.029  11.553  2.111   1.00 51.90 ? 84  ASP A CG  1 
ATOM   580 O  OD1 . ASP A 1 79  ? -10.116 11.050  2.468   1.00 53.67 ? 84  ASP A OD1 1 
ATOM   581 O  OD2 . ASP A 1 79  ? -8.922  12.751  1.785   1.00 53.93 ? 84  ASP A OD2 1 
ATOM   582 N  N   . LEU A 1 80  ? -6.923  7.702   1.247   1.00 42.11 ? 85  LEU A N   1 
ATOM   583 C  CA  . LEU A 1 80  ? -6.846  6.645   0.250   1.00 41.70 ? 85  LEU A CA  1 
ATOM   584 C  C   . LEU A 1 80  ? -7.556  5.394   0.752   1.00 42.03 ? 85  LEU A C   1 
ATOM   585 O  O   . LEU A 1 80  ? -8.310  4.754   0.017   1.00 43.83 ? 85  LEU A O   1 
ATOM   586 C  CB  . LEU A 1 80  ? -5.387  6.317   -0.073  1.00 39.01 ? 85  LEU A CB  1 
ATOM   587 C  CG  . LEU A 1 80  ? -5.167  5.405   -1.282  1.00 38.04 ? 85  LEU A CG  1 
ATOM   588 C  CD1 . LEU A 1 80  ? -5.427  6.158   -2.577  1.00 38.88 ? 85  LEU A CD1 1 
ATOM   589 C  CD2 . LEU A 1 80  ? -3.767  4.817   -1.271  1.00 35.72 ? 85  LEU A CD2 1 
ATOM   590 N  N   . PHE A 1 81  ? -7.315  5.056   2.013   1.00 39.34 ? 86  PHE A N   1 
ATOM   591 C  CA  . PHE A 1 81  ? -7.894  3.857   2.603   1.00 37.35 ? 86  PHE A CA  1 
ATOM   592 C  C   . PHE A 1 81  ? -9.281  4.105   3.180   1.00 39.77 ? 86  PHE A C   1 
ATOM   593 O  O   . PHE A 1 81  ? -10.125 3.216   3.173   1.00 42.54 ? 86  PHE A O   1 
ATOM   594 C  CB  . PHE A 1 81  ? -6.969  3.286   3.675   1.00 35.06 ? 86  PHE A CB  1 
ATOM   595 C  CG  . PHE A 1 81  ? -5.779  2.559   3.123   1.00 33.44 ? 86  PHE A CG  1 
ATOM   596 C  CD1 . PHE A 1 81  ? -4.735  2.186   3.948   1.00 33.03 ? 86  PHE A CD1 1 
ATOM   597 C  CD2 . PHE A 1 81  ? -5.707  2.244   1.778   1.00 32.45 ? 86  PHE A CD2 1 
ATOM   598 C  CE1 . PHE A 1 81  ? -3.644  1.511   3.446   1.00 30.97 ? 86  PHE A CE1 1 
ATOM   599 C  CE2 . PHE A 1 81  ? -4.616  1.575   1.270   1.00 31.01 ? 86  PHE A CE2 1 
ATOM   600 C  CZ  . PHE A 1 81  ? -3.583  1.209   2.106   1.00 30.30 ? 86  PHE A CZ  1 
ATOM   601 N  N   . GLY A 1 82  ? -9.518  5.313   3.681   1.00 40.53 ? 87  GLY A N   1 
ATOM   602 C  CA  . GLY A 1 82  ? -10.805 5.641   4.268   1.00 42.84 ? 87  GLY A CA  1 
ATOM   603 C  C   . GLY A 1 82  ? -10.944 5.043   5.652   1.00 42.72 ? 87  GLY A C   1 
ATOM   604 O  O   . GLY A 1 82  ? -12.028 4.636   6.061   1.00 45.94 ? 87  GLY A O   1 
ATOM   605 N  N   . VAL A 1 83  ? -9.825  4.958   6.363   1.00 40.44 ? 88  VAL A N   1 
ATOM   606 C  CA  . VAL A 1 83  ? -9.781  4.417   7.723   1.00 41.20 ? 88  VAL A CA  1 
ATOM   607 C  C   . VAL A 1 83  ? -8.825  5.335   8.502   1.00 41.22 ? 88  VAL A C   1 
ATOM   608 O  O   . VAL A 1 83  ? -7.926  5.917   7.896   1.00 39.16 ? 88  VAL A O   1 
ATOM   609 C  CB  . VAL A 1 83  ? -9.280  2.935   7.717   1.00 39.95 ? 88  VAL A CB  1 
ATOM   610 C  CG1 . VAL A 1 83  ? -9.683  2.227   8.987   1.00 42.85 ? 88  VAL A CG1 1 
ATOM   611 C  CG2 . VAL A 1 83  ? -9.858  2.161   6.531   1.00 37.89 ? 88  VAL A CG2 1 
ATOM   612 N  N   . PRO A 1 84  ? -9.019  5.498   9.824   1.00 45.03 ? 89  PRO A N   1 
ATOM   613 C  CA  . PRO A 1 84  ? -8.054  6.324   10.559  1.00 47.51 ? 89  PRO A CA  1 
ATOM   614 C  C   . PRO A 1 84  ? -6.735  5.593   10.818  1.00 48.27 ? 89  PRO A C   1 
ATOM   615 O  O   . PRO A 1 84  ? -5.678  6.215   10.943  1.00 48.59 ? 89  PRO A O   1 
ATOM   616 C  CB  . PRO A 1 84  ? -8.782  6.602   11.883  1.00 51.44 ? 89  PRO A CB  1 
ATOM   617 C  CG  . PRO A 1 84  ? -9.672  5.423   12.065  1.00 52.13 ? 89  PRO A CG  1 
ATOM   618 C  CD  . PRO A 1 84  ? -10.168 5.134   10.665  1.00 48.98 ? 89  PRO A CD  1 
ATOM   619 N  N   . SER A 1 85  ? -6.799  4.269   10.869  1.00 48.92 ? 90  SER A N   1 
ATOM   620 C  CA  . SER A 1 85  ? -5.648  3.461   11.235  1.00 49.30 ? 90  SER A CA  1 
ATOM   621 C  C   . SER A 1 85  ? -5.905  2.033   10.798  1.00 46.50 ? 90  SER A C   1 
ATOM   622 O  O   . SER A 1 85  ? -7.048  1.652   10.558  1.00 47.68 ? 90  SER A O   1 
ATOM   623 C  CB  . SER A 1 85  ? -5.450  3.494   12.748  1.00 54.46 ? 90  SER A CB  1 
ATOM   624 O  OG  . SER A 1 85  ? -6.479  2.766   13.396  1.00 56.89 ? 90  SER A OG  1 
ATOM   625 N  N   . PHE A 1 86  ? -4.848  1.240   10.703  1.00 42.83 ? 91  PHE A N   1 
ATOM   626 C  CA  . PHE A 1 86  ? -5.006  -0.165  10.367  1.00 38.67 ? 91  PHE A CA  1 
ATOM   627 C  C   . PHE A 1 86  ? -3.829  -0.987  10.871  1.00 37.43 ? 91  PHE A C   1 
ATOM   628 O  O   . PHE A 1 86  ? -2.764  -0.442  11.184  1.00 38.21 ? 91  PHE A O   1 
ATOM   629 C  CB  . PHE A 1 86  ? -5.182  -0.351  8.857   1.00 34.98 ? 91  PHE A CB  1 
ATOM   630 C  CG  . PHE A 1 86  ? -3.989  0.071   8.048   1.00 32.90 ? 91  PHE A CG  1 
ATOM   631 C  CD1 . PHE A 1 86  ? -2.976  -0.827  7.761   1.00 30.61 ? 91  PHE A CD1 1 
ATOM   632 C  CD2 . PHE A 1 86  ? -3.886  1.362   7.565   1.00 33.23 ? 91  PHE A CD2 1 
ATOM   633 C  CE1 . PHE A 1 86  ? -1.880  -0.441  7.017   1.00 28.71 ? 91  PHE A CE1 1 
ATOM   634 C  CE2 . PHE A 1 86  ? -2.791  1.751   6.818   1.00 31.14 ? 91  PHE A CE2 1 
ATOM   635 C  CZ  . PHE A 1 86  ? -1.791  0.851   6.545   1.00 28.87 ? 91  PHE A CZ  1 
ATOM   636 N  N   . SER A 1 87  ? -4.038  -2.297  10.953  1.00 34.34 ? 92  SER A N   1 
ATOM   637 C  CA  . SER A 1 87  ? -3.001  -3.231  11.359  1.00 33.41 ? 92  SER A CA  1 
ATOM   638 C  C   . SER A 1 87  ? -2.160  -3.622  10.159  1.00 31.70 ? 92  SER A C   1 
ATOM   639 O  O   . SER A 1 87  ? -2.687  -3.860  9.072   1.00 30.83 ? 92  SER A O   1 
ATOM   640 C  CB  . SER A 1 87  ? -3.628  -4.485  11.964  1.00 33.53 ? 92  SER A CB  1 
ATOM   641 O  OG  . SER A 1 87  ? -2.647  -5.473  12.222  1.00 31.39 ? 92  SER A OG  1 
ATOM   642 N  N   . VAL A 1 88  ? -0.851  -3.695  10.354  1.00 31.18 ? 93  VAL A N   1 
ATOM   643 C  CA  . VAL A 1 88  ? 0.036   -4.090  9.275   1.00 29.02 ? 93  VAL A CA  1 
ATOM   644 C  C   . VAL A 1 88  ? 0.111   -5.608  9.207   1.00 32.68 ? 93  VAL A C   1 
ATOM   645 O  O   . VAL A 1 88  ? 0.718   -6.165  8.296   1.00 33.06 ? 93  VAL A O   1 
ATOM   646 C  CB  . VAL A 1 88  ? 1.437   -3.506  9.459   1.00 27.84 ? 93  VAL A CB  1 
ATOM   647 C  CG1 . VAL A 1 88  ? 1.340   -2.013  9.684   1.00 29.55 ? 93  VAL A CG1 1 
ATOM   648 C  CG2 . VAL A 1 88  ? 2.131   -4.167  10.631  1.00 26.96 ? 93  VAL A CG2 1 
ATOM   649 N  N   . LYS A 1 89  ? -0.522  -6.265  10.176  1.00 36.18 ? 94  LYS A N   1 
ATOM   650 C  CA  . LYS A 1 89  ? -0.558  -7.722  10.248  1.00 37.82 ? 94  LYS A CA  1 
ATOM   651 C  C   . LYS A 1 89  ? -1.747  -8.289  9.478   1.00 37.22 ? 94  LYS A C   1 
ATOM   652 O  O   . LYS A 1 89  ? -1.756  -9.464  9.109   1.00 36.47 ? 94  LYS A O   1 
ATOM   653 C  CB  . LYS A 1 89  ? -0.638  -8.180  11.704  1.00 41.53 ? 94  LYS A CB  1 
ATOM   654 C  CG  . LYS A 1 89  ? 0.507   -7.707  12.582  1.00 44.13 ? 94  LYS A CG  1 
ATOM   655 C  CD  . LYS A 1 89  ? 0.237   -8.039  14.041  1.00 48.52 ? 94  LYS A CD  1 
ATOM   656 C  CE  . LYS A 1 89  ? 0.155   -9.542  14.265  1.00 49.77 ? 94  LYS A CE  1 
ATOM   657 N  NZ  . LYS A 1 89  ? 1.494   -10.190 14.182  1.00 49.89 ? 94  LYS A NZ  1 
ATOM   658 N  N   . GLU A 1 90  ? -2.754  -7.453  9.245   1.00 36.80 ? 95  GLU A N   1 
ATOM   659 C  CA  A GLU A 1 90  ? -3.961  -7.863  8.530   0.53 36.54 ? 95  GLU A CA  1 
ATOM   660 C  CA  B GLU A 1 90  ? -3.945  -7.893  8.529   0.47 36.40 ? 95  GLU A CA  1 
ATOM   661 C  C   . GLU A 1 90  ? -3.814  -7.606  7.036   1.00 33.49 ? 95  GLU A C   1 
ATOM   662 O  O   . GLU A 1 90  ? -4.285  -6.591  6.530   1.00 32.91 ? 95  GLU A O   1 
ATOM   663 C  CB  A GLU A 1 90  ? -5.174  -7.098  9.063   0.53 38.69 ? 95  GLU A CB  1 
ATOM   664 C  CB  B GLU A 1 90  ? -5.198  -7.270  9.148   0.47 38.91 ? 95  GLU A CB  1 
ATOM   665 C  CG  A GLU A 1 90  ? -5.469  -7.330  10.537  0.53 42.41 ? 95  GLU A CG  1 
ATOM   666 C  CG  B GLU A 1 90  ? -5.501  -7.850  10.529  0.47 42.66 ? 95  GLU A CG  1 
ATOM   667 C  CD  A GLU A 1 90  ? -6.296  -8.579  10.780  0.53 44.69 ? 95  GLU A CD  1 
ATOM   668 C  CD  B GLU A 1 90  ? -6.371  -6.955  11.390  0.47 44.95 ? 95  GLU A CD  1 
ATOM   669 O  OE1 A GLU A 1 90  ? -6.597  -9.296  9.803   0.53 43.23 ? 95  GLU A OE1 1 
ATOM   670 O  OE1 B GLU A 1 90  ? -6.951  -5.986  10.859  0.47 45.04 ? 95  GLU A OE1 1 
ATOM   671 O  OE2 A GLU A 1 90  ? -6.650  -8.838  11.950  0.53 48.69 ? 95  GLU A OE2 1 
ATOM   672 O  OE2 B GLU A 1 90  ? -6.470  -7.224  12.606  0.47 47.12 ? 95  GLU A OE2 1 
ATOM   673 N  N   . HIS A 1 91  ? -3.166  -8.529  6.336   1.00 31.40 ? 96  HIS A N   1 
ATOM   674 C  CA  . HIS A 1 91  ? -2.781  -8.307  4.947   1.00 27.94 ? 96  HIS A CA  1 
ATOM   675 C  C   . HIS A 1 91  ? -3.913  -8.360  3.935   1.00 24.36 ? 96  HIS A C   1 
ATOM   676 O  O   . HIS A 1 91  ? -3.905  -7.601  2.969   1.00 24.79 ? 96  HIS A O   1 
ATOM   677 C  CB  . HIS A 1 91  ? -1.651  -9.255  4.548   1.00 30.47 ? 96  HIS A CB  1 
ATOM   678 C  CG  . HIS A 1 91  ? -0.403  -9.069  5.357   1.00 32.49 ? 96  HIS A CG  1 
ATOM   679 N  ND1 . HIS A 1 91  ? 0.804   -9.610  4.990   1.00 33.44 ? 96  HIS A ND1 1 
ATOM   680 C  CD2 . HIS A 1 91  ? -0.189  -8.401  6.513   1.00 33.03 ? 96  HIS A CD2 1 
ATOM   681 C  CE1 . HIS A 1 91  ? 1.721   -9.283  5.891   1.00 34.76 ? 96  HIS A CE1 1 
ATOM   682 N  NE2 . HIS A 1 91  ? 1.143   -8.548  6.822   1.00 34.32 ? 96  HIS A NE2 1 
ATOM   683 N  N   . ARG A 1 92  ? -4.876  -9.249  4.145   1.00 23.78 ? 97  ARG A N   1 
ATOM   684 C  CA  . ARG A 1 92  ? -6.016  -9.334  3.242   1.00 25.45 ? 97  ARG A CA  1 
ATOM   685 C  C   . ARG A 1 92  ? -6.739  -7.998  3.185   1.00 27.21 ? 97  ARG A C   1 
ATOM   686 O  O   . ARG A 1 92  ? -7.094  -7.519  2.111   1.00 30.09 ? 97  ARG A O   1 
ATOM   687 C  CB  . ARG A 1 92  ? -6.980  -10.441 3.673   1.00 26.16 ? 97  ARG A CB  1 
ATOM   688 C  CG  . ARG A 1 92  ? -8.289  -10.463 2.899   1.00 26.88 ? 97  ARG A CG  1 
ATOM   689 C  CD  . ARG A 1 92  ? -8.055  -10.431 1.397   1.00 27.56 ? 97  ARG A CD  1 
ATOM   690 N  NE  . ARG A 1 92  ? -7.279  -11.575 0.934   1.00 28.75 ? 97  ARG A NE  1 
ATOM   691 C  CZ  . ARG A 1 92  ? -6.704  -11.648 -0.261  1.00 28.28 ? 97  ARG A CZ  1 
ATOM   692 N  NH1 . ARG A 1 92  ? -6.812  -10.637 -1.114  1.00 25.90 ? 97  ARG A NH1 1 
ATOM   693 N  NH2 . ARG A 1 92  ? -6.014  -12.729 -0.601  1.00 30.13 ? 97  ARG A NH2 1 
ATOM   694 N  N   . LYS A 1 93  ? -6.942  -7.392  4.347   1.00 28.02 ? 98  LYS A N   1 
ATOM   695 C  CA  . LYS A 1 93  ? -7.646  -6.118  4.414   1.00 28.23 ? 98  LYS A CA  1 
ATOM   696 C  C   . LYS A 1 93  ? -6.886  -5.026  3.679   1.00 25.52 ? 98  LYS A C   1 
ATOM   697 O  O   . LYS A 1 93  ? -7.479  -4.201  2.992   1.00 29.12 ? 98  LYS A O   1 
ATOM   698 C  CB  . LYS A 1 93  ? -7.868  -5.717  5.869   1.00 30.88 ? 98  LYS A CB  1 
ATOM   699 C  CG  . LYS A 1 93  ? -8.781  -6.659  6.624   1.00 34.49 ? 98  LYS A CG  1 
ATOM   700 C  CD  . LYS A 1 93  ? -8.873  -6.268  8.081   1.00 38.58 ? 98  LYS A CD  1 
ATOM   701 C  CE  . LYS A 1 93  ? -9.854  -7.155  8.824   1.00 42.71 ? 98  LYS A CE  1 
ATOM   702 N  NZ  . LYS A 1 93  ? -9.893  -6.819  10.272  1.00 45.90 ? 98  LYS A NZ  1 
ATOM   703 N  N   . ILE A 1 94  ? -5.566  -5.026  3.828   1.00 22.60 ? 99  ILE A N   1 
ATOM   704 C  CA  . ILE A 1 94  ? -4.728  -4.030  3.181   1.00 21.63 ? 99  ILE A CA  1 
ATOM   705 C  C   . ILE A 1 94  ? -4.873  -4.105  1.667   1.00 24.25 ? 99  ILE A C   1 
ATOM   706 O  O   . ILE A 1 94  ? -5.100  -3.087  1.012   1.00 26.08 ? 99  ILE A O   1 
ATOM   707 C  CB  . ILE A 1 94  ? -3.259  -4.196  3.590   1.00 21.60 ? 99  ILE A CB  1 
ATOM   708 C  CG1 . ILE A 1 94  ? -3.105  -3.882  5.078   1.00 23.98 ? 99  ILE A CG1 1 
ATOM   709 C  CG2 . ILE A 1 94  ? -2.370  -3.290  2.761   1.00 20.96 ? 99  ILE A CG2 1 
ATOM   710 C  CD1 . ILE A 1 94  ? -1.679  -3.906  5.571   1.00 24.73 ? 99  ILE A CD1 1 
ATOM   711 N  N   . TYR A 1 95  ? -4.758  -5.313  1.123   1.00 23.78 ? 100 TYR A N   1 
ATOM   712 C  CA  . TYR A 1 95  ? -4.997  -5.538  -0.297  1.00 23.26 ? 100 TYR A CA  1 
ATOM   713 C  C   . TYR A 1 95  ? -6.386  -5.063  -0.700  1.00 25.61 ? 100 TYR A C   1 
ATOM   714 O  O   . TYR A 1 95  ? -6.553  -4.427  -1.741  1.00 28.10 ? 100 TYR A O   1 
ATOM   715 C  CB  . TYR A 1 95  ? -4.823  -7.019  -0.649  1.00 22.28 ? 100 TYR A CB  1 
ATOM   716 C  CG  . TYR A 1 95  ? -3.467  -7.346  -1.219  1.00 20.26 ? 100 TYR A CG  1 
ATOM   717 C  CD1 . TYR A 1 95  ? -2.320  -7.163  -0.467  1.00 20.15 ? 100 TYR A CD1 1 
ATOM   718 C  CD2 . TYR A 1 95  ? -3.333  -7.843  -2.509  1.00 22.32 ? 100 TYR A CD2 1 
ATOM   719 C  CE1 . TYR A 1 95  ? -1.073  -7.464  -0.980  1.00 22.66 ? 100 TYR A CE1 1 
ATOM   720 C  CE2 . TYR A 1 95  ? -2.085  -8.147  -3.034  1.00 22.03 ? 100 TYR A CE2 1 
ATOM   721 C  CZ  . TYR A 1 95  ? -0.961  -7.952  -2.261  1.00 22.36 ? 100 TYR A CZ  1 
ATOM   722 O  OH  . TYR A 1 95  ? 0.284   -8.242  -2.761  1.00 24.79 ? 100 TYR A OH  1 
ATOM   723 N  N   . THR A 1 96  ? -7.376  -5.371  0.133   1.00 25.72 ? 101 THR A N   1 
ATOM   724 C  CA  . THR A 1 96  ? -8.755  -4.980  -0.125  1.00 27.71 ? 101 THR A CA  1 
ATOM   725 C  C   . THR A 1 96  ? -8.868  -3.475  -0.276  1.00 27.04 ? 101 THR A C   1 
ATOM   726 O  O   . THR A 1 96  ? -9.497  -2.976  -1.209  1.00 27.77 ? 101 THR A O   1 
ATOM   727 C  CB  . THR A 1 96  ? -9.677  -5.408  1.022   1.00 30.91 ? 101 THR A CB  1 
ATOM   728 O  OG1 . THR A 1 96  ? -9.661  -6.835  1.150   1.00 31.99 ? 101 THR A OG1 1 
ATOM   729 C  CG2 . THR A 1 96  ? -11.103 -4.930  0.768   1.00 32.01 ? 101 THR A CG2 1 
ATOM   730 N  N   . MET A 1 97  ? -8.252  -2.755  0.655   1.00 26.74 ? 102 MET A N   1 
ATOM   731 C  CA  . MET A 1 97  ? -8.264  -1.300  0.628   1.00 27.38 ? 102 MET A CA  1 
ATOM   732 C  C   . MET A 1 97  ? -7.518  -0.765  -0.583  1.00 27.50 ? 102 MET A C   1 
ATOM   733 O  O   . MET A 1 97  ? -7.933  0.221   -1.186  1.00 29.65 ? 102 MET A O   1 
ATOM   734 C  CB  . MET A 1 97  ? -7.650  -0.729  1.908   1.00 27.92 ? 102 MET A CB  1 
ATOM   735 C  CG  . MET A 1 97  ? -8.503  -0.921  3.150   1.00 30.83 ? 102 MET A CG  1 
ATOM   736 S  SD  . MET A 1 97  ? -7.787  -0.130  4.609   1.00 41.46 ? 102 MET A SD  1 
ATOM   737 C  CE  . MET A 1 97  ? -6.189  -0.937  4.697   1.00 20.81 ? 102 MET A CE  1 
ATOM   738 N  N   . ILE A 1 98  ? -6.411  -1.408  -0.939  1.00 25.87 ? 103 ILE A N   1 
ATOM   739 C  CA  . ILE A 1 98  ? -5.633  -0.963  -2.085  1.00 25.51 ? 103 ILE A CA  1 
ATOM   740 C  C   . ILE A 1 98  ? -6.421  -1.140  -3.376  1.00 29.07 ? 103 ILE A C   1 
ATOM   741 O  O   . ILE A 1 98  ? -6.412  -0.265  -4.240  1.00 31.24 ? 103 ILE A O   1 
ATOM   742 C  CB  . ILE A 1 98  ? -4.287  -1.696  -2.170  1.00 22.85 ? 103 ILE A CB  1 
ATOM   743 C  CG1 . ILE A 1 98  ? -3.420  -1.313  -0.978  1.00 20.59 ? 103 ILE A CG1 1 
ATOM   744 C  CG2 . ILE A 1 98  ? -3.550  -1.326  -3.437  1.00 23.09 ? 103 ILE A CG2 1 
ATOM   745 C  CD1 . ILE A 1 98  ? -2.192  -2.136  -0.845  1.00 18.84 ? 103 ILE A CD1 1 
ATOM   746 N  N   . TYR A 1 99  ? -7.123  -2.262  -3.484  1.00 30.55 ? 104 TYR A N   1 
ATOM   747 C  CA  . TYR A 1 99  ? -7.891  -2.596  -4.682  1.00 32.74 ? 104 TYR A CA  1 
ATOM   748 C  C   . TYR A 1 99  ? -8.870  -1.513  -5.098  1.00 35.16 ? 104 TYR A C   1 
ATOM   749 O  O   . TYR A 1 99  ? -9.072  -1.270  -6.289  1.00 37.32 ? 104 TYR A O   1 
ATOM   750 C  CB  . TYR A 1 99  ? -8.652  -3.902  -4.470  1.00 32.87 ? 104 TYR A CB  1 
ATOM   751 C  CG  . TYR A 1 99  ? -7.784  -5.121  -4.605  1.00 31.82 ? 104 TYR A CG  1 
ATOM   752 C  CD1 . TYR A 1 99  ? -6.741  -5.150  -5.519  1.00 31.06 ? 104 TYR A CD1 1 
ATOM   753 C  CD2 . TYR A 1 99  ? -8.000  -6.240  -3.816  1.00 31.41 ? 104 TYR A CD2 1 
ATOM   754 C  CE1 . TYR A 1 99  ? -5.944  -6.257  -5.649  1.00 30.27 ? 104 TYR A CE1 1 
ATOM   755 C  CE2 . TYR A 1 99  ? -7.206  -7.349  -3.934  1.00 31.32 ? 104 TYR A CE2 1 
ATOM   756 C  CZ  . TYR A 1 99  ? -6.180  -7.357  -4.855  1.00 31.53 ? 104 TYR A CZ  1 
ATOM   757 O  OH  . TYR A 1 99  ? -5.381  -8.470  -4.983  1.00 32.80 ? 104 TYR A OH  1 
ATOM   758 N  N   . ARG A 1 100 ? -9.477  -0.870  -4.108  1.00 35.46 ? 105 ARG A N   1 
ATOM   759 C  CA  . ARG A 1 100 ? -10.452 0.182   -4.358  1.00 37.46 ? 105 ARG A CA  1 
ATOM   760 C  C   . ARG A 1 100 ? -9.838  1.358   -5.107  1.00 36.44 ? 105 ARG A C   1 
ATOM   761 O  O   . ARG A 1 100 ? -10.523 2.062   -5.846  1.00 38.39 ? 105 ARG A O   1 
ATOM   762 C  CB  . ARG A 1 100 ? -11.057 0.649   -3.034  1.00 39.23 ? 105 ARG A CB  1 
ATOM   763 C  CG  . ARG A 1 100 ? -11.776 -0.460  -2.292  1.00 42.23 ? 105 ARG A CG  1 
ATOM   764 C  CD  . ARG A 1 100 ? -12.181 -0.052  -0.889  1.00 46.31 ? 105 ARG A CD  1 
ATOM   765 N  NE  . ARG A 1 100 ? -13.138 -1.002  -0.327  1.00 51.25 ? 105 ARG A NE  1 
ATOM   766 C  CZ  . ARG A 1 100 ? -13.065 -1.509  0.900   1.00 53.19 ? 105 ARG A CZ  1 
ATOM   767 N  NH1 . ARG A 1 100 ? -12.076 -1.156  1.709   1.00 52.51 ? 105 ARG A NH1 1 
ATOM   768 N  NH2 . ARG A 1 100 ? -13.985 -2.369  1.318   1.00 55.21 ? 105 ARG A NH2 1 
ATOM   769 N  N   . ASN A 1 101 ? -8.536  1.554   -4.930  1.00 34.36 ? 106 ASN A N   1 
ATOM   770 C  CA  . ASN A 1 101 ? -7.868  2.719   -5.493  1.00 34.56 ? 106 ASN A CA  1 
ATOM   771 C  C   . ASN A 1 101 ? -7.040  2.417   -6.733  1.00 31.49 ? 106 ASN A C   1 
ATOM   772 O  O   . ASN A 1 101 ? -6.011  3.049   -6.966  1.00 27.13 ? 106 ASN A O   1 
ATOM   773 C  CB  . ASN A 1 101 ? -6.995  3.386   -4.433  1.00 35.43 ? 106 ASN A CB  1 
ATOM   774 C  CG  . ASN A 1 101 ? -7.785  3.799   -3.215  1.00 38.05 ? 106 ASN A CG  1 
ATOM   775 O  OD1 . ASN A 1 101 ? -8.313  4.909   -3.151  1.00 39.71 ? 106 ASN A OD1 1 
ATOM   776 N  ND2 . ASN A 1 101 ? -7.877  2.904   -2.238  1.00 38.09 ? 106 ASN A ND2 1 
ATOM   777 N  N   . LEU A 1 102 ? -7.496  1.456   -7.530  1.00 33.62 ? 107 LEU A N   1 
ATOM   778 C  CA  . LEU A 1 102 ? -6.794  1.089   -8.753  1.00 34.16 ? 107 LEU A CA  1 
ATOM   779 C  C   . LEU A 1 102 ? -7.669  0.323   -9.732  1.00 35.83 ? 107 LEU A C   1 
ATOM   780 O  O   . LEU A 1 102 ? -8.685  -0.262  -9.352  1.00 34.35 ? 107 LEU A O   1 
ATOM   781 C  CB  . LEU A 1 102 ? -5.541  0.268   -8.427  1.00 33.18 ? 107 LEU A CB  1 
ATOM   782 C  CG  . LEU A 1 102 ? -5.641  -0.917  -7.456  1.00 31.50 ? 107 LEU A CG  1 
ATOM   783 C  CD1 . LEU A 1 102 ? -6.409  -2.101  -8.036  1.00 32.29 ? 107 LEU A CD1 1 
ATOM   784 C  CD2 . LEU A 1 102 ? -4.252  -1.357  -7.014  1.00 29.45 ? 107 LEU A CD2 1 
ATOM   785 N  N   . VAL A 1 103 ? -7.258  0.323   -10.994 1.00 40.23 ? 108 VAL A N   1 
ATOM   786 C  CA  . VAL A 1 103 ? -7.891  -0.522  -11.994 1.00 45.38 ? 108 VAL A CA  1 
ATOM   787 C  C   . VAL A 1 103 ? -7.007  -1.745  -12.229 1.00 47.28 ? 108 VAL A C   1 
ATOM   788 O  O   . VAL A 1 103 ? -5.778  -1.642  -12.277 1.00 46.53 ? 108 VAL A O   1 
ATOM   789 C  CB  . VAL A 1 103 ? -8.187  0.251   -13.313 1.00 58.17 ? 108 VAL A CB  1 
ATOM   790 C  CG1 . VAL A 1 103 ? -8.315  1.746   -13.035 1.00 57.67 ? 108 VAL A CG1 1 
ATOM   791 C  CG2 . VAL A 1 103 ? -7.121  -0.004  -14.375 1.00 59.99 ? 108 VAL A CG2 1 
ATOM   792 N  N   . VAL A 1 104 ? -7.632  -2.910  -12.321 1.00 49.79 ? 109 VAL A N   1 
ATOM   793 C  CA  . VAL A 1 104 ? -6.891  -4.132  -12.585 1.00 50.14 ? 109 VAL A CA  1 
ATOM   794 C  C   . VAL A 1 104 ? -6.781  -4.305  -14.088 1.00 58.13 ? 109 VAL A C   1 
ATOM   795 O  O   . VAL A 1 104 ? -7.767  -4.591  -14.760 1.00 59.31 ? 109 VAL A O   1 
ATOM   796 C  CB  . VAL A 1 104 ? -7.571  -5.353  -11.967 1.00 46.68 ? 109 VAL A CB  1 
ATOM   797 C  CG1 . VAL A 1 104 ? -6.718  -6.587  -12.186 1.00 45.87 ? 109 VAL A CG1 1 
ATOM   798 C  CG2 . VAL A 1 104 ? -7.807  -5.122  -10.484 1.00 41.47 ? 109 VAL A CG2 1 
ATOM   799 N  N   . VAL A 1 105 ? -5.563  -4.118  -14.592 1.00 66.11 ? 110 VAL A N   1 
ATOM   800 C  CA  . VAL A 1 105 ? -5.270  -4.065  -16.023 1.00 35.96 ? 110 VAL A CA  1 
ATOM   801 C  C   . VAL A 1 105 ? -5.991  -5.129  -16.853 1.00 42.15 ? 110 VAL A C   1 
ATOM   802 O  O   . VAL A 1 105 ? -5.818  -6.327  -16.620 1.00 42.18 ? 110 VAL A O   1 
ATOM   803 C  CB  . VAL A 1 105 ? -3.752  -4.202  -16.271 1.00 37.99 ? 110 VAL A CB  1 
ATOM   804 C  CG1 . VAL A 1 105 ? -3.433  -4.020  -17.750 1.00 39.06 ? 110 VAL A CG1 1 
ATOM   805 C  CG2 . VAL A 1 105 ? -2.986  -3.200  -15.431 1.00 38.37 ? 110 VAL A CG2 1 
ATOM   806 O  OXT . VAL A 1 105 ? -6.754  -4.813  -17.774 1.00 44.19 ? 110 VAL A OXT 1 
HETATM 807 C  C11 . 2U1 B 2 .   ? 1.636   -6.026  4.002   1.00 26.30 ? 201 2U1 A C11 1 
HETATM 808 C  C10 . 2U1 B 2 .   ? 1.144   -6.479  2.788   1.00 26.03 ? 201 2U1 A C10 1 
HETATM 809 CL CL1 . 2U1 B 2 .   ? -0.558  -6.445  2.501   1.00 26.90 ? 201 2U1 A CL1 1 
HETATM 810 C  C9  . 2U1 B 2 .   ? 2.010   -6.961  1.815   1.00 26.72 ? 201 2U1 A C9  1 
HETATM 811 C  C8  . 2U1 B 2 .   ? 3.378   -6.981  2.059   1.00 27.73 ? 201 2U1 A C8  1 
HETATM 812 C  C7  . 2U1 B 2 .   ? 3.868   -6.523  3.277   1.00 27.85 ? 201 2U1 A C7  1 
HETATM 813 C  C6  . 2U1 B 2 .   ? 2.998   -6.041  4.245   1.00 26.13 ? 201 2U1 A C6  1 
HETATM 814 C  C2  . 2U1 B 2 .   ? 3.547   -5.546  5.569   1.00 27.71 ? 201 2U1 A C2  1 
HETATM 815 O  O1  . 2U1 B 2 .   ? 4.488   -6.448  5.992   1.00 28.80 ? 201 2U1 A O1  1 
HETATM 816 C  C3  . 2U1 B 2 .   ? 4.948   -6.164  7.295   1.00 30.44 ? 201 2U1 A C3  1 
HETATM 817 C  C22 . 2U1 B 2 .   ? 6.172   -7.074  7.424   1.00 31.67 ? 201 2U1 A C22 1 
HETATM 818 C  C24 . 2U1 B 2 .   ? 5.792   -8.525  7.132   1.00 32.63 ? 201 2U1 A C24 1 
HETATM 819 C  C25 . 2U1 B 2 .   ? 5.966   -8.985  5.830   1.00 32.59 ? 201 2U1 A C25 1 
HETATM 820 C  C26 . 2U1 B 2 .   ? 5.629   -10.288 5.511   1.00 33.20 ? 201 2U1 A C26 1 
HETATM 821 C  C27 . 2U1 B 2 .   ? 5.134   -11.092 6.522   1.00 33.41 ? 201 2U1 A C27 1 
HETATM 822 C  C29 . 2U1 B 2 .   ? 4.751   -12.528 6.208   1.00 34.59 ? 201 2U1 A C29 1 
HETATM 823 O  O4  . 2U1 B 2 .   ? 4.287   -13.216 7.140   1.00 35.53 ? 201 2U1 A O4  1 
HETATM 824 O  O3  . 2U1 B 2 .   ? 4.898   -12.922 5.032   1.00 35.23 ? 201 2U1 A O3  1 
HETATM 825 C  C28 . 2U1 B 2 .   ? 4.980   -10.586 7.807   1.00 33.20 ? 201 2U1 A C28 1 
HETATM 826 N  N2  . 2U1 B 2 .   ? 5.305   -9.334  8.085   1.00 33.55 ? 201 2U1 A N2  1 
HETATM 827 C  C23 . 2U1 B 2 .   ? 3.878   -6.412  8.361   1.00 30.59 ? 201 2U1 A C23 1 
HETATM 828 C  C4  . 2U1 B 2 .   ? 5.489   -4.737  7.353   1.00 30.35 ? 201 2U1 A C4  1 
HETATM 829 O  O2  . 2U1 B 2 .   ? 6.201   -4.427  8.309   1.00 30.87 ? 201 2U1 A O2  1 
HETATM 830 N  N1  . 2U1 B 2 .   ? 5.198   -3.839  6.298   1.00 29.77 ? 201 2U1 A N1  1 
HETATM 831 C  C17 . 2U1 B 2 .   ? 5.814   -2.497  6.241   1.00 30.28 ? 201 2U1 A C17 1 
HETATM 832 C  C18 . 2U1 B 2 .   ? 5.550   -1.587  7.445   1.00 30.77 ? 201 2U1 A C18 1 
HETATM 833 C  C20 . 2U1 B 2 .   ? 5.038   -0.200  7.070   1.00 30.75 ? 201 2U1 A C20 1 
HETATM 834 C  C21 . 2U1 B 2 .   ? 4.098   -1.223  7.716   1.00 30.82 ? 201 2U1 A C21 1 
HETATM 835 C  C19 . 2U1 B 2 .   ? 7.322   -2.677  6.057   1.00 29.16 ? 201 2U1 A C19 1 
HETATM 836 S  S1  . 2U1 B 2 .   ? 7.895   -3.519  4.541   1.00 38.34 ? 201 2U1 A S1  1 
HETATM 837 O  O5  . 2U1 B 2 .   ? 7.689   -2.619  3.354   1.00 37.78 ? 201 2U1 A O5  1 
HETATM 838 O  O6  . 2U1 B 2 .   ? 7.188   -4.819  4.311   1.00 38.71 ? 201 2U1 A O6  1 
HETATM 839 C  C30 . 2U1 B 2 .   ? 9.668   -3.848  4.816   1.00 41.49 ? 201 2U1 A C30 1 
HETATM 840 C  C32 . 2U1 B 2 .   ? 10.257  -4.505  3.575   1.00 41.20 ? 201 2U1 A C32 1 
HETATM 841 C  C33 . 2U1 B 2 .   ? 9.784   -4.771  6.030   1.00 40.77 ? 201 2U1 A C33 1 
HETATM 842 C  C31 . 2U1 B 2 .   ? 10.367  -2.525  5.104   1.00 42.36 ? 201 2U1 A C31 1 
HETATM 843 C  C1  . 2U1 B 2 .   ? 4.375   -4.327  5.174   1.00 28.42 ? 201 2U1 A C1  1 
HETATM 844 C  C5  . 2U1 B 2 .   ? 3.435   -3.291  4.565   1.00 28.37 ? 201 2U1 A C5  1 
HETATM 845 C  C12 . 2U1 B 2 .   ? 2.354   -2.864  5.324   1.00 30.05 ? 201 2U1 A C12 1 
HETATM 846 C  C13 . 2U1 B 2 .   ? 1.458   -1.938  4.816   1.00 29.68 ? 201 2U1 A C13 1 
HETATM 847 C  C14 . 2U1 B 2 .   ? 1.642   -1.458  3.530   1.00 29.91 ? 201 2U1 A C14 1 
HETATM 848 CL CL2 . 2U1 B 2 .   ? 0.514   -0.315  2.897   1.00 49.66 ? 201 2U1 A CL2 1 
HETATM 849 C  C15 . 2U1 B 2 .   ? 2.715   -1.897  2.758   1.00 28.90 ? 201 2U1 A C15 1 
HETATM 850 C  C16 . 2U1 B 2 .   ? 3.613   -2.824  3.273   1.00 28.10 ? 201 2U1 A C16 1 
HETATM 851 O  O   . HOH C 3 .   ? -5.834  4.752   6.403   1.00 43.01 ? 301 HOH A O   1 
HETATM 852 O  O   . HOH C 3 .   ? 2.598   -16.674 -0.566  1.00 35.02 ? 302 HOH A O   1 
HETATM 853 O  O   . HOH C 3 .   ? 13.048  -1.227  -5.641  1.00 23.60 ? 303 HOH A O   1 
HETATM 854 O  O   . HOH C 3 .   ? 2.422   -13.075 8.570   1.00 30.26 ? 304 HOH A O   1 
# 
loop_
_atom_site_anisotrop.id 
_atom_site_anisotrop.type_symbol 
_atom_site_anisotrop.pdbx_label_atom_id 
_atom_site_anisotrop.pdbx_label_alt_id 
_atom_site_anisotrop.pdbx_label_comp_id 
_atom_site_anisotrop.pdbx_label_asym_id 
_atom_site_anisotrop.pdbx_label_seq_id 
_atom_site_anisotrop.pdbx_PDB_ins_code 
_atom_site_anisotrop.U[1][1] 
_atom_site_anisotrop.U[2][2] 
_atom_site_anisotrop.U[3][3] 
_atom_site_anisotrop.U[1][2] 
_atom_site_anisotrop.U[1][3] 
_atom_site_anisotrop.U[2][3] 
_atom_site_anisotrop.pdbx_auth_seq_id 
_atom_site_anisotrop.pdbx_auth_comp_id 
_atom_site_anisotrop.pdbx_auth_asym_id 
_atom_site_anisotrop.pdbx_auth_atom_id 
1   N N   . GLY A 7   ? 0.3774 0.3648 0.7629 0.0500  0.0372  -0.0435 12  GLY A N   
2   C CA  . GLY A 7   ? 0.3462 0.3197 0.6834 0.0575  0.0407  -0.0407 12  GLY A CA  
3   C C   . GLY A 7   ? 0.3306 0.3001 0.6232 0.0621  0.0196  -0.0427 12  GLY A C   
4   O O   . GLY A 7   ? 0.3446 0.2968 0.5994 0.0691  0.0201  -0.0411 12  GLY A O   
5   N N   . ALA A 8   ? 0.3043 0.2866 0.6051 0.0573  0.0006  -0.0444 13  ALA A N   
6   C CA  . ALA A 8   ? 0.2966 0.2760 0.5643 0.0597  -0.0151 -0.0440 13  ALA A CA  
7   C C   . ALA A 8   ? 0.2743 0.2671 0.5513 0.0523  -0.0350 -0.0416 13  ALA A C   
8   O O   . ALA A 8   ? 0.2850 0.2851 0.5970 0.0477  -0.0373 -0.0431 13  ALA A O   
9   C CB  . ALA A 8   ? 0.3274 0.2910 0.5856 0.0676  -0.0027 -0.0518 13  ALA A CB  
10  N N   . VAL A 9   ? 0.2529 0.2444 0.4996 0.0515  -0.0479 -0.0368 14  VAL A N   
11  C CA  . VAL A 9   ? 0.2426 0.2387 0.4891 0.0478  -0.0606 -0.0333 14  VAL A CA  
12  C C   . VAL A 9   ? 0.2573 0.2492 0.4834 0.0489  -0.0640 -0.0295 14  VAL A C   
13  O O   . VAL A 9   ? 0.2810 0.2676 0.4842 0.0499  -0.0636 -0.0270 14  VAL A O   
14  C CB  . VAL A 9   ? 0.2371 0.2350 0.4764 0.0456  -0.0711 -0.0310 14  VAL A CB  
15  C CG1 . VAL A 9   ? 0.2090 0.2027 0.4191 0.0467  -0.0691 -0.0277 14  VAL A CG1 
16  C CG2 . VAL A 9   ? 0.2551 0.2536 0.4960 0.0461  -0.0836 -0.0266 14  VAL A CG2 
17  N N   . THR A 10  ? 0.2740 0.2675 0.5179 0.0477  -0.0686 -0.0291 15  THR A N   
18  C CA  . THR A 10  ? 0.2483 0.2378 0.4866 0.0472  -0.0730 -0.0264 15  THR A CA  
19  C C   . THR A 10  ? 0.2194 0.2109 0.4583 0.0458  -0.0812 -0.0166 15  THR A C   
20  O O   . THR A 10  ? 0.2166 0.2118 0.4603 0.0469  -0.0860 -0.0133 15  THR A O   
21  C CB  . THR A 10  ? 0.2745 0.2629 0.5364 0.0488  -0.0691 -0.0329 15  THR A CB  
22  O OG1 . THR A 10  ? 0.2951 0.2894 0.5900 0.0470  -0.0688 -0.0326 15  THR A OG1 
23  C CG2 . THR A 10  ? 0.2723 0.2528 0.5282 0.0555  -0.0585 -0.0435 15  THR A CG2 
24  N N   . THR A 11  ? 0.2109 0.1994 0.4462 0.0451  -0.0832 -0.0110 16  THR A N   
25  C CA  . THR A 11  ? 0.2245 0.2160 0.4600 0.0474  -0.0867 0.0018  16  THR A CA  
26  C C   . THR A 11  ? 0.2432 0.2334 0.5002 0.0450  -0.0882 0.0066  16  THR A C   
27  O O   . THR A 11  ? 0.2517 0.2365 0.5152 0.0413  -0.0883 -0.0002 16  THR A O   
28  C CB  . THR A 11  ? 0.2476 0.2393 0.4575 0.0511  -0.0835 0.0089  16  THR A CB  
29  O OG1 . THR A 11  ? 0.2855 0.2806 0.4960 0.0567  -0.0832 0.0232  16  THR A OG1 
30  C CG2 . THR A 11  ? 0.2249 0.2111 0.4294 0.0469  -0.0804 0.0050  16  THR A CG2 
31  N N   . SER A 12  ? 0.2577 0.2525 0.5265 0.0480  -0.0910 0.0190  17  SER A N   
32  C CA  . SER A 12  ? 0.2921 0.2867 0.5889 0.0453  -0.0919 0.0265  17  SER A CA  
33  C C   . SER A 12  ? 0.2982 0.2914 0.5924 0.0445  -0.0883 0.0347  17  SER A C   
34  O O   . SER A 12  ? 0.2977 0.2901 0.6216 0.0401  -0.0892 0.0397  17  SER A O   
35  C CB  . SER A 12  ? 0.3317 0.3332 0.6421 0.0501  -0.0964 0.0414  17  SER A CB  
36  O OG  . SER A 12  ? 0.3705 0.3771 0.6489 0.0607  -0.0970 0.0531  17  SER A OG  
37  N N   . GLN A 13  ? 0.2982 0.2915 0.5646 0.0482  -0.0838 0.0364  18  GLN A N   
38  C CA  . GLN A 13  ? 0.2818 0.2751 0.5523 0.0482  -0.0783 0.0469  18  GLN A CA  
39  C C   . GLN A 13  ? 0.2555 0.2422 0.5382 0.0386  -0.0824 0.0370  18  GLN A C   
40  O O   . GLN A 13  ? 0.2488 0.2356 0.5526 0.0345  -0.0813 0.0450  18  GLN A O   
41  C CB  . GLN A 13  ? 0.3157 0.3110 0.5549 0.0591  -0.0708 0.0545  18  GLN A CB  
42  C CG  . GLN A 13  ? 0.3307 0.3297 0.5488 0.0730  -0.0718 0.0635  18  GLN A CG  
43  C CD  . GLN A 13  ? 0.3582 0.3524 0.5405 0.0877  -0.0652 0.0687  18  GLN A CD  
44  O OE1 . GLN A 13  ? 0.3288 0.3183 0.5121 0.0865  -0.0564 0.0698  18  GLN A OE1 
45  N NE2 . GLN A 13  ? 0.3992 0.3922 0.5511 0.1021  -0.0710 0.0721  18  GLN A NE2 
46  N N   . ILE A 14  ? 0.2615 0.2427 0.5323 0.0359  -0.0879 0.0207  19  ILE A N   
47  C CA  . ILE A 14  ? 0.2574 0.2307 0.5316 0.0305  -0.0961 0.0105  19  ILE A CA  
48  C C   . ILE A 14  ? 0.2473 0.2157 0.5363 0.0295  -0.1043 -0.0034 19  ILE A C   
49  O O   . ILE A 14  ? 0.2532 0.2244 0.5405 0.0329  -0.1006 -0.0085 19  ILE A O   
50  C CB  . ILE A 14  ? 0.2491 0.2198 0.4926 0.0329  -0.0948 0.0037  19  ILE A CB  
51  C CG1 . ILE A 14  ? 0.2577 0.2343 0.4858 0.0366  -0.0847 0.0142  19  ILE A CG1 
52  C CG2 . ILE A 14  ? 0.2539 0.2154 0.4970 0.0295  -0.1059 -0.0024 19  ILE A CG2 
53  C CD1 . ILE A 14  ? 0.2665 0.2442 0.5080 0.0344  -0.0819 0.0257  19  ILE A CD1 
54  N N   . PRO A 15  ? 0.2468 0.2080 0.5547 0.0255  -0.1166 -0.0099 20  PRO A N   
55  C CA  . PRO A 15  ? 0.2662 0.2224 0.5847 0.0282  -0.1253 -0.0266 20  PRO A CA  
56  C C   . PRO A 15  ? 0.2909 0.2450 0.5775 0.0374  -0.1200 -0.0380 20  PRO A C   
57  O O   . PRO A 15  ? 0.2960 0.2468 0.5523 0.0398  -0.1187 -0.0365 20  PRO A O   
58  C CB  . PRO A 15  ? 0.2681 0.2141 0.5979 0.0248  -0.1440 -0.0328 20  PRO A CB  
59  C CG  . PRO A 15  ? 0.2605 0.2104 0.6139 0.0159  -0.1417 -0.0151 20  PRO A CG  
60  C CD  . PRO A 15  ? 0.2417 0.2003 0.5698 0.0187  -0.1236 -0.0018 20  PRO A CD  
61  N N   . ALA A 16  ? 0.3051 0.2605 0.6056 0.0425  -0.1151 -0.0482 21  ALA A N   
62  C CA  . ALA A 16  ? 0.3287 0.2807 0.6166 0.0514  -0.1065 -0.0594 21  ALA A CA  
63  C C   . ALA A 16  ? 0.3796 0.3095 0.6408 0.0601  -0.1166 -0.0743 21  ALA A C   
64  O O   . ALA A 16  ? 0.4038 0.3248 0.6381 0.0661  -0.1061 -0.0775 21  ALA A O   
65  C CB  . ALA A 16  ? 0.3384 0.2918 0.6575 0.0547  -0.0967 -0.0695 21  ALA A CB  
66  N N   . SER A 17  ? 0.3902 0.3058 0.6557 0.0609  -0.1385 -0.0835 22  SER A N   
67  C CA  . SER A 17  ? 0.4123 0.2914 0.6358 0.0691  -0.1541 -0.0994 22  SER A CA  
68  C C   . SER A 17  ? 0.3930 0.2721 0.5934 0.0661  -0.1665 -0.0846 22  SER A C   
69  O O   . SER A 17  ? 0.4292 0.2758 0.5815 0.0725  -0.1709 -0.0923 22  SER A O   
70  C CB  . SER A 17  ? 0.4224 0.2802 0.6527 0.0699  -0.1799 -0.1143 22  SER A CB  
71  O OG  . SER A 17  ? 0.4835 0.2907 0.6460 0.0731  -0.1925 -0.1345 22  SER A OG  
72  N N   . GLU A 18  ? 0.3561 0.2616 0.5802 0.0529  -0.1651 -0.0648 23  GLU A N   
73  C CA  . GLU A 18  ? 0.3478 0.2527 0.5538 0.0468  -0.1667 -0.0507 23  GLU A CA  
74  C C   . GLU A 18  ? 0.3239 0.2333 0.5043 0.0525  -0.1471 -0.0460 23  GLU A C   
75  O O   . GLU A 18  ? 0.3539 0.2534 0.5121 0.0534  -0.1522 -0.0401 23  GLU A O   
76  C CB  . GLU A 18  ? 0.3508 0.2740 0.5777 0.0342  -0.1529 -0.0325 23  GLU A CB  
77  C CG  . GLU A 18  ? 0.3816 0.3059 0.5962 0.0299  -0.1487 -0.0190 23  GLU A CG  
78  C CD  . GLU A 18  ? 0.3946 0.3284 0.6444 0.0201  -0.1450 -0.0059 23  GLU A CD  
79  O OE1 . GLU A 18  ? 0.3902 0.3290 0.6692 0.0166  -0.1444 -0.0045 23  GLU A OE1 
80  O OE2 . GLU A 18  ? 0.4024 0.3391 0.6557 0.0165  -0.1420 0.0045  23  GLU A OE2 
81  N N   . GLN A 19  ? 0.2811 0.2047 0.4693 0.0553  -0.1261 -0.0476 24  GLN A N   
82  C CA  . GLN A 19  ? 0.2647 0.1950 0.4400 0.0587  -0.1082 -0.0434 24  GLN A CA  
83  C C   . GLN A 19  ? 0.3162 0.2185 0.4698 0.0713  -0.1048 -0.0584 24  GLN A C   
84  O O   . GLN A 19  ? 0.3116 0.2161 0.4620 0.0746  -0.0859 -0.0579 24  GLN A O   
85  C CB  . GLN A 19  ? 0.2192 0.1702 0.4114 0.0548  -0.0917 -0.0385 24  GLN A CB  
86  C CG  . GLN A 19  ? 0.1993 0.1603 0.4019 0.0464  -0.0931 -0.0278 24  GLN A CG  
87  C CD  . GLN A 19  ? 0.2066 0.1779 0.4256 0.0444  -0.0871 -0.0242 24  GLN A CD  
88  O OE1 . GLN A 19  ? 0.2073 0.1839 0.4203 0.0458  -0.0809 -0.0230 24  GLN A OE1 
89  N NE2 . GLN A 19  ? 0.2209 0.1937 0.4634 0.0415  -0.0908 -0.0218 24  GLN A NE2 
90  N N   . GLU A 20  ? 0.3718 0.2385 0.5020 0.0770  -0.1210 -0.0744 25  GLU A N   
91  C CA  . GLU A 20  ? 0.4747 0.2925 0.5511 0.0852  -0.1117 -0.0959 25  GLU A CA  
92  C C   . GLU A 20  ? 0.5017 0.2915 0.5197 0.0805  -0.1373 -0.0901 25  GLU A C   
93  O O   . GLU A 20  ? 0.5672 0.3292 0.5151 0.0778  -0.1257 -0.0967 25  GLU A O   
94  C CB  . GLU A 20  ? 0.6104 0.4076 0.6761 0.0858  -0.1005 -0.1219 25  GLU A CB  
95  C CG  . GLU A 20  ? 0.6373 0.4736 0.7653 0.0841  -0.0798 -0.1164 25  GLU A CG  
96  C CD  . GLU A 20  ? 0.7064 0.5530 0.8468 0.0868  -0.0448 -0.1146 25  GLU A CD  
97  O OE1 . GLU A 20  ? 0.7830 0.5989 0.8828 0.0919  -0.0250 -0.1272 25  GLU A OE1 
98  O OE2 . GLU A 20  ? 0.6888 0.5726 0.8772 0.0830  -0.0392 -0.1008 25  GLU A OE2 
99  N N   . THR A 21  ? 0.4756 0.2755 0.5243 0.0783  -0.1700 -0.0739 26  THR A N   
100 C CA  . THR A 21  ? 0.5107 0.2927 0.5220 0.0718  -0.1999 -0.0610 26  THR A CA  
101 C C   . THR A 21  ? 0.5065 0.2842 0.4713 0.0699  -0.1816 -0.0485 26  THR A C   
102 O O   . THR A 21  ? 0.3957 0.1989 0.3927 0.0733  -0.1570 -0.0378 26  THR A O   
103 C CB  . THR A 21  ? 0.4657 0.2816 0.5361 0.0628  -0.2144 -0.0391 26  THR A CB  
104 O OG1 . THR A 21  ? 0.4581 0.2948 0.5736 0.0555  -0.2145 -0.0463 26  THR A OG1 
105 C CG2 . THR A 21  ? 0.5048 0.2979 0.5502 0.0545  -0.2450 -0.0277 26  THR A CG2 
106 N N   . LEU A 22  ? 0.5837 0.3274 0.4725 0.0646  -0.1947 -0.0496 27  LEU A N   
107 C CA  . LEU A 22  ? 0.6183 0.3545 0.4604 0.0630  -0.1768 -0.0336 27  LEU A CA  
108 C C   . LEU A 22  ? 0.6064 0.3546 0.4757 0.0594  -0.2025 -0.0026 27  LEU A C   
109 O O   . LEU A 22  ? 0.6401 0.3777 0.5122 0.0547  -0.2449 0.0056  27  LEU A O   
110 C CB  . LEU A 22  ? 0.7233 0.4131 0.4592 0.0599  -0.1739 -0.0454 27  LEU A CB  
111 C CG  . LEU A 22  ? 0.7541 0.4426 0.4649 0.0642  -0.1197 -0.0466 27  LEU A CG  
112 C CD1 . LEU A 22  ? 0.7173 0.4201 0.4741 0.0705  -0.0876 -0.0713 27  LEU A CD1 
113 C CD2 . LEU A 22  ? 0.8794 0.5205 0.4756 0.0620  -0.1081 -0.0480 27  LEU A CD2 
114 N N   . VAL A 23  ? 0.5615 0.3313 0.4596 0.0614  -0.1773 0.0142  28  VAL A N   
115 C CA  . VAL A 23  ? 0.5354 0.3175 0.4714 0.0589  -0.1955 0.0427  28  VAL A CA  
116 C C   . VAL A 23  ? 0.5648 0.3445 0.4804 0.0577  -0.1740 0.0621  28  VAL A C   
117 O O   . VAL A 23  ? 0.5456 0.3291 0.4513 0.0606  -0.1359 0.0549  28  VAL A O   
118 C CB  . VAL A 23  ? 0.4158 0.2476 0.4383 0.0550  -0.1756 0.0395  28  VAL A CB  
119 C CG1 . VAL A 23  ? 0.3759 0.2176 0.4241 0.0486  -0.1876 0.0260  28  VAL A CG1 
120 C CG2 . VAL A 23  ? 0.3353 0.1818 0.3789 0.0633  -0.1448 0.0307  28  VAL A CG2 
121 N N   . ARG A 24  ? 0.6066 0.3848 0.5274 0.0520  -0.1954 0.0867  29  ARG A N   
122 C CA  . ARG A 24  ? 0.6137 0.3952 0.5395 0.0515  -0.1775 0.1106  29  ARG A CA  
123 C C   . ARG A 24  ? 0.5174 0.3472 0.5320 0.0474  -0.1585 0.1102  29  ARG A C   
124 O O   . ARG A 24  ? 0.5004 0.3463 0.5452 0.0393  -0.1704 0.1122  29  ARG A O   
125 C CB  . ARG A 24  ? 0.7208 0.4777 0.5874 0.0447  -0.1996 0.1319  29  ARG A CB  
126 C CG  . ARG A 24  ? 0.8431 0.5520 0.5931 0.0460  -0.2001 0.1266  29  ARG A CG  
127 C CD  . ARG A 24  ? 0.9505 0.6324 0.6344 0.0400  -0.2224 0.1541  29  ARG A CD  
128 N NE  . ARG A 24  ? 1.0808 0.7138 0.6375 0.0396  -0.2225 0.1421  29  ARG A NE  
129 C CZ  . ARG A 24  ? 1.1575 0.7675 0.6615 0.0339  -0.2608 0.1255  29  ARG A CZ  
130 N NH1 . ARG A 24  ? 1.1205 0.7588 0.7057 0.0269  -0.2949 0.1202  29  ARG A NH1 
131 N NH2 . ARG A 24  ? 1.2622 0.8238 0.6419 0.0341  -0.2549 0.1101  29  ARG A NH2 
132 N N   . PRO A 25  ? 0.4750 0.3210 0.5244 0.0522  -0.1285 0.1046  30  PRO A N   
133 C CA  . PRO A 25  ? 0.4232 0.3024 0.5294 0.0478  -0.1102 0.0998  30  PRO A CA  
134 C C   . PRO A 25  ? 0.4462 0.3261 0.5660 0.0425  -0.1147 0.1197  30  PRO A C   
135 O O   . PRO A 25  ? 0.4959 0.3552 0.5877 0.0444  -0.1172 0.1402  30  PRO A O   
136 C CB  . PRO A 25  ? 0.4047 0.2897 0.5286 0.0528  -0.0840 0.0911  30  PRO A CB  
137 C CG  . PRO A 25  ? 0.4460 0.2984 0.5333 0.0608  -0.0830 0.0987  30  PRO A CG  
138 C CD  . PRO A 25  ? 0.4666 0.2961 0.5018 0.0610  -0.1113 0.0967  30  PRO A CD  
139 N N   . LYS A 26  ? 0.4086 0.3099 0.5704 0.0352  -0.1144 0.1160  31  LYS A N   
140 C CA  . LYS A 26  ? 0.4017 0.3086 0.5942 0.0295  -0.1163 0.1323  31  LYS A CA  
141 C C   . LYS A 26  ? 0.3709 0.2839 0.5853 0.0316  -0.0923 0.1339  31  LYS A C   
142 O O   . LYS A 26  ? 0.3419 0.2583 0.5549 0.0355  -0.0756 0.1189  31  LYS A O   
143 C CB  . LYS A 26  ? 0.3865 0.3128 0.6253 0.0211  -0.1186 0.1274  31  LYS A CB  
144 C CG  . LYS A 26  ? 0.4269 0.3454 0.6672 0.0141  -0.1484 0.1390  31  LYS A CG  
145 C CD  . LYS A 26  ? 0.4119 0.3437 0.6895 0.0066  -0.1511 0.1295  31  LYS A CD  
146 C CE  . LYS A 26  ? 0.4561 0.3865 0.7725 -0.0053 -0.1783 0.1457  31  LYS A CE  
147 N NZ  . LYS A 26  ? 0.5247 0.4294 0.7935 -0.0045 -0.2091 0.1576  31  LYS A NZ  
148 N N   . PRO A 27  ? 0.3703 0.2858 0.6111 0.0278  -0.0917 0.1520  32  PRO A N   
149 C CA  . PRO A 27  ? 0.3565 0.2759 0.6210 0.0291  -0.0699 0.1561  32  PRO A CA  
150 C C   . PRO A 27  ? 0.3071 0.2452 0.6057 0.0284  -0.0479 0.1325  32  PRO A C   
151 O O   . PRO A 27  ? 0.2936 0.2307 0.5993 0.0308  -0.0318 0.1291  32  PRO A O   
152 C CB  . PRO A 27  ? 0.3736 0.3006 0.6772 0.0235  -0.0746 0.1767  32  PRO A CB  
153 C CG  . PRO A 27  ? 0.3796 0.3119 0.6928 0.0179  -0.0961 0.1788  32  PRO A CG  
154 C CD  . PRO A 27  ? 0.3840 0.2995 0.6410 0.0216  -0.1118 0.1710  32  PRO A CD  
155 N N   . LEU A 28  ? 0.2479 0.2004 0.5661 0.0249  -0.0464 0.1179  33  LEU A N   
156 C CA  . LEU A 28  ? 0.2769 0.2395 0.6138 0.0243  -0.0283 0.0975  33  LEU A CA  
157 C C   . LEU A 28  ? 0.2718 0.2280 0.5728 0.0291  -0.0274 0.0809  33  LEU A C   
158 O O   . LEU A 28  ? 0.2993 0.2562 0.6084 0.0299  -0.0164 0.0713  33  LEU A O   
159 C CB  . LEU A 28  ? 0.2603 0.2331 0.6222 0.0206  -0.0234 0.0905  33  LEU A CB  
160 C CG  . LEU A 28  ? 0.2508 0.2245 0.6167 0.0217  -0.0077 0.0699  33  LEU A CG  
161 C CD1 . LEU A 28  ? 0.2517 0.2257 0.6410 0.0208  0.0041  0.0640  33  LEU A CD1 
162 C CD2 . LEU A 28  ? 0.2753 0.2546 0.6721 0.0198  0.0019  0.0694  33  LEU A CD2 
163 N N   . LEU A 29  ? 0.2543 0.2060 0.5228 0.0315  -0.0395 0.0774  34  LEU A N   
164 C CA  . LEU A 29  ? 0.2511 0.1989 0.4903 0.0364  -0.0399 0.0637  34  LEU A CA  
165 C C   . LEU A 29  ? 0.2658 0.2035 0.4990 0.0409  -0.0348 0.0683  34  LEU A C   
166 O O   . LEU A 29  ? 0.2654 0.2062 0.5016 0.0427  -0.0264 0.0547  34  LEU A O   
167 C CB  . LEU A 29  ? 0.2535 0.1972 0.4649 0.0380  -0.0545 0.0635  34  LEU A CB  
168 C CG  . LEU A 29  ? 0.2442 0.1861 0.4309 0.0429  -0.0558 0.0504  34  LEU A CG  
169 C CD1 . LEU A 29  ? 0.2177 0.1707 0.4104 0.0422  -0.0453 0.0349  34  LEU A CD1 
170 C CD2 . LEU A 29  ? 0.2228 0.1617 0.3925 0.0424  -0.0703 0.0511  34  LEU A CD2 
171 N N   . LEU A 30  ? 0.2879 0.2119 0.5142 0.0422  -0.0392 0.0895  35  LEU A N   
172 C CA  . LEU A 30  ? 0.3293 0.2369 0.5469 0.0473  -0.0287 0.1006  35  LEU A CA  
173 C C   . LEU A 30  ? 0.3587 0.2794 0.6213 0.0442  -0.0068 0.0943  35  LEU A C   
174 O O   . LEU A 30  ? 0.4064 0.3250 0.6770 0.0470  0.0078  0.0874  35  LEU A O   
175 C CB  . LEU A 30  ? 0.3674 0.2519 0.5558 0.0481  -0.0378 0.1309  35  LEU A CB  
176 C CG  . LEU A 30  ? 0.4017 0.2603 0.5656 0.0530  -0.0197 0.1499  35  LEU A CG  
177 C CD1 . LEU A 30  ? 0.4116 0.2611 0.5513 0.0594  -0.0123 0.1334  35  LEU A CD1 
178 C CD2 . LEU A 30  ? 0.4606 0.2905 0.5689 0.0521  -0.0325 0.1836  35  LEU A CD2 
179 N N   . LYS A 31  ? 0.3487 0.2836 0.6473 0.0378  -0.0039 0.0954  36  LYS A N   
180 C CA  . LYS A 31  ? 0.3288 0.2757 0.6748 0.0334  0.0136  0.0881  36  LYS A CA  
181 C C   . LYS A 31  ? 0.3008 0.2563 0.6522 0.0310  0.0146  0.0598  36  LYS A C   
182 O O   . LYS A 31  ? 0.3011 0.2614 0.6812 0.0283  0.0253  0.0518  36  LYS A O   
183 C CB  . LYS A 31  ? 0.3280 0.2864 0.7140 0.0276  0.0161  0.0940  36  LYS A CB  
184 C CG  . LYS A 31  ? 0.3147 0.2845 0.7534 0.0223  0.0318  0.0832  36  LYS A CG  
185 C CD  . LYS A 31  ? 0.3311 0.3107 0.8171 0.0188  0.0384  0.0961  36  LYS A CD  
186 N N   . LEU A 32  ? 0.2982 0.2556 0.6231 0.0316  0.0025  0.0467  37  LEU A N   
187 C CA  . LEU A 32  ? 0.2936 0.2557 0.6133 0.0307  -0.0008 0.0237  37  LEU A CA  
188 C C   . LEU A 32  ? 0.3081 0.2690 0.6187 0.0340  0.0002  0.0198  37  LEU A C   
189 O O   . LEU A 32  ? 0.3060 0.2731 0.6391 0.0307  0.0025  0.0067  37  LEU A O   
190 C CB  . LEU A 32  ? 0.2861 0.2478 0.5760 0.0329  -0.0105 0.0168  37  LEU A CB  
191 C CG  . LEU A 32  ? 0.2796 0.2414 0.5796 0.0310  -0.0079 0.0222  37  LEU A CG  
192 C CD1 . LEU A 32  ? 0.2809 0.2410 0.5576 0.0348  -0.0113 0.0132  37  LEU A CD1 
193 C CD2 . LEU A 32  ? 0.3014 0.2650 0.6414 0.0268  0.0025  0.0175  37  LEU A CD2 
194 N N   . LEU A 33  ? 0.3093 0.2613 0.5914 0.0406  -0.0021 0.0308  38  LEU A N   
195 C CA  . LEU A 33  ? 0.3250 0.2727 0.6009 0.0457  0.0038  0.0275  38  LEU A CA  
196 C C   . LEU A 33  ? 0.3731 0.3200 0.6872 0.0441  0.0249  0.0336  38  LEU A C   
197 O O   . LEU A 33  ? 0.3792 0.3342 0.7164 0.0416  0.0319  0.0221  38  LEU A O   
198 C CB  . LEU A 33  ? 0.3016 0.2301 0.5406 0.0547  -0.0007 0.0399  38  LEU A CB  
199 C CG  . LEU A 33  ? 0.2871 0.2166 0.4947 0.0553  -0.0211 0.0362  38  LEU A CG  
200 C CD1 . LEU A 33  ? 0.3224 0.2306 0.4995 0.0639  -0.0278 0.0409  38  LEU A CD1 
201 C CD2 . LEU A 33  ? 0.2568 0.2050 0.4671 0.0508  -0.0258 0.0176  38  LEU A CD2 
202 N N   . LYS A 34  ? 0.3996 0.3379 0.7245 0.0444  0.0352  0.0542  39  LYS A N   
203 C CA  . LYS A 34  ? 0.4178 0.3529 0.7789 0.0440  0.0612  0.0669  39  LYS A CA  
204 C C   . LYS A 34  ? 0.3748 0.3308 0.7934 0.0327  0.0636  0.0521  39  LYS A C   
205 O O   . LYS A 34  ? 0.3798 0.3391 0.8411 0.0299  0.0841  0.0566  39  LYS A O   
206 C CB  . LYS A 34  ? 0.4571 0.3748 0.8067 0.0471  0.0699  0.0987  39  LYS A CB  
207 C CG  . LYS A 34  ? 0.5119 0.3956 0.7962 0.0560  0.0699  0.1201  39  LYS A CG  
208 C CD  . LYS A 34  ? 0.5758 0.4359 0.8411 0.0570  0.0927  0.1566  39  LYS A CD  
209 C CE  . LYS A 34  ? 0.6421 0.4754 0.8085 0.0590  0.0888  0.1696  39  LYS A CE  
210 N NZ  . LYS A 34  ? 0.7108 0.5213 0.8407 0.0586  0.1097  0.2063  39  LYS A NZ  
211 N N   . SER A 35  ? 0.3381 0.3039 0.7573 0.0264  0.0441  0.0352  40  SER A N   
212 C CA  . SER A 35  ? 0.3165 0.2939 0.7832 0.0166  0.0412  0.0188  40  SER A CA  
213 C C   . SER A 35  ? 0.3263 0.3098 0.8075 0.0133  0.0337  0.0006  40  SER A C   
214 O O   . SER A 35  ? 0.3451 0.3372 0.8778 0.0053  0.0314  -0.0109 40  SER A O   
215 C CB  . SER A 35  ? 0.2904 0.2693 0.7466 0.0145  0.0262  0.0063  40  SER A CB  
216 O OG  . SER A 35  ? 0.2748 0.2500 0.6815 0.0196  0.0113  -0.0029 40  SER A OG  
217 N N   . VAL A 36  ? 0.3210 0.3016 0.7633 0.0193  0.0279  -0.0022 41  VAL A N   
218 C CA  . VAL A 36  ? 0.3106 0.2981 0.7698 0.0163  0.0194  -0.0167 41  VAL A CA  
219 C C   . VAL A 36  ? 0.3310 0.3150 0.7934 0.0206  0.0396  -0.0067 41  VAL A C   
220 O O   . VAL A 36  ? 0.3277 0.3162 0.7916 0.0205  0.0326  -0.0158 41  VAL A O   
221 C CB  . VAL A 36  ? 0.2947 0.2844 0.7167 0.0190  -0.0055 -0.0320 41  VAL A CB  
222 C CG1 . VAL A 36  ? 0.2646 0.2560 0.6934 0.0165  -0.0216 -0.0462 41  VAL A CG1 
223 C CG2 . VAL A 36  ? 0.3073 0.2900 0.6722 0.0277  -0.0050 -0.0225 41  VAL A CG2 
224 N N   . GLY A 37  ? 0.3420 0.3162 0.8067 0.0256  0.0667  0.0132  42  GLY A N   
225 C CA  . GLY A 37  ? 0.3581 0.3244 0.8337 0.0308  0.0961  0.0231  42  GLY A CA  
226 C C   . GLY A 37  ? 0.3782 0.3224 0.7998 0.0462  0.1146  0.0362  42  GLY A C   
227 O O   . GLY A 37  ? 0.4145 0.3426 0.8399 0.0532  0.1516  0.0487  42  GLY A O   
228 N N   . ALA A 38  ? 0.3547 0.2922 0.7252 0.0517  0.0917  0.0338  43  ALA A N   
229 C CA  . ALA A 38  ? 0.3745 0.2803 0.6889 0.0656  0.1017  0.0454  43  ALA A CA  
230 C C   . ALA A 38  ? 0.4437 0.3273 0.7316 0.0663  0.1296  0.0735  43  ALA A C   
231 O O   . ALA A 38  ? 0.4656 0.3500 0.7798 0.0632  0.1284  0.0901  43  ALA A O   
232 C CB  . ALA A 38  ? 0.3476 0.2523 0.6238 0.0662  0.0668  0.0434  43  ALA A CB  
233 N N   . GLN A 39  ? 0.5142 0.3768 0.7460 0.0695  0.1556  0.0790  44  GLN A N   
234 C CA  . GLN A 39  ? 0.6052 0.4446 0.8017 0.0698  0.1877  0.1076  44  GLN A CA  
235 C C   . GLN A 39  ? 0.7051 0.5124 0.7871 0.0707  0.1794  0.1195  44  GLN A C   
236 O O   . GLN A 39  ? 0.7987 0.5790 0.8259 0.0723  0.2094  0.1411  44  GLN A O   
237 C CB  . GLN A 39  ? 0.6261 0.4617 0.8589 0.0732  0.2385  0.1080  44  GLN A CB  
238 N N   . LYS A 40  ? 0.6944 0.5024 0.7395 0.0696  0.1382  0.1064  45  LYS A N   
239 C CA  . LYS A 40  ? 0.7682 0.5449 0.7097 0.0690  0.1202  0.1147  45  LYS A CA  
240 C C   . LYS A 40  ? 0.7381 0.5225 0.6789 0.0655  0.0684  0.1179  45  LYS A C   
241 O O   . LYS A 40  ? 0.6855 0.4981 0.6999 0.0645  0.0525  0.1114  45  LYS A O   
242 C CB  . LYS A 40  ? 0.8202 0.5778 0.7043 0.0727  0.1320  0.0894  45  LYS A CB  
243 C CG  . LYS A 40  ? 0.7713 0.5520 0.6994 0.0738  0.1091  0.0592  45  LYS A CG  
244 C CD  . LYS A 40  ? 0.7513 0.5494 0.7469 0.0778  0.1429  0.0413  45  LYS A CD  
245 C CE  . LYS A 40  ? 0.6747 0.5114 0.7699 0.0762  0.1272  0.0370  45  LYS A CE  
246 N NZ  . LYS A 40  ? 0.6575 0.5098 0.8294 0.0783  0.1593  0.0294  45  LYS A NZ  
247 N N   . ASP A 41  ? 0.7843 0.5414 0.6427 0.0635  0.0426  0.1281  46  ASP A N   
248 C CA  . ASP A 41  ? 0.7680 0.5304 0.6352 0.0598  -0.0065 0.1366  46  ASP A CA  
249 C C   . ASP A 41  ? 0.7291 0.4894 0.5752 0.0600  -0.0362 0.1107  46  ASP A C   
250 O O   . ASP A 41  ? 0.6961 0.4699 0.5793 0.0583  -0.0711 0.1118  46  ASP A O   
251 C CB  . ASP A 41  ? 0.8871 0.6219 0.6930 0.0560  -0.0260 0.1710  46  ASP A CB  
252 C CG  . ASP A 41  ? 0.9495 0.6803 0.7655 0.0564  0.0090  0.2001  46  ASP A CG  
253 O OD1 . ASP A 41  ? 0.9197 0.6749 0.8136 0.0585  0.0407  0.1940  46  ASP A OD1 
254 O OD2 . ASP A 41  ? 1.0295 0.7312 0.7765 0.0545  0.0030  0.2302  46  ASP A OD2 
255 N N   . THR A 42  ? 0.7407 0.4831 0.5343 0.0626  -0.0189 0.0881  47  THR A N   
256 C CA  . THR A 42  ? 0.6900 0.4264 0.4641 0.0627  -0.0453 0.0627  47  THR A CA  
257 C C   . THR A 42  ? 0.6139 0.3735 0.4442 0.0676  -0.0231 0.0351  47  THR A C   
258 O O   . THR A 42  ? 0.6176 0.3762 0.4521 0.0710  0.0182  0.0269  47  THR A O   
259 C CB  . THR A 42  ? 0.7730 0.4634 0.4355 0.0613  -0.0502 0.0552  47  THR A CB  
260 O OG1 . THR A 42  ? 0.8502 0.5152 0.4493 0.0589  -0.0449 0.0845  47  THR A OG1 
261 C CG2 . THR A 42  ? 0.7743 0.4535 0.4171 0.0573  -0.1037 0.0455  47  THR A CG2 
262 N N   . TYR A 43  ? 0.5540 0.3343 0.4326 0.0680  -0.0502 0.0240  48  TYR A N   
263 C CA  . TYR A 43  ? 0.5031 0.3076 0.4402 0.0724  -0.0366 0.0034  48  TYR A CA  
264 C C   . TYR A 43  ? 0.5115 0.3144 0.4506 0.0733  -0.0633 -0.0134 48  TYR A C   
265 O O   . TYR A 43  ? 0.5538 0.3434 0.4684 0.0699  -0.0975 -0.0080 48  TYR A O   
266 C CB  . TYR A 43  ? 0.4516 0.2906 0.4665 0.0731  -0.0381 0.0114  48  TYR A CB  
267 C CG  . TYR A 43  ? 0.4737 0.3185 0.5080 0.0717  -0.0162 0.0273  48  TYR A CG  
268 C CD1 . TYR A 43  ? 0.4583 0.3184 0.5385 0.0735  0.0124  0.0200  48  TYR A CD1 
269 C CD2 . TYR A 43  ? 0.5083 0.3433 0.5248 0.0681  -0.0266 0.0512  48  TYR A CD2 
270 C CE1 . TYR A 43  ? 0.4771 0.3419 0.5853 0.0717  0.0315  0.0340  48  TYR A CE1 
271 C CE2 . TYR A 43  ? 0.5345 0.3742 0.5768 0.0668  -0.0058 0.0670  48  TYR A CE2 
272 C CZ  . TYR A 43  ? 0.5252 0.3795 0.6136 0.0685  0.0238  0.0574  48  TYR A CZ  
273 O OH  . TYR A 43  ? 0.5436 0.4019 0.6669 0.0667  0.0436  0.0731  48  TYR A OH  
274 N N   . THR A 44  ? 0.4572 0.2742 0.4355 0.0777  -0.0493 -0.0317 49  THR A N   
275 C CA  . THR A 44  ? 0.4298 0.2548 0.4369 0.0795  -0.0723 -0.0432 49  THR A CA  
276 C C   . THR A 44  ? 0.3713 0.2291 0.4432 0.0811  -0.0846 -0.0310 49  THR A C   
277 O O   . THR A 44  ? 0.3611 0.2357 0.4597 0.0815  -0.0700 -0.0233 49  THR A O   
278 C CB  . THR A 44  ? 0.4007 0.2249 0.4249 0.0841  -0.0505 -0.0657 49  THR A CB  
279 O OG1 . THR A 44  ? 0.3568 0.2047 0.4314 0.0870  -0.0246 -0.0635 49  THR A OG1 
280 C CG2 . THR A 44  ? 0.4762 0.2623 0.4305 0.0836  -0.0314 -0.0817 49  THR A CG2 
281 N N   . MET A 45  ? 0.3440 0.2154 0.4364 0.0776  -0.1054 -0.0290 50  MET A N   
282 C CA  . MET A 45  ? 0.2719 0.1846 0.3933 0.0649  -0.0971 -0.0173 50  MET A CA  
283 C C   . MET A 45  ? 0.2781 0.2130 0.4183 0.0632  -0.0773 -0.0208 50  MET A C   
284 O O   . MET A 45  ? 0.2642 0.2142 0.4094 0.0579  -0.0696 -0.0142 50  MET A O   
285 C CB  . MET A 45  ? 0.2429 0.1643 0.3740 0.0563  -0.1088 -0.0160 50  MET A CB  
286 C CG  . MET A 45  ? 0.2486 0.1586 0.3730 0.0513  -0.1270 -0.0074 50  MET A CG  
287 S SD  . MET A 45  ? 0.4059 0.3293 0.5340 0.0467  -0.1129 0.0088  50  MET A SD  
288 C CE  . MET A 45  ? 0.2946 0.2415 0.4434 0.0402  -0.0953 0.0104  50  MET A CE  
289 N N   . LYS A 46  ? 0.3015 0.2343 0.4511 0.0676  -0.0707 -0.0323 51  LYS A N   
290 C CA  A LYS A 46  ? 0.2880 0.2402 0.4586 0.0642  -0.0584 -0.0334 51  LYS A CA  
291 C CA  B LYS A 46  ? 0.2871 0.2393 0.4576 0.0641  -0.0584 -0.0333 51  LYS A CA  
292 C C   . LYS A 46  ? 0.2958 0.2489 0.4732 0.0658  -0.0454 -0.0323 51  LYS A C   
293 O O   . LYS A 46  ? 0.2913 0.2601 0.4842 0.0600  -0.0439 -0.0306 51  LYS A O   
294 C CB  A LYS A 46  ? 0.2980 0.2485 0.4855 0.0672  -0.0524 -0.0439 51  LYS A CB  
295 C CB  B LYS A 46  ? 0.2970 0.2477 0.4845 0.0671  -0.0524 -0.0438 51  LYS A CB  
296 C CG  A LYS A 46  ? 0.3406 0.2653 0.5216 0.0774  -0.0344 -0.0578 51  LYS A CG  
297 C CG  B LYS A 46  ? 0.3405 0.2647 0.5206 0.0774  -0.0353 -0.0579 51  LYS A CG  
298 C CD  A LYS A 46  ? 0.3564 0.2799 0.5567 0.0787  -0.0237 -0.0690 51  LYS A CD  
299 C CD  B LYS A 46  ? 0.3567 0.2798 0.5564 0.0787  -0.0244 -0.0691 51  LYS A CD  
300 C CE  A LYS A 46  ? 0.4027 0.3013 0.5957 0.0860  0.0075  -0.0836 51  LYS A CE  
301 C CE  B LYS A 46  ? 0.4140 0.3050 0.5969 0.0871  0.0047  -0.0864 51  LYS A CE  
302 N NZ  A LYS A 46  ? 0.4556 0.3094 0.5947 0.0936  0.0144  -0.0978 51  LYS A NZ  
303 N NZ  B LYS A 46  ? 0.4504 0.3360 0.6485 0.0881  0.0177  -0.0991 51  LYS A NZ  
304 N N   . GLU A 47  ? 0.3241 0.2542 0.4892 0.0741  -0.0375 -0.0341 52  GLU A N   
305 C CA  . GLU A 47  ? 0.3506 0.2789 0.5272 0.0753  -0.0212 -0.0310 52  GLU A CA  
306 C C   . GLU A 47  ? 0.3163 0.2578 0.4935 0.0683  -0.0305 -0.0197 52  GLU A C   
307 O O   . GLU A 47  ? 0.2945 0.2505 0.4926 0.0626  -0.0256 -0.0198 52  GLU A O   
308 C CB  . GLU A 47  ? 0.4450 0.3369 0.5953 0.0838  -0.0061 -0.0325 52  GLU A CB  
309 C CG  . GLU A 47  ? 0.5083 0.3932 0.6672 0.0852  0.0305  -0.0392 52  GLU A CG  
310 C CD  . GLU A 47  ? 0.6021 0.4525 0.6883 0.0849  0.0499  -0.0401 52  GLU A CD  
311 O OE1 . GLU A 47  ? 0.6156 0.4472 0.6546 0.0850  0.0334  -0.0490 52  GLU A OE1 
312 O OE2 . GLU A 47  ? 0.6568 0.4962 0.7309 0.0845  0.0811  -0.0316 52  GLU A OE2 
313 N N   . VAL A 48  ? 0.3070 0.2410 0.4635 0.0680  -0.0445 -0.0115 53  VAL A N   
314 C CA  . VAL A 48  ? 0.3083 0.2524 0.4656 0.0612  -0.0483 -0.0023 53  VAL A CA  
315 C C   . VAL A 48  ? 0.3010 0.2641 0.4671 0.0541  -0.0479 -0.0077 53  VAL A C   
316 O O   . VAL A 48  ? 0.3093 0.2774 0.4863 0.0509  -0.0444 -0.0082 53  VAL A O   
317 C CB  . VAL A 48  ? 0.2887 0.2268 0.4298 0.0591  -0.0620 0.0067  53  VAL A CB  
318 C CG1 . VAL A 48  ? 0.2676 0.2176 0.4153 0.0521  -0.0593 0.0122  53  VAL A CG1 
319 C CG2 . VAL A 48  ? 0.3185 0.2292 0.4431 0.0654  -0.0711 0.0166  53  VAL A CG2 
320 N N   . LEU A 49  ? 0.2662 0.2347 0.4276 0.0527  -0.0529 -0.0115 54  LEU A N   
321 C CA  . LEU A 49  ? 0.2524 0.2301 0.4159 0.0491  -0.0551 -0.0139 54  LEU A CA  
322 C C   . LEU A 49  ? 0.2524 0.2354 0.4369 0.0480  -0.0547 -0.0216 54  LEU A C   
323 O O   . LEU A 49  ? 0.2473 0.2326 0.4362 0.0467  -0.0598 -0.0249 54  LEU A O   
324 C CB  . LEU A 49  ? 0.2606 0.2402 0.4223 0.0483  -0.0608 -0.0143 54  LEU A CB  
325 C CG  . LEU A 49  ? 0.2786 0.2558 0.4344 0.0467  -0.0646 -0.0076 54  LEU A CG  
326 C CD1 . LEU A 49  ? 0.3003 0.2793 0.4536 0.0485  -0.0617 -0.0043 54  LEU A CD1 
327 C CD2 . LEU A 49  ? 0.2940 0.2645 0.4445 0.0459  -0.0664 -0.0030 54  LEU A CD2 
328 N N   . PHE A 50  ? 0.2629 0.2463 0.4646 0.0495  -0.0491 -0.0255 55  PHE A N   
329 C CA  . PHE A 50  ? 0.2324 0.2220 0.4660 0.0464  -0.0479 -0.0320 55  PHE A CA  
330 C C   . PHE A 50  ? 0.2144 0.2033 0.4608 0.0439  -0.0453 -0.0327 55  PHE A C   
331 O O   . PHE A 50  ? 0.2315 0.2241 0.4987 0.0399  -0.0543 -0.0399 55  PHE A O   
332 C CB  . PHE A 50  ? 0.2090 0.1976 0.4645 0.0492  -0.0342 -0.0344 55  PHE A CB  
333 C CG  . PHE A 50  ? 0.1889 0.1835 0.4877 0.0446  -0.0276 -0.0380 55  PHE A CG  
334 C CD1 . PHE A 50  ? 0.1731 0.1750 0.5024 0.0388  -0.0400 -0.0432 55  PHE A CD1 
335 C CD2 . PHE A 50  ? 0.1808 0.1704 0.4946 0.0456  -0.0094 -0.0347 55  PHE A CD2 
336 C CE1 . PHE A 50  ? 0.1914 0.1969 0.5700 0.0329  -0.0371 -0.0466 55  PHE A CE1 
337 C CE2 . PHE A 50  ? 0.1799 0.1751 0.5425 0.0393  -0.0016 -0.0365 55  PHE A CE2 
338 C CZ  . PHE A 50  ? 0.1859 0.1894 0.5836 0.0322  -0.0168 -0.0431 55  PHE A CZ  
339 N N   . TYR A 51  ? 0.2025 0.1842 0.4400 0.0467  -0.0350 -0.0257 56  TYR A N   
340 C CA  . TYR A 51  ? 0.2038 0.1841 0.4593 0.0437  -0.0291 -0.0241 56  TYR A CA  
341 C C   . TYR A 51  ? 0.2285 0.2091 0.4745 0.0414  -0.0387 -0.0262 56  TYR A C   
342 O O   . TYR A 51  ? 0.2793 0.2616 0.5491 0.0377  -0.0410 -0.0334 56  TYR A O   
343 C CB  . TYR A 51  ? 0.2050 0.1734 0.4544 0.0487  -0.0156 -0.0124 56  TYR A CB  
344 C CG  . TYR A 51  ? 0.2066 0.1694 0.4756 0.0526  0.0036  -0.0111 56  TYR A CG  
345 C CD1 . TYR A 51  ? 0.2119 0.1832 0.5248 0.0465  0.0145  -0.0143 56  TYR A CD1 
346 C CD2 . TYR A 51  ? 0.2502 0.1945 0.4965 0.0626  0.0134  -0.0073 56  TYR A CD2 
347 C CE1 . TYR A 51  ? 0.2542 0.2198 0.5898 0.0492  0.0400  -0.0109 56  TYR A CE1 
348 C CE2 . TYR A 51  ? 0.2919 0.2244 0.5519 0.0675  0.0413  -0.0069 56  TYR A CE2 
349 C CZ  . TYR A 51  ? 0.3021 0.2480 0.6080 0.0605  0.0570  -0.0071 56  TYR A CZ  
350 O OH  . TYR A 51  ? 0.3570 0.2916 0.6789 0.0643  0.0921  -0.0043 56  TYR A OH  
351 N N   . LEU A 52  ? 0.2031 0.1804 0.4190 0.0440  -0.0427 -0.0210 57  LEU A N   
352 C CA  A LEU A 52  ? 0.2057 0.1811 0.4140 0.0445  -0.0461 -0.0223 57  LEU A CA  
353 C CA  B LEU A 52  ? 0.2043 0.1797 0.4121 0.0445  -0.0460 -0.0222 57  LEU A CA  
354 C C   . LEU A 52  ? 0.2241 0.2017 0.4395 0.0459  -0.0577 -0.0353 57  LEU A C   
355 O O   . LEU A 52  ? 0.2733 0.2461 0.4955 0.0482  -0.0611 -0.0437 57  LEU A O   
356 C CB  A LEU A 52  ? 0.1891 0.1618 0.3718 0.0471  -0.0457 -0.0127 57  LEU A CB  
357 C CB  B LEU A 52  ? 0.1504 0.1232 0.3325 0.0470  -0.0458 -0.0127 57  LEU A CB  
358 C CG  A LEU A 52  ? 0.1704 0.1384 0.3510 0.0460  -0.0412 -0.0012 57  LEU A CG  
359 C CG  B LEU A 52  ? 0.1783 0.1463 0.3585 0.0482  -0.0405 -0.0067 57  LEU A CG  
360 C CD1 A LEU A 52  ? 0.1644 0.1318 0.3332 0.0463  -0.0438 0.0059  57  LEU A CD1 
361 C CD1 B LEU A 52  ? 0.1893 0.1547 0.3893 0.0450  -0.0345 -0.0038 57  LEU A CD1 
362 C CD2 A LEU A 52  ? 0.1917 0.1571 0.3918 0.0440  -0.0348 -0.0001 57  LEU A CD2 
363 C CD2 B LEU A 52  ? 0.1789 0.1467 0.3486 0.0478  -0.0418 0.0036  57  LEU A CD2 
364 N N   . GLY A 53  ? 0.2013 0.1834 0.4171 0.0458  -0.0655 -0.0381 58  GLY A N   
365 C CA  . GLY A 53  ? 0.2213 0.2036 0.4467 0.0480  -0.0830 -0.0496 58  GLY A CA  
366 C C   . GLY A 53  ? 0.2414 0.2247 0.5049 0.0440  -0.0914 -0.0633 58  GLY A C   
367 O O   . GLY A 53  ? 0.2627 0.2405 0.5338 0.0482  -0.1099 -0.0780 58  GLY A O   
368 N N   . GLN A 54  ? 0.2344 0.2231 0.5240 0.0376  -0.0788 -0.0595 59  GLN A N   
369 C CA  . GLN A 54  ? 0.2558 0.2475 0.5936 0.0316  -0.0824 -0.0693 59  GLN A CA  
370 C C   . GLN A 54  ? 0.2728 0.2614 0.6176 0.0321  -0.0831 -0.0767 59  GLN A C   
371 O O   . GLN A 54  ? 0.3055 0.2940 0.6768 0.0325  -0.1017 -0.0941 59  GLN A O   
372 C CB  . GLN A 54  ? 0.2318 0.2278 0.5931 0.0271  -0.0603 -0.0587 59  GLN A CB  
373 C CG  . GLN A 54  ? 0.2103 0.2096 0.5824 0.0268  -0.0580 -0.0562 59  GLN A CG  
374 C CD  . GLN A 54  ? 0.2131 0.2124 0.6256 0.0222  -0.0788 -0.0680 59  GLN A CD  
375 O OE1 . GLN A 54  ? 0.2183 0.2168 0.6784 0.0159  -0.0828 -0.0752 59  GLN A OE1 
376 N NE2 . GLN A 54  ? 0.2281 0.2246 0.6250 0.0255  -0.0935 -0.0693 59  GLN A NE2 
377 N N   . TYR A 55  ? 0.2657 0.2506 0.5890 0.0330  -0.0641 -0.0639 60  TYR A N   
378 C CA  . TYR A 55  ? 0.3015 0.2806 0.6271 0.0337  -0.0583 -0.0665 60  TYR A CA  
379 C C   . TYR A 55  ? 0.2960 0.2653 0.6055 0.0414  -0.0728 -0.0835 60  TYR A C   
380 O O   . TYR A 55  ? 0.3409 0.3049 0.6703 0.0415  -0.0790 -0.1004 60  TYR A O   
381 C CB  . TYR A 55  ? 0.3402 0.3144 0.6356 0.0354  -0.0426 -0.0475 60  TYR A CB  
382 C CG  . TYR A 55  ? 0.3989 0.3664 0.6978 0.0354  -0.0327 -0.0443 60  TYR A CG  
383 C CD1 . TYR A 55  ? 0.4312 0.4006 0.7637 0.0296  -0.0221 -0.0391 60  TYR A CD1 
384 C CD2 . TYR A 55  ? 0.4202 0.3788 0.6940 0.0414  -0.0309 -0.0446 60  TYR A CD2 
385 C CE1 . TYR A 55  ? 0.4458 0.4105 0.7892 0.0286  -0.0126 -0.0351 60  TYR A CE1 
386 C CE2 . TYR A 55  ? 0.4443 0.3963 0.7284 0.0410  -0.0188 -0.0414 60  TYR A CE2 
387 C CZ  . TYR A 55  ? 0.4633 0.4193 0.7830 0.0340  -0.0109 -0.0370 60  TYR A CZ  
388 O OH  . TYR A 55  ? 0.4802 0.4317 0.8180 0.0327  0.0009  -0.0333 60  TYR A OH  
389 N N   . ILE A 56  ? 0.2727 0.2365 0.5436 0.0489  -0.0766 -0.0795 61  ILE A N   
390 C CA  . ILE A 56  ? 0.3043 0.2500 0.5477 0.0600  -0.0874 -0.0943 61  ILE A CA  
391 C C   . ILE A 56  ? 0.3586 0.2969 0.6147 0.0621  -0.1165 -0.1203 61  ILE A C   
392 O O   . ILE A 56  ? 0.4056 0.3195 0.6361 0.0659  -0.1226 -0.1415 61  ILE A O   
393 C CB  . ILE A 56  ? 0.3012 0.2452 0.5096 0.0684  -0.0893 -0.0824 61  ILE A CB  
394 C CG1 . ILE A 56  ? 0.2638 0.2069 0.4574 0.0683  -0.0638 -0.0620 61  ILE A CG1 
395 C CG2 . ILE A 56  ? 0.3565 0.2762 0.5315 0.0835  -0.1084 -0.1004 61  ILE A CG2 
396 C CD1 . ILE A 56  ? 0.2479 0.1941 0.4182 0.0734  -0.0625 -0.0467 61  ILE A CD1 
397 N N   . MET A 57  ? 0.3268 0.2827 0.6191 0.0571  -0.1335 -0.1197 62  MET A N   
398 C CA  . MET A 57  ? 0.3569 0.3082 0.6710 0.0590  -0.1675 -0.1404 62  MET A CA  
399 C C   . MET A 57  ? 0.3615 0.3226 0.7283 0.0519  -0.1650 -0.1483 62  MET A C   
400 O O   . MET A 57  ? 0.4063 0.3545 0.7724 0.0526  -0.1879 -0.1661 62  MET A O   
401 C CB  . MET A 57  ? 0.3599 0.3190 0.6901 0.0604  -0.1880 -0.1332 62  MET A CB  
402 C CG  . MET A 57  ? 0.3734 0.3204 0.6471 0.0698  -0.2030 -0.1290 62  MET A CG  
403 S SD  . MET A 57  ? 0.8023 0.7551 1.0795 0.0632  -0.2030 -0.1085 62  MET A SD  
404 C CE  . MET A 57  ? 0.4643 0.4316 0.7771 0.0492  -0.1642 -0.0960 62  MET A CE  
405 N N   . THR A 58  ? 0.3296 0.3085 0.7328 0.0424  -0.1374 -0.1340 63  THR A N   
406 C CA  . THR A 58  ? 0.3482 0.3348 0.8045 0.0375  -0.1328 -0.1403 63  THR A CA  
407 C C   . THR A 58  ? 0.3879 0.3506 0.8125 0.0388  -0.1289 -0.1567 63  THR A C   
408 O O   . THR A 58  ? 0.4344 0.3874 0.8726 0.0383  -0.1455 -0.1765 63  THR A O   
409 C CB  . THR A 58  ? 0.3528 0.3548 0.8446 0.0251  -0.1021 -0.1199 63  THR A CB  
410 O OG1 . THR A 58  ? 0.4055 0.3955 0.8544 0.0248  -0.0783 -0.1069 63  THR A OG1 
411 C CG2 . THR A 58  ? 0.3391 0.3441 0.8309 0.0188  -0.0938 -0.1044 63  THR A CG2 
412 N N   . LYS A 59  ? 0.3862 0.3366 0.7683 0.0398  -0.1063 -0.1486 64  LYS A N   
413 C CA  . LYS A 59  ? 0.4529 0.3777 0.8076 0.0406  -0.0980 -0.1652 64  LYS A CA  
414 C C   . LYS A 59  ? 0.4749 0.3699 0.7583 0.0481  -0.1097 -0.1825 64  LYS A C   
415 O O   . LYS A 59  ? 0.5232 0.3956 0.7671 0.0519  -0.0886 -0.1853 64  LYS A O   
416 C CB  . LYS A 59  ? 0.4762 0.4017 0.8325 0.0389  -0.0656 -0.1460 64  LYS A CB  
417 C CG  . LYS A 59  ? 0.5134 0.4507 0.8526 0.0407  -0.0570 -0.1202 64  LYS A CG  
418 C CD  . LYS A 59  ? 0.5519 0.4987 0.9108 0.0349  -0.0342 -0.0960 64  LYS A CD  
419 C CE  . LYS A 59  ? 0.6299 0.5594 0.9730 0.0386  -0.0182 -0.0974 64  LYS A CE  
420 N NZ  . LYS A 59  ? 0.6500 0.5875 1.0200 0.0331  -0.0006 -0.0764 64  LYS A NZ  
421 N N   . ARG A 60  ? 0.4631 0.3578 0.7314 0.0503  -0.1423 -0.1915 65  ARG A N   
422 C CA  . ARG A 60  ? 0.5301 0.3938 0.7249 0.0541  -0.1638 -0.2135 65  ARG A CA  
423 C C   . ARG A 60  ? 0.5333 0.3698 0.6608 0.0632  -0.1395 -0.2143 65  ARG A C   
424 O O   . ARG A 60  ? 0.6032 0.4058 0.6648 0.0652  -0.1392 -0.2366 65  ARG A O   
425 C CB  . ARG A 60  ? 0.6197 0.4656 0.8097 0.0466  -0.1776 -0.2402 65  ARG A CB  
426 C CG  . ARG A 60  ? 0.6284 0.4984 0.8927 0.0405  -0.2016 -0.2396 65  ARG A CG  
427 C CD  . ARG A 60  ? 0.6939 0.5604 0.9357 0.0409  -0.2450 -0.2446 65  ARG A CD  
428 N NE  . ARG A 60  ? 0.7263 0.6056 1.0363 0.0366  -0.2684 -0.2476 65  ARG A NE  
429 C CZ  . ARG A 60  ? 0.7814 0.6589 1.0913 0.0364  -0.3059 -0.2470 65  ARG A CZ  
430 N NH1 . ARG A 60  ? 0.8082 0.6752 1.0505 0.0391  -0.3247 -0.2419 65  ARG A NH1 
431 N NH2 . ARG A 60  ? 0.8008 0.6868 1.1823 0.0339  -0.3239 -0.2491 65  ARG A NH2 
432 N N   . LEU A 61  ? 0.4654 0.3161 0.6090 0.0694  -0.1166 -0.1886 66  LEU A N   
433 C CA  . LEU A 61  ? 0.4711 0.3005 0.5679 0.0812  -0.0904 -0.1827 66  LEU A CA  
434 C C   . LEU A 61  ? 0.5252 0.3490 0.5589 0.0897  -0.1082 -0.1772 66  LEU A C   
435 O O   . LEU A 61  ? 0.5481 0.3611 0.5393 0.0989  -0.0844 -0.1637 66  LEU A O   
436 C CB  . LEU A 61  ? 0.3911 0.2454 0.5318 0.0812  -0.0620 -0.1481 66  LEU A CB  
437 C CG  . LEU A 61  ? 0.3851 0.2521 0.5728 0.0705  -0.0419 -0.1384 66  LEU A CG  
438 C CD1 . LEU A 61  ? 0.3572 0.2416 0.5620 0.0700  -0.0211 -0.1049 66  LEU A CD1 
439 C CD2 . LEU A 61  ? 0.4480 0.2850 0.6188 0.0705  -0.0264 -0.1611 66  LEU A CD2 
440 N N   . TYR A 62  ? 0.5538 0.3896 0.5886 0.0847  -0.1476 -0.1808 67  TYR A N   
441 C CA  . TYR A 62  ? 0.5883 0.4271 0.5727 0.0901  -0.1678 -0.1665 67  TYR A CA  
442 C C   . TYR A 62  ? 0.6558 0.4896 0.6247 0.0830  -0.2170 -0.1850 67  TYR A C   
443 O O   . TYR A 62  ? 0.6356 0.4930 0.6386 0.0807  -0.2454 -0.1717 67  TYR A O   
444 C CB  . TYR A 62  ? 0.5093 0.3815 0.5422 0.0930  -0.1637 -0.1350 67  TYR A CB  
445 C CG  . TYR A 62  ? 0.5224 0.4004 0.5183 0.0997  -0.1786 -0.1145 67  TYR A CG  
446 C CD1 . TYR A 62  ? 0.5685 0.4256 0.4934 0.1092  -0.1619 -0.1049 67  TYR A CD1 
447 C CD2 . TYR A 62  ? 0.4848 0.3881 0.5232 0.0973  -0.2054 -0.1025 67  TYR A CD2 
448 C CE1 . TYR A 62  ? 0.5858 0.4480 0.4815 0.1157  -0.1741 -0.0819 67  TYR A CE1 
449 C CE2 . TYR A 62  ? 0.5069 0.4160 0.5212 0.1036  -0.2191 -0.0814 67  TYR A CE2 
450 C CZ  . TYR A 62  ? 0.5559 0.4448 0.4983 0.1127  -0.2047 -0.0701 67  TYR A CZ  
451 O OH  . TYR A 62  ? 0.5627 0.4573 0.4854 0.1192  -0.2173 -0.0451 67  TYR A OH  
452 N N   . ASP A 63  ? 0.7538 0.5549 0.6756 0.0791  -0.2284 -0.2170 68  ASP A N   
453 C CA  . ASP A 63  ? 0.8346 0.6342 0.7462 0.0704  -0.2724 -0.2276 68  ASP A CA  
454 C C   . ASP A 63  ? 0.9096 0.6928 0.7305 0.0759  -0.2969 -0.2186 68  ASP A C   
455 O O   . ASP A 63  ? 0.9342 0.7281 0.7643 0.0702  -0.3327 -0.2093 68  ASP A O   
456 C CB  . ASP A 63  ? 0.9160 0.6938 0.8181 0.0617  -0.2687 -0.2562 68  ASP A CB  
457 C CG  . ASP A 63  ? 0.8771 0.6820 0.8852 0.0529  -0.2670 -0.2566 68  ASP A CG  
458 O OD1 . ASP A 63  ? 0.7964 0.6293 0.8725 0.0554  -0.2480 -0.2373 68  ASP A OD1 
459 O OD2 . ASP A 63  ? 0.9290 0.7261 0.9498 0.0443  -0.2844 -0.2744 68  ASP A OD2 
460 N N   . GLU A 64  ? 0.9545 0.7105 0.6906 0.0880  -0.2710 -0.2163 69  GLU A N   
461 C CA  . GLU A 64  ? 1.0373 0.7793 0.6847 0.0952  -0.2885 -0.1988 69  GLU A CA  
462 C C   . GLU A 64  ? 0.9496 0.7267 0.6385 0.1026  -0.2775 -0.1558 69  GLU A C   
463 O O   . GLU A 64  ? 0.8988 0.6803 0.5917 0.1116  -0.2308 -0.1360 69  GLU A O   
464 C CB  . GLU A 64  ? 1.1666 0.8601 0.6941 0.1041  -0.2573 -0.2097 69  GLU A CB  
465 C CG  . GLU A 64  ? 1.2707 0.9497 0.7039 0.1117  -0.2739 -0.1853 69  GLU A CG  
466 C CD  . GLU A 64  ? 1.3382 1.0284 0.7762 0.0976  -0.3268 -0.1830 69  GLU A CD  
467 O OE1 . GLU A 64  ? 1.2646 0.9925 0.8025 0.0881  -0.3577 -0.1757 69  GLU A OE1 
468 O OE2 . GLU A 64  ? 1.4655 1.1248 0.8058 0.0968  -0.3339 -0.1874 69  GLU A OE2 
469 N N   . LYS A 65  ? 0.9380 0.7391 0.6654 0.0983  -0.3219 -0.1419 70  LYS A N   
470 C CA  . LYS A 65  ? 0.8867 0.7220 0.6691 0.1037  -0.3175 -0.1058 70  LYS A CA  
471 C C   . LYS A 65  ? 0.9431 0.7656 0.6485 0.1150  -0.3130 -0.0765 70  LYS A C   
472 O O   . LYS A 65  ? 0.9001 0.7426 0.6397 0.1224  -0.2887 -0.0469 70  LYS A O   
473 C CB  . LYS A 65  ? 0.8484 0.7152 0.7239 0.0908  -0.3378 -0.0965 70  LYS A CB  
474 C CG  . LYS A 65  ? 0.8108 0.6848 0.7573 0.0804  -0.3395 -0.1202 70  LYS A CG  
475 C CD  . LYS A 65  ? 0.7185 0.6123 0.7311 0.0826  -0.3079 -0.1198 70  LYS A CD  
476 C CE  . LYS A 65  ? 0.6850 0.5857 0.7696 0.0735  -0.3047 -0.1368 70  LYS A CE  
477 N NZ  . LYS A 65  ? 0.7182 0.6201 0.8340 0.0655  -0.3312 -0.1358 70  LYS A NZ  
478 N N   . GLN A 66  ? 1.0422 0.8310 0.6487 0.1146  -0.3284 -0.0829 71  GLN A N   
479 C CA  . GLN A 66  ? 1.1025 0.8808 0.6397 0.1240  -0.3238 -0.0500 71  GLN A CA  
480 C C   . GLN A 66  ? 1.1091 0.8636 0.5822 0.1405  -0.2699 -0.0355 71  GLN A C   
481 O O   . GLN A 66  ? 1.1678 0.9086 0.5773 0.1507  -0.2617 -0.0053 71  GLN A O   
482 C CB  . GLN A 66  ? 1.2306 0.9885 0.6952 0.1153  -0.3543 -0.0543 71  GLN A CB  
483 C CG  . GLN A 66  ? 1.3039 1.0360 0.7361 0.1047  -0.3692 -0.0969 71  GLN A CG  
484 C CD  . GLN A 66  ? 1.3332 1.0816 0.8100 0.0891  -0.4182 -0.1016 71  GLN A CD  
485 O OE1 . GLN A 66  ? 1.2758 1.0613 0.8439 0.0845  -0.4355 -0.0806 71  GLN A OE1 
486 N NE2 . GLN A 66  ? 1.4219 1.1406 0.8366 0.0813  -0.4377 -0.1297 71  GLN A NE2 
487 N N   . GLN A 67  ? 1.0521 0.8067 0.5614 0.1407  -0.2244 -0.0514 72  GLN A N   
488 C CA  . GLN A 67  ? 1.0668 0.8060 0.5488 0.1530  -0.1633 -0.0339 72  GLN A CA  
489 C C   . GLN A 67  ? 0.9347 0.7084 0.5269 0.1541  -0.1301 -0.0190 72  GLN A C   
490 O O   . GLN A 67  ? 0.9186 0.6871 0.5150 0.1638  -0.0840 0.0017  72  GLN A O   
491 C CB  . GLN A 67  ? 1.1779 0.8699 0.5738 0.1555  -0.1310 -0.0639 72  GLN A CB  
492 C CG  . GLN A 67  ? 1.2577 0.9232 0.5970 0.1708  -0.0715 -0.0404 72  GLN A CG  
493 C CD  . GLN A 67  ? 1.3977 1.0080 0.6322 0.1748  -0.0394 -0.0708 72  GLN A CD  
494 O OE1 . GLN A 67  ? 1.5137 1.0889 0.6433 0.1719  -0.0713 -0.0932 72  GLN A OE1 
495 N NE2 . GLN A 67  ? 1.3914 0.9910 0.6549 0.1815  0.0228  -0.0729 72  GLN A NE2 
496 N N   . HIS A 68  ? 0.8485 0.6549 0.5294 0.1440  -0.1544 -0.0291 73  HIS A N   
497 C CA  . HIS A 68  ? 0.7589 0.5970 0.5361 0.1439  -0.1343 -0.0144 73  HIS A CA  
498 C C   . HIS A 68  ? 0.7230 0.5511 0.5182 0.1467  -0.0874 -0.0195 73  HIS A C   
499 O O   . HIS A 68  ? 0.6770 0.5184 0.5206 0.1518  -0.0620 0.0031  73  HIS A O   
500 C CB  . HIS A 68  ? 0.7738 0.6288 0.5732 0.1518  -0.1321 0.0233  73  HIS A CB  
501 C CG  . HIS A 68  ? 0.8200 0.6908 0.6275 0.1489  -0.1780 0.0331  73  HIS A CG  
502 N ND1 . HIS A 68  ? 0.9210 0.7721 0.6499 0.1510  -0.2060 0.0373  73  HIS A ND1 
503 C CD2 . HIS A 68  ? 0.7764 0.6791 0.6635 0.1444  -0.2009 0.0401  73  HIS A CD2 
504 C CE1 . HIS A 68  ? 0.9140 0.7876 0.6842 0.1472  -0.2462 0.0490  73  HIS A CE1 
505 N NE2 . HIS A 68  ? 0.8243 0.7335 0.6981 0.1380  -0.2316 0.0485  73  HIS A NE2 
506 N N   . ILE A 69  ? 0.7320 0.5361 0.4951 0.1431  -0.0781 -0.0493 74  ILE A N   
507 C CA  . ILE A 69  ? 0.6803 0.4749 0.4720 0.1451  -0.0354 -0.0553 74  ILE A CA  
508 C C   . ILE A 69  ? 0.6118 0.4140 0.4519 0.1339  -0.0472 -0.0823 74  ILE A C   
509 O O   . ILE A 69  ? 0.6344 0.4252 0.4456 0.1269  -0.0739 -0.1095 74  ILE A O   
510 C CB  . ILE A 69  ? 0.7835 0.5345 0.4939 0.1535  0.0011  -0.0653 74  ILE A CB  
511 C CG1 . ILE A 69  ? 0.8480 0.5874 0.5041 0.1658  0.0187  -0.0346 74  ILE A CG1 
512 C CG2 . ILE A 69  ? 0.7524 0.4952 0.5110 0.1557  0.0467  -0.0697 74  ILE A CG2 
513 C CD1 . ILE A 69  ? 0.8072 0.5569 0.5246 0.1747  0.0621  -0.0027 74  ILE A CD1 
514 N N   . VAL A 70  ? 0.5529 0.3735 0.4688 0.1319  -0.0300 -0.0732 75  VAL A N   
515 C CA  . VAL A 70  ? 0.5574 0.3808 0.5184 0.1229  -0.0320 -0.0939 75  VAL A CA  
516 C C   . VAL A 70  ? 0.6118 0.4099 0.5733 0.1268  0.0085  -0.1022 75  VAL A C   
517 O O   . VAL A 70  ? 0.6050 0.4060 0.6003 0.1330  0.0379  -0.0803 75  VAL A O   
518 C CB  . VAL A 70  ? 0.4837 0.3397 0.5231 0.1173  -0.0410 -0.0786 75  VAL A CB  
519 C CG1 . VAL A 70  ? 0.4870 0.3418 0.5735 0.1104  -0.0316 -0.0915 75  VAL A CG1 
520 C CG2 . VAL A 70  ? 0.4233 0.3006 0.4716 0.1122  -0.0775 -0.0784 75  VAL A CG2 
521 N N   . TYR A 71  ? 0.6819 0.4537 0.6111 0.1234  0.0094  -0.1347 76  TYR A N   
522 C CA  . TYR A 71  ? 0.7237 0.4689 0.6611 0.1266  0.0495  -0.1478 76  TYR A CA  
523 C C   . TYR A 71  ? 0.6787 0.4419 0.7058 0.1184  0.0491  -0.1480 76  TYR A C   
524 O O   . TYR A 71  ? 0.6622 0.4391 0.7103 0.1079  0.0192  -0.1600 76  TYR A O   
525 C CB  . TYR A 71  ? 0.8115 0.5155 0.6698 0.1259  0.0491  -0.1868 76  TYR A CB  
526 N N   . CYS A 72  ? 0.6713 0.4464 0.7423 0.1183  0.0745  -0.1226 77  CYS A N   
527 C CA  . CYS A 72  ? 0.6346 0.4413 0.7646 0.1036  0.0653  -0.1047 77  CYS A CA  
528 C C   . CYS A 72  ? 0.6666 0.4773 0.8328 0.0995  0.0906  -0.0926 77  CYS A C   
529 O O   . CYS A 72  ? 0.6407 0.4778 0.8557 0.0872  0.0857  -0.0735 77  CYS A O   
530 C CB  . CYS A 72  ? 0.5576 0.4001 0.7136 0.0978  0.0461  -0.0752 77  CYS A CB  
531 S SG  . CYS A 72  ? 0.6989 0.5488 0.8502 0.1063  0.0549  -0.0493 77  CYS A SG  
532 N N   . SER A 73  ? 0.7320 0.5155 0.8736 0.1084  0.1199  -0.1044 78  SER A N   
533 C CA  . SER A 73  ? 0.7353 0.5205 0.9175 0.1042  0.1496  -0.0920 78  SER A CA  
534 C C   . SER A 73  ? 0.6915 0.4906 0.9269 0.0908  0.1458  -0.0904 78  SER A C   
535 O O   . SER A 73  ? 0.6725 0.4906 0.9640 0.0818  0.1570  -0.0668 78  SER A O   
536 C CB  . SER A 73  ? 0.8452 0.5906 0.9808 0.1146  0.1847  -0.1154 78  SER A CB  
537 O OG  . SER A 73  ? 0.8995 0.6256 0.9699 0.1271  0.1910  -0.1211 78  SER A OG  
538 N N   . ASN A 74  ? 0.6837 0.4735 0.9054 0.0883  0.1303  -0.1150 79  ASN A N   
539 C CA  . ASN A 74  ? 0.6718 0.4725 0.9454 0.0764  0.1304  -0.1159 79  ASN A CA  
540 C C   . ASN A 74  ? 0.5979 0.4214 0.8873 0.0676  0.1005  -0.1124 79  ASN A C   
541 O O   . ASN A 74  ? 0.6049 0.4294 0.9193 0.0604  0.0951  -0.1255 79  ASN A O   
542 C CB  . ASN A 74  ? 0.7779 0.5430 1.0304 0.0798  0.1467  -0.1509 79  ASN A CB  
543 C CG  . ASN A 74  ? 0.8486 0.5867 1.0381 0.0840  0.1249  -0.1857 79  ASN A CG  
544 O OD1 . ASN A 74  ? 0.8639 0.6027 1.0149 0.0880  0.1055  -0.1857 79  ASN A OD1 
545 N ND2 . ASN A 74  ? 0.9004 0.6133 1.0816 0.0811  0.1265  -0.2161 79  ASN A ND2 
546 N N   . ASP A 75  ? 0.5393 0.3815 0.8176 0.0681  0.0831  -0.0945 80  ASP A N   
547 C CA  . ASP A 75  ? 0.4895 0.3565 0.7864 0.0593  0.0600  -0.0862 80  ASP A CA  
548 C C   . ASP A 75  ? 0.4105 0.3048 0.7335 0.0528  0.0575  -0.0533 80  ASP A C   
549 O O   . ASP A 75  ? 0.4233 0.3176 0.7435 0.0560  0.0669  -0.0395 80  ASP A O   
550 C CB  . ASP A 75  ? 0.5175 0.3790 0.7723 0.0649  0.0405  -0.0981 80  ASP A CB  
551 C CG  . ASP A 75  ? 0.5074 0.3931 0.7871 0.0556  0.0205  -0.0935 80  ASP A CG  
552 O OD1 . ASP A 75  ? 0.5393 0.4210 0.8342 0.0513  0.0129  -0.1136 80  ASP A OD1 
553 O OD2 . ASP A 75  ? 0.4810 0.3878 0.7664 0.0524  0.0137  -0.0710 80  ASP A OD2 
554 N N   . LEU A 76  ? 0.3504 0.2657 0.6983 0.0435  0.0453  -0.0417 81  LEU A N   
555 C CA  . LEU A 76  ? 0.3266 0.2610 0.6887 0.0373  0.0401  -0.0145 81  LEU A CA  
556 C C   . LEU A 76  ? 0.3522 0.2879 0.6775 0.0422  0.0312  -0.0062 81  LEU A C   
557 O O   . LEU A 76  ? 0.3549 0.2993 0.6901 0.0392  0.0311  0.0116  81  LEU A O   
558 C CB  . LEU A 76  ? 0.3173 0.2650 0.6961 0.0301  0.0300  -0.0074 81  LEU A CB  
559 C CG  . LEU A 76  ? 0.3468 0.3006 0.7775 0.0231  0.0394  -0.0043 81  LEU A CG  
560 C CD1 . LEU A 76  ? 0.3267 0.2893 0.7701 0.0188  0.0326  -0.0005 81  LEU A CD1 
561 C CD2 . LEU A 76  ? 0.3650 0.3286 0.8277 0.0193  0.0459  0.0187  81  LEU A CD2 
562 N N   . LEU A 77  ? 0.3734 0.3023 0.6626 0.0491  0.0224  -0.0192 82  LEU A N   
563 C CA  . LEU A 77  ? 0.3661 0.2969 0.6241 0.0542  0.0146  -0.0123 82  LEU A CA  
564 C C   . LEU A 77  ? 0.3871 0.3111 0.6457 0.0593  0.0280  -0.0049 82  LEU A C   
565 O O   . LEU A 77  ? 0.4008 0.3342 0.6576 0.0574  0.0234  0.0095  82  LEU A O   
566 C CB  . LEU A 77  ? 0.3769 0.3000 0.6056 0.0618  0.0054  -0.0286 82  LEU A CB  
567 C CG  . LEU A 77  ? 0.3581 0.2857 0.5600 0.0670  -0.0030 -0.0211 82  LEU A CG  
568 C CD1 . LEU A 77  ? 0.3447 0.2897 0.5483 0.0578  -0.0138 -0.0083 82  LEU A CD1 
569 C CD2 . LEU A 77  ? 0.3604 0.2792 0.5434 0.0752  -0.0127 -0.0379 82  LEU A CD2 
570 N N   . GLY A 78  ? 0.4002 0.3067 0.6644 0.0650  0.0462  -0.0166 83  GLY A N   
571 C CA  . GLY A 78  ? 0.4045 0.3030 0.6782 0.0694  0.0666  -0.0096 83  GLY A CA  
572 C C   . GLY A 78  ? 0.3789 0.2969 0.6999 0.0576  0.0694  0.0128  83  GLY A C   
573 O O   . GLY A 78  ? 0.3803 0.3035 0.7156 0.0571  0.0766  0.0267  83  GLY A O   
574 N N   . ASP A 79  ? 0.3773 0.3070 0.7279 0.0479  0.0634  0.0169  84  ASP A N   
575 C CA  . ASP A 79  ? 0.4202 0.3691 0.8206 0.0374  0.0629  0.0380  84  ASP A CA  
576 C C   . ASP A 79  ? 0.4316 0.3957 0.8258 0.0323  0.0404  0.0512  84  ASP A C   
577 O O   . ASP A 79  ? 0.4524 0.4297 0.8815 0.0264  0.0373  0.0675  84  ASP A O   
578 C CB  . ASP A 79  ? 0.4611 0.4170 0.8996 0.0305  0.0648  0.0399  84  ASP A CB  
579 C CG  . ASP A 79  ? 0.5012 0.4654 1.0051 0.0252  0.0836  0.0523  84  ASP A CG  
580 O OD1 . ASP A 79  ? 0.5159 0.4831 1.0401 0.0254  0.0941  0.0618  84  ASP A OD1 
581 O OD2 . ASP A 79  ? 0.5124 0.4822 1.0545 0.0206  0.0893  0.0537  84  ASP A OD2 
582 N N   . LEU A 80  ? 0.4287 0.3900 0.7812 0.0344  0.0247  0.0430  85  LEU A N   
583 C CA  . LEU A 80  ? 0.4257 0.3950 0.7635 0.0308  0.0050  0.0510  85  LEU A CA  
584 C C   . LEU A 80  ? 0.4316 0.4020 0.7632 0.0329  0.0046  0.0541  85  LEU A C   
585 O O   . LEU A 80  ? 0.4455 0.4247 0.7953 0.0264  -0.0072 0.0658  85  LEU A O   
586 C CB  . LEU A 80  ? 0.4069 0.3713 0.7043 0.0339  -0.0052 0.0401  85  LEU A CB  
587 C CG  . LEU A 80  ? 0.3996 0.3670 0.6789 0.0313  -0.0225 0.0465  85  LEU A CG  
588 C CD1 . LEU A 80  ? 0.4036 0.3729 0.7006 0.0266  -0.0296 0.0603  85  LEU A CD1 
589 C CD2 . LEU A 80  ? 0.3834 0.3465 0.6271 0.0360  -0.0264 0.0344  85  LEU A CD2 
590 N N   . PHE A 81  ? 0.4097 0.3688 0.7160 0.0427  0.0162  0.0438  86  PHE A N   
591 C CA  . PHE A 81  ? 0.3868 0.3456 0.6866 0.0466  0.0187  0.0482  86  PHE A CA  
592 C C   . PHE A 81  ? 0.4030 0.3632 0.7447 0.0458  0.0393  0.0597  86  PHE A C   
593 O O   . PHE A 81  ? 0.4279 0.3966 0.7919 0.0427  0.0398  0.0713  86  PHE A O   
594 C CB  . PHE A 81  ? 0.3792 0.3237 0.6291 0.0603  0.0203  0.0343  86  PHE A CB  
595 C CG  . PHE A 81  ? 0.3669 0.3160 0.5876 0.0596  0.0016  0.0279  86  PHE A CG  
596 C CD1 . PHE A 81  ? 0.3769 0.3167 0.5612 0.0709  -0.0008 0.0162  86  PHE A CD1 
597 C CD2 . PHE A 81  ? 0.3467 0.3075 0.5789 0.0487  -0.0128 0.0337  86  PHE A CD2 
598 C CE1 . PHE A 81  ? 0.3536 0.3013 0.5217 0.0686  -0.0143 0.0122  86  PHE A CE1 
599 C CE2 . PHE A 81  ? 0.3357 0.2985 0.5440 0.0483  -0.0249 0.0272  86  PHE A CE2 
600 C CZ  . PHE A 81  ? 0.3369 0.2959 0.5187 0.0567  -0.0246 0.0172  86  PHE A CZ  
601 N N   . GLY A 82  ? 0.4098 0.3618 0.7684 0.0479  0.0581  0.0564  87  GLY A N   
602 C CA  . GLY A 82  ? 0.4242 0.3760 0.8277 0.0473  0.0840  0.0673  87  GLY A CA  
603 C C   . GLY A 82  ? 0.4404 0.3715 0.8112 0.0610  0.1051  0.0622  87  GLY A C   
604 O O   . GLY A 82  ? 0.4692 0.4031 0.8733 0.0605  0.1248  0.0766  87  GLY A O   
605 N N   . VAL A 83  ? 0.4355 0.3473 0.7537 0.0730  0.1039  0.0445  88  VAL A N   
606 C CA  . VAL A 83  ? 0.4639 0.3517 0.7499 0.0886  0.1269  0.0393  88  VAL A CA  
607 C C   . VAL A 83  ? 0.4862 0.3465 0.7336 0.0988  0.1359  0.0123  88  VAL A C   
608 O O   . VAL A 83  ? 0.4597 0.3261 0.7022 0.0939  0.1137  0.0001  88  VAL A O   
609 C CB  . VAL A 83  ? 0.4555 0.3504 0.7119 0.0935  0.1070  0.0438  88  VAL A CB  
610 C CG1 . VAL A 83  ? 0.5046 0.3797 0.7436 0.1078  0.1372  0.0510  88  VAL A CG1 
611 C CG2 . VAL A 83  ? 0.4097 0.3336 0.6962 0.0787  0.0845  0.0595  88  VAL A CG2 
612 N N   . PRO A 84  ? 0.5555 0.3830 0.7725 0.1122  0.1707  0.0011  89  PRO A N   
613 C CA  . PRO A 84  ? 0.6125 0.4110 0.7815 0.1201  0.1747  -0.0331 89  PRO A CA  
614 C C   . PRO A 84  ? 0.6433 0.4330 0.7578 0.1293  0.1503  -0.0496 89  PRO A C   
615 O O   . PRO A 84  ? 0.6601 0.4372 0.7487 0.1288  0.1347  -0.0780 89  PRO A O   
616 C CB  . PRO A 84  ? 0.6853 0.4469 0.8224 0.1303  0.2227  -0.0411 89  PRO A CB  
617 C CG  . PRO A 84  ? 0.6887 0.4552 0.8370 0.1351  0.2409  -0.0099 89  PRO A CG  
618 C CD  . PRO A 84  ? 0.6086 0.4205 0.8319 0.1184  0.2115  0.0166  89  PRO A CD  
619 N N   . SER A 85  ? 0.6528 0.4493 0.7566 0.1359  0.1459  -0.0306 90  SER A N   
620 C CA  . SER A 85  ? 0.6799 0.4628 0.7304 0.1474  0.1278  -0.0407 90  SER A CA  
621 C C   . SER A 85  ? 0.6282 0.4372 0.7013 0.1485  0.1140  -0.0091 90  SER A C   
622 O O   . SER A 85  ? 0.6242 0.4507 0.7367 0.1418  0.1263  0.0147  90  SER A O   
623 C CB  . SER A 85  ? 0.7932 0.5306 0.7454 0.1601  0.1516  -0.0604 90  SER A CB  
624 O OG  . SER A 85  ? 0.8332 0.5571 0.7711 0.1729  0.1899  -0.0358 90  SER A OG  
625 N N   . PHE A 86  ? 0.5880 0.4032 0.6360 0.1519  0.0837  -0.0099 91  PHE A N   
626 C CA  . PHE A 86  ? 0.5207 0.3584 0.5900 0.1535  0.0701  0.0175  91  PHE A CA  
627 C C   . PHE A 86  ? 0.5214 0.3637 0.5371 0.1540  0.0397  0.0139  91  PHE A C   
628 O O   . PHE A 86  ? 0.5463 0.3835 0.5220 0.1481  0.0179  -0.0107 91  PHE A O   
629 C CB  . PHE A 86  ? 0.4420 0.3222 0.5649 0.1292  0.0396  0.0223  91  PHE A CB  
630 C CG  . PHE A 86  ? 0.4138 0.3038 0.5327 0.1230  0.0127  0.0069  91  PHE A CG  
631 C CD1 . PHE A 86  ? 0.3834 0.2873 0.4924 0.1221  -0.0082 0.0098  91  PHE A CD1 
632 C CD2 . PHE A 86  ? 0.4148 0.3036 0.5441 0.1148  0.0164  -0.0049 91  PHE A CD2 
633 C CE1 . PHE A 86  ? 0.3511 0.2704 0.4694 0.1087  -0.0235 -0.0005 91  PHE A CE1 
634 C CE2 . PHE A 86  ? 0.3829 0.2839 0.5163 0.1048  0.0003  -0.0132 91  PHE A CE2 
635 C CZ  . PHE A 86  ? 0.3502 0.2667 0.4799 0.1011  -0.0194 -0.0121 91  PHE A CZ  
636 N N   . SER A 87  ? 0.4758 0.3291 0.5000 0.1594  0.0360  0.0394  92  SER A N   
637 C CA  . SER A 87  ? 0.4726 0.3349 0.4617 0.1592  0.0054  0.0428  92  SER A CA  
638 C C   . SER A 87  ? 0.4239 0.3152 0.4653 0.1501  -0.0289 0.0390  92  SER A C   
639 O O   . SER A 87  ? 0.3905 0.3002 0.4808 0.1375  -0.0303 0.0403  92  SER A O   
640 C CB  . SER A 87  ? 0.4765 0.3370 0.4605 0.1699  0.0200  0.0749  92  SER A CB  
641 O OG  . SER A 87  ? 0.4513 0.3238 0.4176 0.1694  -0.0121 0.0828  92  SER A OG  
642 N N   . VAL A 88  ? 0.4229 0.3206 0.4410 0.1450  -0.0603 0.0255  93  VAL A N   
643 C CA  . VAL A 88  ? 0.3701 0.2970 0.4354 0.1314  -0.0812 0.0217  93  VAL A CA  
644 C C   . VAL A 88  ? 0.4038 0.3532 0.4845 0.1250  -0.0790 0.0432  93  VAL A C   
645 O O   . VAL A 88  ? 0.3947 0.3659 0.4954 0.1098  -0.0793 0.0388  93  VAL A O   
646 C CB  . VAL A 88  ? 0.3602 0.2851 0.4129 0.1295  -0.1137 -0.0012 93  VAL A CB  
647 C CG1 . VAL A 88  ? 0.3951 0.3019 0.4256 0.1259  -0.1037 -0.0245 93  VAL A CG1 
648 C CG2 . VAL A 88  ? 0.3656 0.2853 0.3734 0.1335  -0.1372 0.0047  93  VAL A CG2 
649 N N   . LYS A 89  ? 0.4588 0.3945 0.5215 0.1396  -0.0744 0.0644  94  LYS A N   
650 C CA  . LYS A 89  ? 0.4696 0.4241 0.5434 0.1389  -0.0681 0.0846  94  LYS A CA  
651 C C   . LYS A 89  ? 0.4627 0.4083 0.5431 0.1343  -0.0584 0.0721  94  LYS A C   
652 O O   . LYS A 89  ? 0.4440 0.4024 0.5394 0.1264  -0.0580 0.0740  94  LYS A O   
653 C CB  . LYS A 89  ? 0.5382 0.4664 0.5735 0.1516  -0.0827 0.1052  94  LYS A CB  
654 C CG  . LYS A 89  ? 0.6001 0.5130 0.5636 0.1618  -0.1128 0.0955  94  LYS A CG  
655 C CD  . LYS A 89  ? 0.6911 0.5788 0.5736 0.1728  -0.1054 0.1161  94  LYS A CD  
656 C CE  . LYS A 89  ? 0.6906 0.5936 0.6068 0.1735  -0.1072 0.1500  94  LYS A CE  
657 N NZ  . LYS A 89  ? 0.6699 0.6036 0.6223 0.1579  -0.1415 0.1496  94  LYS A NZ  
658 N N   . GLU A 90  ? 0.4565 0.3929 0.5487 0.1304  -0.0452 0.0686  95  GLU A N   
659 C CA  A GLU A 90  ? 0.4414 0.3870 0.5602 0.1174  -0.0309 0.0702  95  GLU A CA  
660 C CA  B GLU A 90  ? 0.4395 0.3853 0.5582 0.1174  -0.0313 0.0704  95  GLU A CA  
661 C C   . GLU A 90  ? 0.3925 0.3544 0.5255 0.1012  -0.0337 0.0577  95  GLU A C   
662 O O   . GLU A 90  ? 0.3836 0.3439 0.5230 0.0961  -0.0283 0.0530  95  GLU A O   
663 C CB  A GLU A 90  ? 0.4673 0.4021 0.6007 0.1206  -0.0067 0.0819  95  GLU A CB  
664 C CB  B GLU A 90  ? 0.4696 0.4049 0.6038 0.1211  -0.0063 0.0842  95  GLU A CB  
665 C CG  A GLU A 90  ? 0.5244 0.4431 0.6438 0.1386  0.0175  0.1082  95  GLU A CG  
666 C CG  B GLU A 90  ? 0.5239 0.4476 0.6493 0.1364  0.0145  0.1120  95  GLU A CG  
667 C CD  A GLU A 90  ? 0.5412 0.4697 0.6871 0.1352  0.0302  0.1279  95  GLU A CD  
668 C CD  B GLU A 90  ? 0.5646 0.4665 0.6769 0.1518  0.0559  0.1265  95  GLU A CD  
669 O OE1 A GLU A 90  ? 0.5064 0.4530 0.6830 0.1186  0.0167  0.1183  95  GLU A OE1 
670 O OE1 B GLU A 90  ? 0.5589 0.4612 0.6913 0.1442  0.0649  0.1143  95  GLU A OE1 
671 O OE2 A GLU A 90  ? 0.6024 0.5168 0.7308 0.1520  0.0584  0.1544  95  GLU A OE2 
672 O OE2 B GLU A 90  ? 0.6136 0.4920 0.6849 0.1733  0.0826  0.1504  95  GLU A OE2 
673 N N   . HIS A 91  ? 0.3561 0.3314 0.5057 0.0906  -0.0425 0.0559  96  HIS A N   
674 C CA  . HIS A 91  ? 0.3050 0.2869 0.4700 0.0744  -0.0494 0.0447  96  HIS A CA  
675 C C   . HIS A 91  ? 0.2498 0.2322 0.4435 0.0612  -0.0493 0.0461  96  HIS A C   
676 O O   . HIS A 91  ? 0.2556 0.2366 0.4497 0.0538  -0.0535 0.0385  96  HIS A O   
677 C CB  . HIS A 91  ? 0.3326 0.3201 0.5051 0.0683  -0.0597 0.0391  96  HIS A CB  
678 C CG  . HIS A 91  ? 0.3632 0.3537 0.5175 0.0772  -0.0641 0.0377  96  HIS A CG  
679 N ND1 . HIS A 91  ? 0.3700 0.3645 0.5359 0.0707  -0.0734 0.0307  96  HIS A ND1 
680 C CD2 . HIS A 91  ? 0.3792 0.3678 0.5078 0.0921  -0.0621 0.0430  96  HIS A CD2 
681 C CE1 . HIS A 91  ? 0.3897 0.3878 0.5433 0.0783  -0.0795 0.0321  96  HIS A CE1 
682 N NE2 . HIS A 91  ? 0.3930 0.3884 0.5224 0.0912  -0.0738 0.0402  96  HIS A NE2 
683 N N   . ARG A 92  ? 0.2327 0.2174 0.4535 0.0585  -0.0460 0.0573  97  ARG A N   
684 C CA  . ARG A 92  ? 0.2415 0.2278 0.4975 0.0456  -0.0495 0.0602  97  ARG A CA  
685 C C   . ARG A 92  ? 0.2638 0.2486 0.5215 0.0458  -0.0422 0.0624  97  ARG A C   
686 O O   . ARG A 92  ? 0.2964 0.2806 0.5663 0.0362  -0.0516 0.0581  97  ARG A O   
687 C CB  . ARG A 92  ? 0.2358 0.2270 0.5312 0.0425  -0.0446 0.0748  97  ARG A CB  
688 C CG  . ARG A 92  ? 0.2284 0.2226 0.5705 0.0294  -0.0497 0.0800  97  ARG A CG  
689 C CD  . ARG A 92  ? 0.2402 0.2271 0.5800 0.0191  -0.0724 0.0645  97  ARG A CD  
690 N NE  . ARG A 92  ? 0.2582 0.2402 0.5938 0.0170  -0.0845 0.0543  97  ARG A NE  
691 C CZ  . ARG A 92  ? 0.2611 0.2330 0.5804 0.0142  -0.1011 0.0383  97  ARG A CZ  
692 N NH1 . ARG A 92  ? 0.2386 0.2043 0.5411 0.0131  -0.1085 0.0324  97  ARG A NH1 
693 N NH2 . ARG A 92  ? 0.2856 0.2531 0.6062 0.0140  -0.1090 0.0290  97  ARG A NH2 
694 N N   . LYS A 93  ? 0.2797 0.2611 0.5240 0.0581  -0.0261 0.0691  98  LYS A N   
695 C CA  . LYS A 93  ? 0.2808 0.2593 0.5324 0.0588  -0.0155 0.0714  98  LYS A CA  
696 C C   . LYS A 93  ? 0.2548 0.2303 0.4847 0.0566  -0.0241 0.0582  98  LYS A C   
697 O O   . LYS A 93  ? 0.2930 0.2705 0.5431 0.0488  -0.0249 0.0595  98  LYS A O   
698 C CB  . LYS A 93  ? 0.3240 0.2914 0.5579 0.0751  0.0046  0.0778  98  LYS A CB  
699 C CG  . LYS A 93  ? 0.3596 0.3299 0.6210 0.0776  0.0204  0.0959  98  LYS A CG  
700 C CD  . LYS A 93  ? 0.4271 0.3789 0.6599 0.0960  0.0421  0.1016  98  LYS A CD  
701 C CE  . LYS A 93  ? 0.4681 0.4231 0.7316 0.0990  0.0655  0.1242  98  LYS A CE  
702 N NZ  . LYS A 93  ? 0.5223 0.4564 0.7653 0.1202  0.1022  0.1413  98  LYS A NZ  
703 N N   . ILE A 94  ? 0.2304 0.2029 0.4256 0.0631  -0.0302 0.0475  99  ILE A N   
704 C CA  . ILE A 94  ? 0.2234 0.1947 0.4039 0.0606  -0.0355 0.0367  99  ILE A CA  
705 C C   . ILE A 94  ? 0.2501 0.2247 0.4466 0.0470  -0.0474 0.0345  99  ILE A C   
706 O O   . ILE A 94  ? 0.2717 0.2450 0.4741 0.0431  -0.0484 0.0343  99  ILE A O   
707 C CB  . ILE A 94  ? 0.2317 0.2032 0.3860 0.0672  -0.0400 0.0281  99  ILE A CB  
708 C CG1 . ILE A 94  ? 0.2732 0.2352 0.4027 0.0853  -0.0316 0.0296  99  ILE A CG1 
709 C CG2 . ILE A 94  ? 0.2241 0.1966 0.3757 0.0611  -0.0448 0.0183  99  ILE A CG2 
710 C CD1 . ILE A 94  ? 0.2860 0.2509 0.4027 0.0901  -0.0388 0.0243  99  ILE A CD1 
711 N N   . TYR A 95  ? 0.2417 0.2177 0.4440 0.0418  -0.0574 0.0331  100 TYR A N   
712 C CA  . TYR A 95  ? 0.2336 0.2060 0.4442 0.0332  -0.0714 0.0299  100 TYR A CA  
713 C C   . TYR A 95  ? 0.2538 0.2263 0.4929 0.0267  -0.0750 0.0394  100 TYR A C   
714 O O   . TYR A 95  ? 0.2874 0.2551 0.5254 0.0232  -0.0847 0.0389  100 TYR A O   
715 C CB  . TYR A 95  ? 0.2199 0.1901 0.4364 0.0303  -0.0813 0.0258  100 TYR A CB  
716 C CG  . TYR A 95  ? 0.2026 0.1696 0.3977 0.0333  -0.0851 0.0140  100 TYR A CG  
717 C CD1 . TYR A 95  ? 0.2039 0.1759 0.3856 0.0386  -0.0769 0.0106  100 TYR A CD1 
718 C CD2 . TYR A 95  ? 0.2331 0.1911 0.4238 0.0322  -0.0978 0.0064  100 TYR A CD2 
719 C CE1 . TYR A 95  ? 0.2388 0.2099 0.4123 0.0404  -0.0788 0.0012  100 TYR A CE1 
720 C CE2 . TYR A 95  ? 0.2352 0.1912 0.4106 0.0375  -0.0971 -0.0034 100 TYR A CE2 
721 C CZ  . TYR A 95  ? 0.2380 0.2022 0.4096 0.0405  -0.0864 -0.0053 100 TYR A CZ  
722 O OH  . TYR A 95  ? 0.2701 0.2342 0.4374 0.0451  -0.0838 -0.0136 100 TYR A OH  
723 N N   . THR A 96  ? 0.2437 0.2220 0.5115 0.0258  -0.0667 0.0500  101 THR A N   
724 C CA  . THR A 96  ? 0.2536 0.2358 0.5633 0.0181  -0.0685 0.0613  101 THR A CA  
725 C C   . THR A 96  ? 0.2451 0.2276 0.5546 0.0189  -0.0625 0.0634  101 THR A C   
726 O O   . THR A 96  ? 0.2476 0.2296 0.5782 0.0113  -0.0751 0.0681  101 THR A O   
727 C CB  . THR A 96  ? 0.2801 0.2704 0.6239 0.0197  -0.0516 0.0747  101 THR A CB  
728 O OG1 . THR A 96  ? 0.2903 0.2817 0.6435 0.0177  -0.0569 0.0754  101 THR A OG1 
729 C CG2 . THR A 96  ? 0.2724 0.2706 0.6731 0.0106  -0.0510 0.0881  101 THR A CG2 
730 N N   . MET A 97  ? 0.2493 0.2308 0.5360 0.0286  -0.0454 0.0601  102 MET A N   
731 C CA  . MET A 97  ? 0.2568 0.2372 0.5461 0.0299  -0.0377 0.0606  102 MET A CA  
732 C C   . MET A 97  ? 0.2660 0.2426 0.5364 0.0268  -0.0517 0.0544  102 MET A C   
733 O O   . MET A 97  ? 0.2869 0.2645 0.5753 0.0226  -0.0540 0.0603  102 MET A O   
734 C CB  . MET A 97  ? 0.2746 0.2482 0.5381 0.0424  -0.0196 0.0545  102 MET A CB  
735 C CG  . MET A 97  ? 0.3076 0.2786 0.5852 0.0496  0.0001  0.0626  102 MET A CG  
736 S SD  . MET A 97  ? 0.4628 0.4139 0.6985 0.0680  0.0169  0.0513  102 MET A SD  
737 C CE  . MET A 97  ? 0.2183 0.1669 0.4056 0.0754  -0.0009 0.0386  102 MET A CE  
738 N N   . ILE A 98  ? 0.2576 0.2299 0.4952 0.0296  -0.0591 0.0445  103 ILE A N   
739 C CA  . ILE A 98  ? 0.2618 0.2283 0.4793 0.0297  -0.0679 0.0405  103 ILE A CA  
740 C C   . ILE A 98  ? 0.3057 0.2666 0.5324 0.0238  -0.0860 0.0475  103 ILE A C   
741 O O   . ILE A 98  ? 0.3363 0.2921 0.5584 0.0239  -0.0911 0.0530  103 ILE A O   
742 C CB  . ILE A 98  ? 0.2385 0.2029 0.4267 0.0346  -0.0689 0.0293  103 ILE A CB  
743 C CG1 . ILE A 98  ? 0.2114 0.1795 0.3912 0.0401  -0.0565 0.0229  103 ILE A CG1 
744 C CG2 . ILE A 98  ? 0.2504 0.2074 0.4195 0.0376  -0.0742 0.0281  103 ILE A CG2 
745 C CD1 . ILE A 98  ? 0.1940 0.1635 0.3583 0.0429  -0.0583 0.0141  103 ILE A CD1 
746 N N   . TYR A 99  ? 0.3203 0.2799 0.5604 0.0191  -0.0972 0.0484  104 TYR A N   
747 C CA  . TYR A 99  ? 0.3491 0.2983 0.5965 0.0132  -0.1205 0.0531  104 TYR A CA  
748 C C   . TYR A 99  ? 0.3697 0.3203 0.6458 0.0070  -0.1271 0.0668  104 TYR A C   
749 O O   . TYR A 99  ? 0.4059 0.3433 0.6689 0.0056  -0.1467 0.0719  104 TYR A O   
750 C CB  . TYR A 99  ? 0.3424 0.2910 0.6154 0.0068  -0.1307 0.0523  104 TYR A CB  
751 C CG  . TYR A 99  ? 0.3404 0.2821 0.5866 0.0114  -0.1342 0.0394  104 TYR A CG  
752 C CD1 . TYR A 99  ? 0.3490 0.2790 0.5524 0.0192  -0.1394 0.0307  104 TYR A CD1 
753 C CD2 . TYR A 99  ? 0.3259 0.2738 0.5938 0.0089  -0.1303 0.0379  104 TYR A CD2 
754 C CE1 . TYR A 99  ? 0.3460 0.2714 0.5328 0.0239  -0.1410 0.0190  104 TYR A CE1 
755 C CE2 . TYR A 99  ? 0.3321 0.2749 0.5831 0.0126  -0.1335 0.0267  104 TYR A CE2 
756 C CZ  . TYR A 99  ? 0.3514 0.2833 0.5635 0.0199  -0.1390 0.0162  104 TYR A CZ  
757 O OH  . TYR A 99  ? 0.3718 0.3003 0.5742 0.0241  -0.1408 0.0050  104 TYR A OH  
758 N N   . ARG A 100 ? 0.3558 0.3212 0.6702 0.0044  -0.1104 0.0739  105 ARG A N   
759 C CA  . ARG A 100 ? 0.3652 0.3368 0.7214 -0.0022 -0.1133 0.0881  105 ARG A CA  
760 C C   . ARG A 100 ? 0.3620 0.3278 0.6947 0.0018  -0.1146 0.0910  105 ARG A C   
761 O O   . ARG A 100 ? 0.3793 0.3439 0.7352 -0.0039 -0.1277 0.1042  105 ARG A O   
762 C CB  . ARG A 100 ? 0.3675 0.3560 0.7672 -0.0023 -0.0878 0.0936  105 ARG A CB  
763 C CG  . ARG A 100 ? 0.3937 0.3888 0.8223 -0.0051 -0.0831 0.0963  105 ARG A CG  
764 C CD  . ARG A 100 ? 0.4327 0.4386 0.8881 0.0003  -0.0515 0.1016  105 ARG A CD  
765 N NE  . ARG A 100 ? 0.4783 0.4925 0.9764 -0.0035 -0.0454 0.1110  105 ARG A NE  
766 C CZ  . ARG A 100 ? 0.5056 0.5199 0.9954 0.0054  -0.0212 0.1114  105 ARG A CZ  
767 N NH1 . ARG A 100 ? 0.5181 0.5219 0.9552 0.0183  -0.0053 0.1011  105 ARG A NH1 
768 N NH2 . ARG A 100 ? 0.5130 0.5362 1.0487 0.0015  -0.0144 0.1233  105 ARG A NH2 
769 N N   . ASN A 101 ? 0.3509 0.3128 0.6419 0.0110  -0.1019 0.0805  106 ASN A N   
770 C CA  . ASN A 101 ? 0.3603 0.3176 0.6353 0.0154  -0.0978 0.0845  106 ASN A CA  
771 C C   . ASN A 101 ? 0.3442 0.2840 0.5682 0.0223  -0.1099 0.0843  106 ASN A C   
772 O O   . ASN A 101 ? 0.2974 0.2321 0.5013 0.0288  -0.1005 0.0843  106 ASN A O   
773 C CB  . ASN A 101 ? 0.3697 0.3336 0.6431 0.0205  -0.0739 0.0751  106 ASN A CB  
774 C CG  . ASN A 101 ? 0.3852 0.3608 0.6998 0.0174  -0.0584 0.0764  106 ASN A CG  
775 O OD1 . ASN A 101 ? 0.3921 0.3740 0.7425 0.0144  -0.0512 0.0848  106 ASN A OD1 
776 N ND2 . ASN A 101 ? 0.3865 0.3641 0.6968 0.0195  -0.0514 0.0694  106 ASN A ND2 
777 N N   . LEU A 102 ? 0.3802 0.3087 0.5885 0.0204  -0.1316 0.0856  107 LEU A N   
778 C CA  . LEU A 102 ? 0.4093 0.3158 0.5728 0.0254  -0.1495 0.0883  107 LEU A CA  
779 C C   . LEU A 102 ? 0.4399 0.3285 0.5930 0.0188  -0.1833 0.0928  107 LEU A C   
780 O O   . LEU A 102 ? 0.4079 0.3029 0.5944 0.0110  -0.1905 0.0898  107 LEU A O   
781 C CB  . LEU A 102 ? 0.4061 0.3102 0.5444 0.0333  -0.1391 0.0729  107 LEU A CB  
782 C CG  . LEU A 102 ? 0.3763 0.2928 0.5279 0.0316  -0.1321 0.0574  107 LEU A CG  
783 C CD1 . LEU A 102 ? 0.3910 0.2947 0.5413 0.0263  -0.1576 0.0544  107 LEU A CD1 
784 C CD2 . LEU A 102 ? 0.3548 0.2734 0.4906 0.0393  -0.1178 0.0449  107 LEU A CD2 
785 N N   . VAL A 103 ? 0.5217 0.3831 0.6239 0.0215  -0.2052 0.1005  108 VAL A N   
786 C CA  . VAL A 103 ? 0.6054 0.4397 0.6790 0.0155  -0.2430 0.1000  108 VAL A CA  
787 C C   . VAL A 103 ? 0.6527 0.4651 0.6787 0.0219  -0.2508 0.0812  108 VAL A C   
788 O O   . VAL A 103 ? 0.6585 0.4627 0.6469 0.0317  -0.2363 0.0778  108 VAL A O   
789 C CB  . VAL A 103 ? 0.7889 0.6002 0.8208 0.0123  -0.2682 0.1209  108 VAL A CB  
790 C CG1 . VAL A 103 ? 0.7634 0.5961 0.8318 0.0129  -0.2475 0.1398  108 VAL A CG1 
791 C CG2 . VAL A 103 ? 0.8562 0.6311 0.7920 0.0188  -0.2786 0.1207  108 VAL A CG2 
792 N N   . VAL A 104 ? 0.6861 0.4860 0.7197 0.0168  -0.2729 0.0685  109 VAL A N   
793 C CA  . VAL A 104 ? 0.7130 0.4878 0.7044 0.0237  -0.2840 0.0476  109 VAL A CA  
794 C C   . VAL A 104 ? 0.8606 0.5877 0.7604 0.0236  -0.3180 0.0463  109 VAL A C   
795 O O   . VAL A 104 ? 0.8836 0.5916 0.7782 0.0148  -0.3492 0.0484  109 VAL A O   
796 C CB  . VAL A 104 ? 0.6503 0.4306 0.6928 0.0190  -0.2898 0.0338  109 VAL A CB  
797 C CG1 . VAL A 104 ? 0.6601 0.4161 0.6667 0.0287  -0.2994 0.0105  109 VAL A CG1 
798 C CG2 . VAL A 104 ? 0.5459 0.3721 0.6578 0.0157  -0.2528 0.0372  109 VAL A CG2 
799 N N   . VAL A 105 ? 0.9957 0.7004 0.8158 0.0326  -0.3088 0.0423  110 VAL A N   
# 
loop_
_pdbx_poly_seq_scheme.asym_id 
_pdbx_poly_seq_scheme.entity_id 
_pdbx_poly_seq_scheme.seq_id 
_pdbx_poly_seq_scheme.mon_id 
_pdbx_poly_seq_scheme.ndb_seq_num 
_pdbx_poly_seq_scheme.pdb_seq_num 
_pdbx_poly_seq_scheme.auth_seq_num 
_pdbx_poly_seq_scheme.pdb_mon_id 
_pdbx_poly_seq_scheme.auth_mon_id 
_pdbx_poly_seq_scheme.pdb_strand_id 
_pdbx_poly_seq_scheme.pdb_ins_code 
_pdbx_poly_seq_scheme.hetero 
A 1 1   MET 1   6   ?   ?   ?   A . n 
A 1 2   SER 2   7   ?   ?   ?   A . n 
A 1 3   VAL 3   8   ?   ?   ?   A . n 
A 1 4   PRO 4   9   ?   ?   ?   A . n 
A 1 5   THR 5   10  ?   ?   ?   A . n 
A 1 6   ASP 6   11  ?   ?   ?   A . n 
A 1 7   GLY 7   12  12  GLY GLY A . n 
A 1 8   ALA 8   13  13  ALA ALA A . n 
A 1 9   VAL 9   14  14  VAL VAL A . n 
A 1 10  THR 10  15  15  THR THR A . n 
A 1 11  THR 11  16  16  THR THR A . n 
A 1 12  SER 12  17  17  SER SER A . n 
A 1 13  GLN 13  18  18  GLN GLN A . n 
A 1 14  ILE 14  19  19  ILE ILE A . n 
A 1 15  PRO 15  20  20  PRO PRO A . n 
A 1 16  ALA 16  21  21  ALA ALA A . n 
A 1 17  SER 17  22  22  SER SER A . n 
A 1 18  GLU 18  23  23  GLU GLU A . n 
A 1 19  GLN 19  24  24  GLN GLN A . n 
A 1 20  GLU 20  25  25  GLU GLU A . n 
A 1 21  THR 21  26  26  THR THR A . n 
A 1 22  LEU 22  27  27  LEU LEU A . n 
A 1 23  VAL 23  28  28  VAL VAL A . n 
A 1 24  ARG 24  29  29  ARG ARG A . n 
A 1 25  PRO 25  30  30  PRO PRO A . n 
A 1 26  LYS 26  31  31  LYS LYS A . n 
A 1 27  PRO 27  32  32  PRO PRO A . n 
A 1 28  LEU 28  33  33  LEU LEU A . n 
A 1 29  LEU 29  34  34  LEU LEU A . n 
A 1 30  LEU 30  35  35  LEU LEU A . n 
A 1 31  LYS 31  36  36  LYS LYS A . n 
A 1 32  LEU 32  37  37  LEU LEU A . n 
A 1 33  LEU 33  38  38  LEU LEU A . n 
A 1 34  LYS 34  39  39  LYS LYS A . n 
A 1 35  SER 35  40  40  SER SER A . n 
A 1 36  VAL 36  41  41  VAL VAL A . n 
A 1 37  GLY 37  42  42  GLY GLY A . n 
A 1 38  ALA 38  43  43  ALA ALA A . n 
A 1 39  GLN 39  44  44  GLN GLN A . n 
A 1 40  LYS 40  45  45  LYS LYS A . n 
A 1 41  ASP 41  46  46  ASP ASP A . n 
A 1 42  THR 42  47  47  THR THR A . n 
A 1 43  TYR 43  48  48  TYR TYR A . n 
A 1 44  THR 44  49  49  THR THR A . n 
A 1 45  MET 45  50  50  MET MET A . n 
A 1 46  LYS 46  51  51  LYS LYS A . n 
A 1 47  GLU 47  52  52  GLU GLU A . n 
A 1 48  VAL 48  53  53  VAL VAL A . n 
A 1 49  LEU 49  54  54  LEU LEU A . n 
A 1 50  PHE 50  55  55  PHE PHE A . n 
A 1 51  TYR 51  56  56  TYR TYR A . n 
A 1 52  LEU 52  57  57  LEU LEU A . n 
A 1 53  GLY 53  58  58  GLY GLY A . n 
A 1 54  GLN 54  59  59  GLN GLN A . n 
A 1 55  TYR 55  60  60  TYR TYR A . n 
A 1 56  ILE 56  61  61  ILE ILE A . n 
A 1 57  MET 57  62  62  MET MET A . n 
A 1 58  THR 58  63  63  THR THR A . n 
A 1 59  LYS 59  64  64  LYS LYS A . n 
A 1 60  ARG 60  65  65  ARG ARG A . n 
A 1 61  LEU 61  66  66  LEU LEU A . n 
A 1 62  TYR 62  67  67  TYR TYR A . n 
A 1 63  ASP 63  68  68  ASP ASP A . n 
A 1 64  GLU 64  69  69  GLU GLU A . n 
A 1 65  LYS 65  70  70  LYS LYS A . n 
A 1 66  GLN 66  71  71  GLN GLN A . n 
A 1 67  GLN 67  72  72  GLN GLN A . n 
A 1 68  HIS 68  73  73  HIS HIS A . n 
A 1 69  ILE 69  74  74  ILE ILE A . n 
A 1 70  VAL 70  75  75  VAL VAL A . n 
A 1 71  TYR 71  76  76  TYR TYR A . n 
A 1 72  CYS 72  77  77  CYS CYS A . n 
A 1 73  SER 73  78  78  SER SER A . n 
A 1 74  ASN 74  79  79  ASN ASN A . n 
A 1 75  ASP 75  80  80  ASP ASP A . n 
A 1 76  LEU 76  81  81  LEU LEU A . n 
A 1 77  LEU 77  82  82  LEU LEU A . n 
A 1 78  GLY 78  83  83  GLY GLY A . n 
A 1 79  ASP 79  84  84  ASP ASP A . n 
A 1 80  LEU 80  85  85  LEU LEU A . n 
A 1 81  PHE 81  86  86  PHE PHE A . n 
A 1 82  GLY 82  87  87  GLY GLY A . n 
A 1 83  VAL 83  88  88  VAL VAL A . n 
A 1 84  PRO 84  89  89  PRO PRO A . n 
A 1 85  SER 85  90  90  SER SER A . n 
A 1 86  PHE 86  91  91  PHE PHE A . n 
A 1 87  SER 87  92  92  SER SER A . n 
A 1 88  VAL 88  93  93  VAL VAL A . n 
A 1 89  LYS 89  94  94  LYS LYS A . n 
A 1 90  GLU 90  95  95  GLU GLU A . n 
A 1 91  HIS 91  96  96  HIS HIS A . n 
A 1 92  ARG 92  97  97  ARG ARG A . n 
A 1 93  LYS 93  98  98  LYS LYS A . n 
A 1 94  ILE 94  99  99  ILE ILE A . n 
A 1 95  TYR 95  100 100 TYR TYR A . n 
A 1 96  THR 96  101 101 THR THR A . n 
A 1 97  MET 97  102 102 MET MET A . n 
A 1 98  ILE 98  103 103 ILE ILE A . n 
A 1 99  TYR 99  104 104 TYR TYR A . n 
A 1 100 ARG 100 105 105 ARG ARG A . n 
A 1 101 ASN 101 106 106 ASN ASN A . n 
A 1 102 LEU 102 107 107 LEU LEU A . n 
A 1 103 VAL 103 108 108 VAL VAL A . n 
A 1 104 VAL 104 109 109 VAL VAL A . n 
A 1 105 VAL 105 110 110 VAL VAL A . n 
# 
loop_
_pdbx_nonpoly_scheme.asym_id 
_pdbx_nonpoly_scheme.entity_id 
_pdbx_nonpoly_scheme.mon_id 
_pdbx_nonpoly_scheme.ndb_seq_num 
_pdbx_nonpoly_scheme.pdb_seq_num 
_pdbx_nonpoly_scheme.auth_seq_num 
_pdbx_nonpoly_scheme.pdb_mon_id 
_pdbx_nonpoly_scheme.auth_mon_id 
_pdbx_nonpoly_scheme.pdb_strand_id 
_pdbx_nonpoly_scheme.pdb_ins_code 
B 2 2U1 1 201 1 2U1 UNL A . 
C 3 HOH 1 301 1 HOH HOH A . 
C 3 HOH 2 302 2 HOH HOH A . 
C 3 HOH 3 303 3 HOH HOH A . 
C 3 HOH 4 304 4 HOH HOH A . 
# 
_pdbx_struct_assembly.id                   1 
_pdbx_struct_assembly.details              author_and_software_defined_assembly 
_pdbx_struct_assembly.method_details       PISA 
_pdbx_struct_assembly.oligomeric_details   monomeric 
_pdbx_struct_assembly.oligomeric_count     1 
# 
_pdbx_struct_assembly_gen.assembly_id       1 
_pdbx_struct_assembly_gen.oper_expression   1 
_pdbx_struct_assembly_gen.asym_id_list      A,B,C 
# 
_pdbx_struct_oper_list.id                   1 
_pdbx_struct_oper_list.type                 'identity operation' 
_pdbx_struct_oper_list.name                 1_555 
_pdbx_struct_oper_list.symmetry_operation   x,y,z 
_pdbx_struct_oper_list.matrix[1][1]         1.0000000000 
_pdbx_struct_oper_list.matrix[1][2]         0.0000000000 
_pdbx_struct_oper_list.matrix[1][3]         0.0000000000 
_pdbx_struct_oper_list.vector[1]            0.0000000000 
_pdbx_struct_oper_list.matrix[2][1]         0.0000000000 
_pdbx_struct_oper_list.matrix[2][2]         1.0000000000 
_pdbx_struct_oper_list.matrix[2][3]         0.0000000000 
_pdbx_struct_oper_list.vector[2]            0.0000000000 
_pdbx_struct_oper_list.matrix[3][1]         0.0000000000 
_pdbx_struct_oper_list.matrix[3][2]         0.0000000000 
_pdbx_struct_oper_list.matrix[3][3]         1.0000000000 
_pdbx_struct_oper_list.vector[3]            0.0000000000 
# 
loop_
_pdbx_audit_revision_history.ordinal 
_pdbx_audit_revision_history.data_content_type 
_pdbx_audit_revision_history.major_revision 
_pdbx_audit_revision_history.minor_revision 
_pdbx_audit_revision_history.revision_date 
1 'Structure model' 1 0 2014-04-02 
2 'Structure model' 1 1 2014-06-18 
3 'Structure model' 1 2 2017-11-22 
4 'Structure model' 1 3 2023-09-20 
# 
_pdbx_audit_revision_details.ordinal             1 
_pdbx_audit_revision_details.revision_ordinal    1 
_pdbx_audit_revision_details.data_content_type   'Structure model' 
_pdbx_audit_revision_details.provider            repository 
_pdbx_audit_revision_details.type                'Initial release' 
_pdbx_audit_revision_details.description         ? 
_pdbx_audit_revision_details.details             ? 
# 
loop_
_pdbx_audit_revision_group.ordinal 
_pdbx_audit_revision_group.revision_ordinal 
_pdbx_audit_revision_group.data_content_type 
_pdbx_audit_revision_group.group 
1 2 'Structure model' 'Database references'    
2 3 'Structure model' 'Refinement description' 
3 4 'Structure model' 'Data collection'        
4 4 'Structure model' 'Database references'    
5 4 'Structure model' 'Derived calculations'   
6 4 'Structure model' 'Refinement description' 
# 
loop_
_pdbx_audit_revision_category.ordinal 
_pdbx_audit_revision_category.revision_ordinal 
_pdbx_audit_revision_category.data_content_type 
_pdbx_audit_revision_category.category 
1 3 'Structure model' software                      
2 4 'Structure model' chem_comp_atom                
3 4 'Structure model' chem_comp_bond                
4 4 'Structure model' database_2                    
5 4 'Structure model' pdbx_initial_refinement_model 
6 4 'Structure model' struct_site                   
# 
loop_
_pdbx_audit_revision_item.ordinal 
_pdbx_audit_revision_item.revision_ordinal 
_pdbx_audit_revision_item.data_content_type 
_pdbx_audit_revision_item.item 
1 4 'Structure model' '_database_2.pdbx_DOI'                
2 4 'Structure model' '_database_2.pdbx_database_accession' 
3 4 'Structure model' '_struct_site.pdbx_auth_asym_id'      
4 4 'Structure model' '_struct_site.pdbx_auth_comp_id'      
5 4 'Structure model' '_struct_site.pdbx_auth_seq_id'       
# 
_pdbx_refine_tls.pdbx_refine_id   'X-RAY DIFFRACTION' 
_pdbx_refine_tls.id               1 
_pdbx_refine_tls.details          ? 
_pdbx_refine_tls.method           refined 
_pdbx_refine_tls.origin_x         0.0624 
_pdbx_refine_tls.origin_y         -0.2084 
_pdbx_refine_tls.origin_z         0.3499 
_pdbx_refine_tls.T[1][1]          0.1209 
_pdbx_refine_tls.T[2][2]          0.0705 
_pdbx_refine_tls.T[3][3]          0.3825 
_pdbx_refine_tls.T[1][2]          0.0939 
_pdbx_refine_tls.T[1][3]          -0.0764 
_pdbx_refine_tls.T[2][3]          0.0020 
_pdbx_refine_tls.L[1][1]          5.0380 
_pdbx_refine_tls.L[2][2]          8.0958 
_pdbx_refine_tls.L[3][3]          0.4339 
_pdbx_refine_tls.L[1][2]          -0.1339 
_pdbx_refine_tls.L[1][3]          -0.3604 
_pdbx_refine_tls.L[2][3]          -1.1314 
_pdbx_refine_tls.S[1][1]          0.0031 
_pdbx_refine_tls.S[2][2]          -0.0665 
_pdbx_refine_tls.S[3][3]          -0.4184 
_pdbx_refine_tls.S[1][2]          0.0517 
_pdbx_refine_tls.S[1][3]          0.3449 
_pdbx_refine_tls.S[2][3]          -0.0752 
_pdbx_refine_tls.S[2][1]          0.2237 
_pdbx_refine_tls.S[3][1]          -0.0230 
_pdbx_refine_tls.S[3][2]          -0.0277 
# 
_pdbx_refine_tls_group.pdbx_refine_id      'X-RAY DIFFRACTION' 
_pdbx_refine_tls_group.id                  1 
_pdbx_refine_tls_group.refine_tls_id       1 
_pdbx_refine_tls_group.beg_auth_asym_id    A 
_pdbx_refine_tls_group.beg_auth_seq_id     0 
_pdbx_refine_tls_group.end_auth_asym_id    A 
_pdbx_refine_tls_group.end_auth_seq_id     0 
_pdbx_refine_tls_group.selection_details   
;chain 'A' and (resid 12 through 110 )
;
_pdbx_refine_tls_group.beg_label_asym_id   ? 
_pdbx_refine_tls_group.beg_label_seq_id    ? 
_pdbx_refine_tls_group.end_label_asym_id   ? 
_pdbx_refine_tls_group.end_label_seq_id    ? 
_pdbx_refine_tls_group.selection           ? 
# 
loop_
_software.pdbx_ordinal 
_software.name 
_software.version 
_software.date 
_software.type 
_software.contact_author 
_software.contact_author_email 
_software.classification 
_software.location 
_software.language 
_software.citation_id 
1 DENZO       .        ?               package 'Zbyszek Otwinowski' hkl@hkl-xray.com         'data reduction'  
http://www.hkl-xray.com/                  ?   ? 
2 SCALEPACK   .        ?               package 'Zbyszek Otwinowski' hkl@hkl-xray.com         'data scaling'    
http://www.hkl-xray.com/                  ?   ? 
3 PHENIX      1.8_1069 ?               package 'Paul D. Adams'      PDAdams@lbl.gov          refinement        
http://www.phenix-online.org/             C++ ? 
4 PDB_EXTRACT 3.14     'Dec. 10, 2013' package PDB                  deposit@deposit.rcsb.org 'data extraction' 
http://sw-tools.pdb.org/apps/PDB_EXTRACT/ C++ ? 
5 HKL-2000    .        ?               ?       ?                    ?                        'data reduction'  ? ?   ? 
6 HKL-2000    .        ?               ?       ?                    ?                        'data scaling'    ? ?   ? 
7 PHASER      .        ?               ?       ?                    ?                        phasing           ? ?   ? 
# 
loop_
_pdbx_validate_torsion.id 
_pdbx_validate_torsion.PDB_model_num 
_pdbx_validate_torsion.auth_comp_id 
_pdbx_validate_torsion.auth_asym_id 
_pdbx_validate_torsion.auth_seq_id 
_pdbx_validate_torsion.PDB_ins_code 
_pdbx_validate_torsion.label_alt_id 
_pdbx_validate_torsion.phi 
_pdbx_validate_torsion.psi 
1 1 LYS A 64 ? ? -94.16  39.79 
2 1 TYR A 67 ? ? -148.29 58.56 
3 1 CYS A 77 ? ? -150.96 13.91 
# 
loop_
_pdbx_unobs_or_zero_occ_atoms.id 
_pdbx_unobs_or_zero_occ_atoms.PDB_model_num 
_pdbx_unobs_or_zero_occ_atoms.polymer_flag 
_pdbx_unobs_or_zero_occ_atoms.occupancy_flag 
_pdbx_unobs_or_zero_occ_atoms.auth_asym_id 
_pdbx_unobs_or_zero_occ_atoms.auth_comp_id 
_pdbx_unobs_or_zero_occ_atoms.auth_seq_id 
_pdbx_unobs_or_zero_occ_atoms.PDB_ins_code 
_pdbx_unobs_or_zero_occ_atoms.auth_atom_id 
_pdbx_unobs_or_zero_occ_atoms.label_alt_id 
_pdbx_unobs_or_zero_occ_atoms.label_asym_id 
_pdbx_unobs_or_zero_occ_atoms.label_comp_id 
_pdbx_unobs_or_zero_occ_atoms.label_seq_id 
_pdbx_unobs_or_zero_occ_atoms.label_atom_id 
1  1 Y 1 A LYS 36 ? CE  ? A LYS 31 CE  
2  1 Y 1 A LYS 36 ? NZ  ? A LYS 31 NZ  
3  1 Y 1 A GLN 44 ? CG  ? A GLN 39 CG  
4  1 Y 1 A GLN 44 ? CD  ? A GLN 39 CD  
5  1 Y 1 A GLN 44 ? OE1 ? A GLN 39 OE1 
6  1 Y 1 A GLN 44 ? NE2 ? A GLN 39 NE2 
7  1 Y 1 A TYR 76 ? CG  ? A TYR 71 CG  
8  1 Y 1 A TYR 76 ? CD1 ? A TYR 71 CD1 
9  1 Y 1 A TYR 76 ? CD2 ? A TYR 71 CD2 
10 1 Y 1 A TYR 76 ? CE1 ? A TYR 71 CE1 
11 1 Y 1 A TYR 76 ? CE2 ? A TYR 71 CE2 
12 1 Y 1 A TYR 76 ? CZ  ? A TYR 71 CZ  
13 1 Y 1 A TYR 76 ? OH  ? A TYR 71 OH  
# 
loop_
_pdbx_unobs_or_zero_occ_residues.id 
_pdbx_unobs_or_zero_occ_residues.PDB_model_num 
_pdbx_unobs_or_zero_occ_residues.polymer_flag 
_pdbx_unobs_or_zero_occ_residues.occupancy_flag 
_pdbx_unobs_or_zero_occ_residues.auth_asym_id 
_pdbx_unobs_or_zero_occ_residues.auth_comp_id 
_pdbx_unobs_or_zero_occ_residues.auth_seq_id 
_pdbx_unobs_or_zero_occ_residues.PDB_ins_code 
_pdbx_unobs_or_zero_occ_residues.label_asym_id 
_pdbx_unobs_or_zero_occ_residues.label_comp_id 
_pdbx_unobs_or_zero_occ_residues.label_seq_id 
1 1 Y 1 A MET 6  ? A MET 1 
2 1 Y 1 A SER 7  ? A SER 2 
3 1 Y 1 A VAL 8  ? A VAL 3 
4 1 Y 1 A PRO 9  ? A PRO 4 
5 1 Y 1 A THR 10 ? A THR 5 
6 1 Y 1 A ASP 11 ? A ASP 6 
# 
loop_
_chem_comp_atom.comp_id 
_chem_comp_atom.atom_id 
_chem_comp_atom.type_symbol 
_chem_comp_atom.pdbx_aromatic_flag 
_chem_comp_atom.pdbx_stereo_config 
_chem_comp_atom.pdbx_ordinal 
2U1 C11  C  Y N 1   
2U1 C10  C  Y N 2   
2U1 CL1  CL N N 3   
2U1 C9   C  Y N 4   
2U1 C8   C  Y N 5   
2U1 C7   C  Y N 6   
2U1 C6   C  Y N 7   
2U1 C2   C  N R 8   
2U1 O1   O  N N 9   
2U1 C3   C  N S 10  
2U1 C22  C  N N 11  
2U1 C24  C  Y N 12  
2U1 C25  C  Y N 13  
2U1 C26  C  Y N 14  
2U1 C27  C  Y N 15  
2U1 C29  C  N N 16  
2U1 O4   O  N N 17  
2U1 O3   O  N N 18  
2U1 C28  C  Y N 19  
2U1 N2   N  Y N 20  
2U1 C23  C  N N 21  
2U1 C4   C  N N 22  
2U1 O2   O  N N 23  
2U1 N1   N  N N 24  
2U1 C17  C  N S 25  
2U1 C18  C  N N 26  
2U1 C20  C  N N 27  
2U1 C21  C  N N 28  
2U1 C19  C  N N 29  
2U1 S1   S  N N 30  
2U1 O5   O  N N 31  
2U1 O6   O  N N 32  
2U1 C30  C  N N 33  
2U1 C32  C  N N 34  
2U1 C33  C  N N 35  
2U1 C31  C  N N 36  
2U1 C1   C  N R 37  
2U1 C5   C  Y N 38  
2U1 C12  C  Y N 39  
2U1 C13  C  Y N 40  
2U1 C14  C  Y N 41  
2U1 CL2  CL N N 42  
2U1 C15  C  Y N 43  
2U1 C16  C  Y N 44  
2U1 H1   H  N N 45  
2U1 H2   H  N N 46  
2U1 H3   H  N N 47  
2U1 H4   H  N N 48  
2U1 H5   H  N N 49  
2U1 H6   H  N N 50  
2U1 H7   H  N N 51  
2U1 H8   H  N N 52  
2U1 H9   H  N N 53  
2U1 H10  H  N N 54  
2U1 H11  H  N N 55  
2U1 H12  H  N N 56  
2U1 H13  H  N N 57  
2U1 H14  H  N N 58  
2U1 H15  H  N N 59  
2U1 H16  H  N N 60  
2U1 H17  H  N N 61  
2U1 H18  H  N N 62  
2U1 H19  H  N N 63  
2U1 H20  H  N N 64  
2U1 H21  H  N N 65  
2U1 H22  H  N N 66  
2U1 H23  H  N N 67  
2U1 H24  H  N N 68  
2U1 H25  H  N N 69  
2U1 H26  H  N N 70  
2U1 H27  H  N N 71  
2U1 H28  H  N N 72  
2U1 H29  H  N N 73  
2U1 H30  H  N N 74  
2U1 H31  H  N N 75  
2U1 H32  H  N N 76  
2U1 H33  H  N N 77  
2U1 H34  H  N N 78  
2U1 H35  H  N N 79  
2U1 H36  H  N N 80  
ALA N    N  N N 81  
ALA CA   C  N S 82  
ALA C    C  N N 83  
ALA O    O  N N 84  
ALA CB   C  N N 85  
ALA OXT  O  N N 86  
ALA H    H  N N 87  
ALA H2   H  N N 88  
ALA HA   H  N N 89  
ALA HB1  H  N N 90  
ALA HB2  H  N N 91  
ALA HB3  H  N N 92  
ALA HXT  H  N N 93  
ARG N    N  N N 94  
ARG CA   C  N S 95  
ARG C    C  N N 96  
ARG O    O  N N 97  
ARG CB   C  N N 98  
ARG CG   C  N N 99  
ARG CD   C  N N 100 
ARG NE   N  N N 101 
ARG CZ   C  N N 102 
ARG NH1  N  N N 103 
ARG NH2  N  N N 104 
ARG OXT  O  N N 105 
ARG H    H  N N 106 
ARG H2   H  N N 107 
ARG HA   H  N N 108 
ARG HB2  H  N N 109 
ARG HB3  H  N N 110 
ARG HG2  H  N N 111 
ARG HG3  H  N N 112 
ARG HD2  H  N N 113 
ARG HD3  H  N N 114 
ARG HE   H  N N 115 
ARG HH11 H  N N 116 
ARG HH12 H  N N 117 
ARG HH21 H  N N 118 
ARG HH22 H  N N 119 
ARG HXT  H  N N 120 
ASN N    N  N N 121 
ASN CA   C  N S 122 
ASN C    C  N N 123 
ASN O    O  N N 124 
ASN CB   C  N N 125 
ASN CG   C  N N 126 
ASN OD1  O  N N 127 
ASN ND2  N  N N 128 
ASN OXT  O  N N 129 
ASN H    H  N N 130 
ASN H2   H  N N 131 
ASN HA   H  N N 132 
ASN HB2  H  N N 133 
ASN HB3  H  N N 134 
ASN HD21 H  N N 135 
ASN HD22 H  N N 136 
ASN HXT  H  N N 137 
ASP N    N  N N 138 
ASP CA   C  N S 139 
ASP C    C  N N 140 
ASP O    O  N N 141 
ASP CB   C  N N 142 
ASP CG   C  N N 143 
ASP OD1  O  N N 144 
ASP OD2  O  N N 145 
ASP OXT  O  N N 146 
ASP H    H  N N 147 
ASP H2   H  N N 148 
ASP HA   H  N N 149 
ASP HB2  H  N N 150 
ASP HB3  H  N N 151 
ASP HD2  H  N N 152 
ASP HXT  H  N N 153 
CYS N    N  N N 154 
CYS CA   C  N R 155 
CYS C    C  N N 156 
CYS O    O  N N 157 
CYS CB   C  N N 158 
CYS SG   S  N N 159 
CYS OXT  O  N N 160 
CYS H    H  N N 161 
CYS H2   H  N N 162 
CYS HA   H  N N 163 
CYS HB2  H  N N 164 
CYS HB3  H  N N 165 
CYS HG   H  N N 166 
CYS HXT  H  N N 167 
GLN N    N  N N 168 
GLN CA   C  N S 169 
GLN C    C  N N 170 
GLN O    O  N N 171 
GLN CB   C  N N 172 
GLN CG   C  N N 173 
GLN CD   C  N N 174 
GLN OE1  O  N N 175 
GLN NE2  N  N N 176 
GLN OXT  O  N N 177 
GLN H    H  N N 178 
GLN H2   H  N N 179 
GLN HA   H  N N 180 
GLN HB2  H  N N 181 
GLN HB3  H  N N 182 
GLN HG2  H  N N 183 
GLN HG3  H  N N 184 
GLN HE21 H  N N 185 
GLN HE22 H  N N 186 
GLN HXT  H  N N 187 
GLU N    N  N N 188 
GLU CA   C  N S 189 
GLU C    C  N N 190 
GLU O    O  N N 191 
GLU CB   C  N N 192 
GLU CG   C  N N 193 
GLU CD   C  N N 194 
GLU OE1  O  N N 195 
GLU OE2  O  N N 196 
GLU OXT  O  N N 197 
GLU H    H  N N 198 
GLU H2   H  N N 199 
GLU HA   H  N N 200 
GLU HB2  H  N N 201 
GLU HB3  H  N N 202 
GLU HG2  H  N N 203 
GLU HG3  H  N N 204 
GLU HE2  H  N N 205 
GLU HXT  H  N N 206 
GLY N    N  N N 207 
GLY CA   C  N N 208 
GLY C    C  N N 209 
GLY O    O  N N 210 
GLY OXT  O  N N 211 
GLY H    H  N N 212 
GLY H2   H  N N 213 
GLY HA2  H  N N 214 
GLY HA3  H  N N 215 
GLY HXT  H  N N 216 
HIS N    N  N N 217 
HIS CA   C  N S 218 
HIS C    C  N N 219 
HIS O    O  N N 220 
HIS CB   C  N N 221 
HIS CG   C  Y N 222 
HIS ND1  N  Y N 223 
HIS CD2  C  Y N 224 
HIS CE1  C  Y N 225 
HIS NE2  N  Y N 226 
HIS OXT  O  N N 227 
HIS H    H  N N 228 
HIS H2   H  N N 229 
HIS HA   H  N N 230 
HIS HB2  H  N N 231 
HIS HB3  H  N N 232 
HIS HD1  H  N N 233 
HIS HD2  H  N N 234 
HIS HE1  H  N N 235 
HIS HE2  H  N N 236 
HIS HXT  H  N N 237 
HOH O    O  N N 238 
HOH H1   H  N N 239 
HOH H2   H  N N 240 
ILE N    N  N N 241 
ILE CA   C  N S 242 
ILE C    C  N N 243 
ILE O    O  N N 244 
ILE CB   C  N S 245 
ILE CG1  C  N N 246 
ILE CG2  C  N N 247 
ILE CD1  C  N N 248 
ILE OXT  O  N N 249 
ILE H    H  N N 250 
ILE H2   H  N N 251 
ILE HA   H  N N 252 
ILE HB   H  N N 253 
ILE HG12 H  N N 254 
ILE HG13 H  N N 255 
ILE HG21 H  N N 256 
ILE HG22 H  N N 257 
ILE HG23 H  N N 258 
ILE HD11 H  N N 259 
ILE HD12 H  N N 260 
ILE HD13 H  N N 261 
ILE HXT  H  N N 262 
LEU N    N  N N 263 
LEU CA   C  N S 264 
LEU C    C  N N 265 
LEU O    O  N N 266 
LEU CB   C  N N 267 
LEU CG   C  N N 268 
LEU CD1  C  N N 269 
LEU CD2  C  N N 270 
LEU OXT  O  N N 271 
LEU H    H  N N 272 
LEU H2   H  N N 273 
LEU HA   H  N N 274 
LEU HB2  H  N N 275 
LEU HB3  H  N N 276 
LEU HG   H  N N 277 
LEU HD11 H  N N 278 
LEU HD12 H  N N 279 
LEU HD13 H  N N 280 
LEU HD21 H  N N 281 
LEU HD22 H  N N 282 
LEU HD23 H  N N 283 
LEU HXT  H  N N 284 
LYS N    N  N N 285 
LYS CA   C  N S 286 
LYS C    C  N N 287 
LYS O    O  N N 288 
LYS CB   C  N N 289 
LYS CG   C  N N 290 
LYS CD   C  N N 291 
LYS CE   C  N N 292 
LYS NZ   N  N N 293 
LYS OXT  O  N N 294 
LYS H    H  N N 295 
LYS H2   H  N N 296 
LYS HA   H  N N 297 
LYS HB2  H  N N 298 
LYS HB3  H  N N 299 
LYS HG2  H  N N 300 
LYS HG3  H  N N 301 
LYS HD2  H  N N 302 
LYS HD3  H  N N 303 
LYS HE2  H  N N 304 
LYS HE3  H  N N 305 
LYS HZ1  H  N N 306 
LYS HZ2  H  N N 307 
LYS HZ3  H  N N 308 
LYS HXT  H  N N 309 
MET N    N  N N 310 
MET CA   C  N S 311 
MET C    C  N N 312 
MET O    O  N N 313 
MET CB   C  N N 314 
MET CG   C  N N 315 
MET SD   S  N N 316 
MET CE   C  N N 317 
MET OXT  O  N N 318 
MET H    H  N N 319 
MET H2   H  N N 320 
MET HA   H  N N 321 
MET HB2  H  N N 322 
MET HB3  H  N N 323 
MET HG2  H  N N 324 
MET HG3  H  N N 325 
MET HE1  H  N N 326 
MET HE2  H  N N 327 
MET HE3  H  N N 328 
MET HXT  H  N N 329 
PHE N    N  N N 330 
PHE CA   C  N S 331 
PHE C    C  N N 332 
PHE O    O  N N 333 
PHE CB   C  N N 334 
PHE CG   C  Y N 335 
PHE CD1  C  Y N 336 
PHE CD2  C  Y N 337 
PHE CE1  C  Y N 338 
PHE CE2  C  Y N 339 
PHE CZ   C  Y N 340 
PHE OXT  O  N N 341 
PHE H    H  N N 342 
PHE H2   H  N N 343 
PHE HA   H  N N 344 
PHE HB2  H  N N 345 
PHE HB3  H  N N 346 
PHE HD1  H  N N 347 
PHE HD2  H  N N 348 
PHE HE1  H  N N 349 
PHE HE2  H  N N 350 
PHE HZ   H  N N 351 
PHE HXT  H  N N 352 
PRO N    N  N N 353 
PRO CA   C  N S 354 
PRO C    C  N N 355 
PRO O    O  N N 356 
PRO CB   C  N N 357 
PRO CG   C  N N 358 
PRO CD   C  N N 359 
PRO OXT  O  N N 360 
PRO H    H  N N 361 
PRO HA   H  N N 362 
PRO HB2  H  N N 363 
PRO HB3  H  N N 364 
PRO HG2  H  N N 365 
PRO HG3  H  N N 366 
PRO HD2  H  N N 367 
PRO HD3  H  N N 368 
PRO HXT  H  N N 369 
SER N    N  N N 370 
SER CA   C  N S 371 
SER C    C  N N 372 
SER O    O  N N 373 
SER CB   C  N N 374 
SER OG   O  N N 375 
SER OXT  O  N N 376 
SER H    H  N N 377 
SER H2   H  N N 378 
SER HA   H  N N 379 
SER HB2  H  N N 380 
SER HB3  H  N N 381 
SER HG   H  N N 382 
SER HXT  H  N N 383 
THR N    N  N N 384 
THR CA   C  N S 385 
THR C    C  N N 386 
THR O    O  N N 387 
THR CB   C  N R 388 
THR OG1  O  N N 389 
THR CG2  C  N N 390 
THR OXT  O  N N 391 
THR H    H  N N 392 
THR H2   H  N N 393 
THR HA   H  N N 394 
THR HB   H  N N 395 
THR HG1  H  N N 396 
THR HG21 H  N N 397 
THR HG22 H  N N 398 
THR HG23 H  N N 399 
THR HXT  H  N N 400 
TYR N    N  N N 401 
TYR CA   C  N S 402 
TYR C    C  N N 403 
TYR O    O  N N 404 
TYR CB   C  N N 405 
TYR CG   C  Y N 406 
TYR CD1  C  Y N 407 
TYR CD2  C  Y N 408 
TYR CE1  C  Y N 409 
TYR CE2  C  Y N 410 
TYR CZ   C  Y N 411 
TYR OH   O  N N 412 
TYR OXT  O  N N 413 
TYR H    H  N N 414 
TYR H2   H  N N 415 
TYR HA   H  N N 416 
TYR HB2  H  N N 417 
TYR HB3  H  N N 418 
TYR HD1  H  N N 419 
TYR HD2  H  N N 420 
TYR HE1  H  N N 421 
TYR HE2  H  N N 422 
TYR HH   H  N N 423 
TYR HXT  H  N N 424 
VAL N    N  N N 425 
VAL CA   C  N S 426 
VAL C    C  N N 427 
VAL O    O  N N 428 
VAL CB   C  N N 429 
VAL CG1  C  N N 430 
VAL CG2  C  N N 431 
VAL OXT  O  N N 432 
VAL H    H  N N 433 
VAL H2   H  N N 434 
VAL HA   H  N N 435 
VAL HB   H  N N 436 
VAL HG11 H  N N 437 
VAL HG12 H  N N 438 
VAL HG13 H  N N 439 
VAL HG21 H  N N 440 
VAL HG22 H  N N 441 
VAL HG23 H  N N 442 
VAL HXT  H  N N 443 
# 
loop_
_chem_comp_bond.comp_id 
_chem_comp_bond.atom_id_1 
_chem_comp_bond.atom_id_2 
_chem_comp_bond.value_order 
_chem_comp_bond.pdbx_aromatic_flag 
_chem_comp_bond.pdbx_stereo_config 
_chem_comp_bond.pdbx_ordinal 
2U1 C20 C21  sing N N 1   
2U1 C20 C18  sing N N 2   
2U1 CL2 C14  sing N N 3   
2U1 C21 C18  sing N N 4   
2U1 C13 C14  doub Y N 5   
2U1 C13 C12  sing Y N 6   
2U1 C18 C17  sing N N 7   
2U1 C14 C15  sing Y N 8   
2U1 C12 C5   doub Y N 9   
2U1 C15 C16  doub Y N 10  
2U1 C17 C19  sing N N 11  
2U1 C17 N1   sing N N 12  
2U1 C5  C16  sing Y N 13  
2U1 C5  C1   sing N N 14  
2U1 C19 S1   sing N N 15  
2U1 N1  C4   sing N N 16  
2U1 N1  C1   sing N N 17  
2U1 O2  C4   doub N N 18  
2U1 C4  C3   sing N N 19  
2U1 C1  C2   sing N N 20  
2U1 C23 C3   sing N N 21  
2U1 C2  C6   sing N N 22  
2U1 C2  O1   sing N N 23  
2U1 O5  S1   doub N N 24  
2U1 C11 C6   doub Y N 25  
2U1 C11 C10  sing Y N 26  
2U1 C3  O1   sing N N 27  
2U1 C3  C22  sing N N 28  
2U1 CL1 C10  sing N N 29  
2U1 C31 C30  sing N N 30  
2U1 S1  C30  sing N N 31  
2U1 S1  O6   doub N N 32  
2U1 C6  C7   sing Y N 33  
2U1 C10 C9   doub Y N 34  
2U1 C30 C33  sing N N 35  
2U1 C30 C32  sing N N 36  
2U1 C22 C24  sing N N 37  
2U1 C7  C8   doub Y N 38  
2U1 C9  C8   sing Y N 39  
2U1 C24 N2   doub Y N 40  
2U1 C24 C25  sing Y N 41  
2U1 N2  C28  sing Y N 42  
2U1 C25 C26  doub Y N 43  
2U1 C28 C27  doub Y N 44  
2U1 C26 C27  sing Y N 45  
2U1 C27 C29  sing N N 46  
2U1 O4  C29  doub N N 47  
2U1 C29 O3   sing N N 48  
2U1 C11 H1   sing N N 49  
2U1 C9  H2   sing N N 50  
2U1 C8  H3   sing N N 51  
2U1 C7  H4   sing N N 52  
2U1 C2  H5   sing N N 53  
2U1 C22 H6   sing N N 54  
2U1 C22 H7   sing N N 55  
2U1 C25 H8   sing N N 56  
2U1 C26 H9   sing N N 57  
2U1 O3  H10  sing N N 58  
2U1 C28 H11  sing N N 59  
2U1 C23 H12  sing N N 60  
2U1 C23 H13  sing N N 61  
2U1 C23 H14  sing N N 62  
2U1 C17 H15  sing N N 63  
2U1 C18 H16  sing N N 64  
2U1 C20 H17  sing N N 65  
2U1 C20 H18  sing N N 66  
2U1 C21 H19  sing N N 67  
2U1 C21 H20  sing N N 68  
2U1 C19 H21  sing N N 69  
2U1 C19 H22  sing N N 70  
2U1 C32 H23  sing N N 71  
2U1 C32 H24  sing N N 72  
2U1 C32 H25  sing N N 73  
2U1 C33 H26  sing N N 74  
2U1 C33 H27  sing N N 75  
2U1 C33 H28  sing N N 76  
2U1 C31 H29  sing N N 77  
2U1 C31 H30  sing N N 78  
2U1 C31 H31  sing N N 79  
2U1 C1  H32  sing N N 80  
2U1 C12 H33  sing N N 81  
2U1 C13 H34  sing N N 82  
2U1 C15 H35  sing N N 83  
2U1 C16 H36  sing N N 84  
ALA N   CA   sing N N 85  
ALA N   H    sing N N 86  
ALA N   H2   sing N N 87  
ALA CA  C    sing N N 88  
ALA CA  CB   sing N N 89  
ALA CA  HA   sing N N 90  
ALA C   O    doub N N 91  
ALA C   OXT  sing N N 92  
ALA CB  HB1  sing N N 93  
ALA CB  HB2  sing N N 94  
ALA CB  HB3  sing N N 95  
ALA OXT HXT  sing N N 96  
ARG N   CA   sing N N 97  
ARG N   H    sing N N 98  
ARG N   H2   sing N N 99  
ARG CA  C    sing N N 100 
ARG CA  CB   sing N N 101 
ARG CA  HA   sing N N 102 
ARG C   O    doub N N 103 
ARG C   OXT  sing N N 104 
ARG CB  CG   sing N N 105 
ARG CB  HB2  sing N N 106 
ARG CB  HB3  sing N N 107 
ARG CG  CD   sing N N 108 
ARG CG  HG2  sing N N 109 
ARG CG  HG3  sing N N 110 
ARG CD  NE   sing N N 111 
ARG CD  HD2  sing N N 112 
ARG CD  HD3  sing N N 113 
ARG NE  CZ   sing N N 114 
ARG NE  HE   sing N N 115 
ARG CZ  NH1  sing N N 116 
ARG CZ  NH2  doub N N 117 
ARG NH1 HH11 sing N N 118 
ARG NH1 HH12 sing N N 119 
ARG NH2 HH21 sing N N 120 
ARG NH2 HH22 sing N N 121 
ARG OXT HXT  sing N N 122 
ASN N   CA   sing N N 123 
ASN N   H    sing N N 124 
ASN N   H2   sing N N 125 
ASN CA  C    sing N N 126 
ASN CA  CB   sing N N 127 
ASN CA  HA   sing N N 128 
ASN C   O    doub N N 129 
ASN C   OXT  sing N N 130 
ASN CB  CG   sing N N 131 
ASN CB  HB2  sing N N 132 
ASN CB  HB3  sing N N 133 
ASN CG  OD1  doub N N 134 
ASN CG  ND2  sing N N 135 
ASN ND2 HD21 sing N N 136 
ASN ND2 HD22 sing N N 137 
ASN OXT HXT  sing N N 138 
ASP N   CA   sing N N 139 
ASP N   H    sing N N 140 
ASP N   H2   sing N N 141 
ASP CA  C    sing N N 142 
ASP CA  CB   sing N N 143 
ASP CA  HA   sing N N 144 
ASP C   O    doub N N 145 
ASP C   OXT  sing N N 146 
ASP CB  CG   sing N N 147 
ASP CB  HB2  sing N N 148 
ASP CB  HB3  sing N N 149 
ASP CG  OD1  doub N N 150 
ASP CG  OD2  sing N N 151 
ASP OD2 HD2  sing N N 152 
ASP OXT HXT  sing N N 153 
CYS N   CA   sing N N 154 
CYS N   H    sing N N 155 
CYS N   H2   sing N N 156 
CYS CA  C    sing N N 157 
CYS CA  CB   sing N N 158 
CYS CA  HA   sing N N 159 
CYS C   O    doub N N 160 
CYS C   OXT  sing N N 161 
CYS CB  SG   sing N N 162 
CYS CB  HB2  sing N N 163 
CYS CB  HB3  sing N N 164 
CYS SG  HG   sing N N 165 
CYS OXT HXT  sing N N 166 
GLN N   CA   sing N N 167 
GLN N   H    sing N N 168 
GLN N   H2   sing N N 169 
GLN CA  C    sing N N 170 
GLN CA  CB   sing N N 171 
GLN CA  HA   sing N N 172 
GLN C   O    doub N N 173 
GLN C   OXT  sing N N 174 
GLN CB  CG   sing N N 175 
GLN CB  HB2  sing N N 176 
GLN CB  HB3  sing N N 177 
GLN CG  CD   sing N N 178 
GLN CG  HG2  sing N N 179 
GLN CG  HG3  sing N N 180 
GLN CD  OE1  doub N N 181 
GLN CD  NE2  sing N N 182 
GLN NE2 HE21 sing N N 183 
GLN NE2 HE22 sing N N 184 
GLN OXT HXT  sing N N 185 
GLU N   CA   sing N N 186 
GLU N   H    sing N N 187 
GLU N   H2   sing N N 188 
GLU CA  C    sing N N 189 
GLU CA  CB   sing N N 190 
GLU CA  HA   sing N N 191 
GLU C   O    doub N N 192 
GLU C   OXT  sing N N 193 
GLU CB  CG   sing N N 194 
GLU CB  HB2  sing N N 195 
GLU CB  HB3  sing N N 196 
GLU CG  CD   sing N N 197 
GLU CG  HG2  sing N N 198 
GLU CG  HG3  sing N N 199 
GLU CD  OE1  doub N N 200 
GLU CD  OE2  sing N N 201 
GLU OE2 HE2  sing N N 202 
GLU OXT HXT  sing N N 203 
GLY N   CA   sing N N 204 
GLY N   H    sing N N 205 
GLY N   H2   sing N N 206 
GLY CA  C    sing N N 207 
GLY CA  HA2  sing N N 208 
GLY CA  HA3  sing N N 209 
GLY C   O    doub N N 210 
GLY C   OXT  sing N N 211 
GLY OXT HXT  sing N N 212 
HIS N   CA   sing N N 213 
HIS N   H    sing N N 214 
HIS N   H2   sing N N 215 
HIS CA  C    sing N N 216 
HIS CA  CB   sing N N 217 
HIS CA  HA   sing N N 218 
HIS C   O    doub N N 219 
HIS C   OXT  sing N N 220 
HIS CB  CG   sing N N 221 
HIS CB  HB2  sing N N 222 
HIS CB  HB3  sing N N 223 
HIS CG  ND1  sing Y N 224 
HIS CG  CD2  doub Y N 225 
HIS ND1 CE1  doub Y N 226 
HIS ND1 HD1  sing N N 227 
HIS CD2 NE2  sing Y N 228 
HIS CD2 HD2  sing N N 229 
HIS CE1 NE2  sing Y N 230 
HIS CE1 HE1  sing N N 231 
HIS NE2 HE2  sing N N 232 
HIS OXT HXT  sing N N 233 
HOH O   H1   sing N N 234 
HOH O   H2   sing N N 235 
ILE N   CA   sing N N 236 
ILE N   H    sing N N 237 
ILE N   H2   sing N N 238 
ILE CA  C    sing N N 239 
ILE CA  CB   sing N N 240 
ILE CA  HA   sing N N 241 
ILE C   O    doub N N 242 
ILE C   OXT  sing N N 243 
ILE CB  CG1  sing N N 244 
ILE CB  CG2  sing N N 245 
ILE CB  HB   sing N N 246 
ILE CG1 CD1  sing N N 247 
ILE CG1 HG12 sing N N 248 
ILE CG1 HG13 sing N N 249 
ILE CG2 HG21 sing N N 250 
ILE CG2 HG22 sing N N 251 
ILE CG2 HG23 sing N N 252 
ILE CD1 HD11 sing N N 253 
ILE CD1 HD12 sing N N 254 
ILE CD1 HD13 sing N N 255 
ILE OXT HXT  sing N N 256 
LEU N   CA   sing N N 257 
LEU N   H    sing N N 258 
LEU N   H2   sing N N 259 
LEU CA  C    sing N N 260 
LEU CA  CB   sing N N 261 
LEU CA  HA   sing N N 262 
LEU C   O    doub N N 263 
LEU C   OXT  sing N N 264 
LEU CB  CG   sing N N 265 
LEU CB  HB2  sing N N 266 
LEU CB  HB3  sing N N 267 
LEU CG  CD1  sing N N 268 
LEU CG  CD2  sing N N 269 
LEU CG  HG   sing N N 270 
LEU CD1 HD11 sing N N 271 
LEU CD1 HD12 sing N N 272 
LEU CD1 HD13 sing N N 273 
LEU CD2 HD21 sing N N 274 
LEU CD2 HD22 sing N N 275 
LEU CD2 HD23 sing N N 276 
LEU OXT HXT  sing N N 277 
LYS N   CA   sing N N 278 
LYS N   H    sing N N 279 
LYS N   H2   sing N N 280 
LYS CA  C    sing N N 281 
LYS CA  CB   sing N N 282 
LYS CA  HA   sing N N 283 
LYS C   O    doub N N 284 
LYS C   OXT  sing N N 285 
LYS CB  CG   sing N N 286 
LYS CB  HB2  sing N N 287 
LYS CB  HB3  sing N N 288 
LYS CG  CD   sing N N 289 
LYS CG  HG2  sing N N 290 
LYS CG  HG3  sing N N 291 
LYS CD  CE   sing N N 292 
LYS CD  HD2  sing N N 293 
LYS CD  HD3  sing N N 294 
LYS CE  NZ   sing N N 295 
LYS CE  HE2  sing N N 296 
LYS CE  HE3  sing N N 297 
LYS NZ  HZ1  sing N N 298 
LYS NZ  HZ2  sing N N 299 
LYS NZ  HZ3  sing N N 300 
LYS OXT HXT  sing N N 301 
MET N   CA   sing N N 302 
MET N   H    sing N N 303 
MET N   H2   sing N N 304 
MET CA  C    sing N N 305 
MET CA  CB   sing N N 306 
MET CA  HA   sing N N 307 
MET C   O    doub N N 308 
MET C   OXT  sing N N 309 
MET CB  CG   sing N N 310 
MET CB  HB2  sing N N 311 
MET CB  HB3  sing N N 312 
MET CG  SD   sing N N 313 
MET CG  HG2  sing N N 314 
MET CG  HG3  sing N N 315 
MET SD  CE   sing N N 316 
MET CE  HE1  sing N N 317 
MET CE  HE2  sing N N 318 
MET CE  HE3  sing N N 319 
MET OXT HXT  sing N N 320 
PHE N   CA   sing N N 321 
PHE N   H    sing N N 322 
PHE N   H2   sing N N 323 
PHE CA  C    sing N N 324 
PHE CA  CB   sing N N 325 
PHE CA  HA   sing N N 326 
PHE C   O    doub N N 327 
PHE C   OXT  sing N N 328 
PHE CB  CG   sing N N 329 
PHE CB  HB2  sing N N 330 
PHE CB  HB3  sing N N 331 
PHE CG  CD1  doub Y N 332 
PHE CG  CD2  sing Y N 333 
PHE CD1 CE1  sing Y N 334 
PHE CD1 HD1  sing N N 335 
PHE CD2 CE2  doub Y N 336 
PHE CD2 HD2  sing N N 337 
PHE CE1 CZ   doub Y N 338 
PHE CE1 HE1  sing N N 339 
PHE CE2 CZ   sing Y N 340 
PHE CE2 HE2  sing N N 341 
PHE CZ  HZ   sing N N 342 
PHE OXT HXT  sing N N 343 
PRO N   CA   sing N N 344 
PRO N   CD   sing N N 345 
PRO N   H    sing N N 346 
PRO CA  C    sing N N 347 
PRO CA  CB   sing N N 348 
PRO CA  HA   sing N N 349 
PRO C   O    doub N N 350 
PRO C   OXT  sing N N 351 
PRO CB  CG   sing N N 352 
PRO CB  HB2  sing N N 353 
PRO CB  HB3  sing N N 354 
PRO CG  CD   sing N N 355 
PRO CG  HG2  sing N N 356 
PRO CG  HG3  sing N N 357 
PRO CD  HD2  sing N N 358 
PRO CD  HD3  sing N N 359 
PRO OXT HXT  sing N N 360 
SER N   CA   sing N N 361 
SER N   H    sing N N 362 
SER N   H2   sing N N 363 
SER CA  C    sing N N 364 
SER CA  CB   sing N N 365 
SER CA  HA   sing N N 366 
SER C   O    doub N N 367 
SER C   OXT  sing N N 368 
SER CB  OG   sing N N 369 
SER CB  HB2  sing N N 370 
SER CB  HB3  sing N N 371 
SER OG  HG   sing N N 372 
SER OXT HXT  sing N N 373 
THR N   CA   sing N N 374 
THR N   H    sing N N 375 
THR N   H2   sing N N 376 
THR CA  C    sing N N 377 
THR CA  CB   sing N N 378 
THR CA  HA   sing N N 379 
THR C   O    doub N N 380 
THR C   OXT  sing N N 381 
THR CB  OG1  sing N N 382 
THR CB  CG2  sing N N 383 
THR CB  HB   sing N N 384 
THR OG1 HG1  sing N N 385 
THR CG2 HG21 sing N N 386 
THR CG2 HG22 sing N N 387 
THR CG2 HG23 sing N N 388 
THR OXT HXT  sing N N 389 
TYR N   CA   sing N N 390 
TYR N   H    sing N N 391 
TYR N   H2   sing N N 392 
TYR CA  C    sing N N 393 
TYR CA  CB   sing N N 394 
TYR CA  HA   sing N N 395 
TYR C   O    doub N N 396 
TYR C   OXT  sing N N 397 
TYR CB  CG   sing N N 398 
TYR CB  HB2  sing N N 399 
TYR CB  HB3  sing N N 400 
TYR CG  CD1  doub Y N 401 
TYR CG  CD2  sing Y N 402 
TYR CD1 CE1  sing Y N 403 
TYR CD1 HD1  sing N N 404 
TYR CD2 CE2  doub Y N 405 
TYR CD2 HD2  sing N N 406 
TYR CE1 CZ   doub Y N 407 
TYR CE1 HE1  sing N N 408 
TYR CE2 CZ   sing Y N 409 
TYR CE2 HE2  sing N N 410 
TYR CZ  OH   sing N N 411 
TYR OH  HH   sing N N 412 
TYR OXT HXT  sing N N 413 
VAL N   CA   sing N N 414 
VAL N   H    sing N N 415 
VAL N   H2   sing N N 416 
VAL CA  C    sing N N 417 
VAL CA  CB   sing N N 418 
VAL CA  HA   sing N N 419 
VAL C   O    doub N N 420 
VAL C   OXT  sing N N 421 
VAL CB  CG1  sing N N 422 
VAL CB  CG2  sing N N 423 
VAL CB  HB   sing N N 424 
VAL CG1 HG11 sing N N 425 
VAL CG1 HG12 sing N N 426 
VAL CG1 HG13 sing N N 427 
VAL CG2 HG21 sing N N 428 
VAL CG2 HG22 sing N N 429 
VAL CG2 HG23 sing N N 430 
VAL OXT HXT  sing N N 431 
# 
loop_
_pdbx_entity_nonpoly.entity_id 
_pdbx_entity_nonpoly.name 
_pdbx_entity_nonpoly.comp_id 
2 
;6-{[(2S,5R,6R)-4-[(1S)-2-(tert-butylsulfonyl)-1-cyclopropylethyl]-6-(3-chlorophenyl)-5-(4-chlorophenyl)-2-methyl-3-oxomorpholin-2-yl]methyl}pyridine-3-carboxylic acid
;
2U1 
3 water HOH 
# 
_pdbx_initial_refinement_model.id               1 
_pdbx_initial_refinement_model.entity_id_list   ? 
_pdbx_initial_refinement_model.type             'experimental model' 
_pdbx_initial_refinement_model.source_name      PDB 
_pdbx_initial_refinement_model.accession_code   4ERF 
_pdbx_initial_refinement_model.details          'PDB Entry 4ERF' 
# 
